data_2Q7B
# 
_entry.id   2Q7B 
# 
_audit_conform.dict_name       mmcif_pdbx.dic 
_audit_conform.dict_version    5.399 
_audit_conform.dict_location   http://mmcif.pdb.org/dictionaries/ascii/mmcif_pdbx.dic 
# 
loop_
_database_2.database_id 
_database_2.database_code 
_database_2.pdbx_database_accession 
_database_2.pdbx_DOI 
PDB   2Q7B         pdb_00002q7b 10.2210/pdb2q7b/pdb 
RCSB  RCSB043239   ?            ?                   
WWPDB D_1000043239 ?            ?                   
# 
loop_
_pdbx_audit_revision_history.ordinal 
_pdbx_audit_revision_history.data_content_type 
_pdbx_audit_revision_history.major_revision 
_pdbx_audit_revision_history.minor_revision 
_pdbx_audit_revision_history.revision_date 
1 'Structure model' 1 0 2007-06-26 
2 'Structure model' 1 1 2008-05-01 
3 'Structure model' 1 2 2011-07-13 
4 'Structure model' 1 3 2017-10-18 
5 'Structure model' 1 4 2017-10-25 
6 'Structure model' 1 5 2019-07-24 
7 'Structure model' 1 6 2023-01-25 
8 'Structure model' 1 7 2024-11-20 
# 
_pdbx_audit_revision_details.ordinal             1 
_pdbx_audit_revision_details.revision_ordinal    1 
_pdbx_audit_revision_details.data_content_type   'Structure model' 
_pdbx_audit_revision_details.provider            repository 
_pdbx_audit_revision_details.type                'Initial release' 
_pdbx_audit_revision_details.description         ? 
_pdbx_audit_revision_details.details             ? 
# 
loop_
_pdbx_audit_revision_group.ordinal 
_pdbx_audit_revision_group.revision_ordinal 
_pdbx_audit_revision_group.data_content_type 
_pdbx_audit_revision_group.group 
1  2 'Structure model' 'Version format compliance'  
2  3 'Structure model' Advisory                     
3  3 'Structure model' 'Version format compliance'  
4  4 'Structure model' 'Refinement description'     
5  5 'Structure model' 'Author supporting evidence' 
6  6 'Structure model' 'Data collection'            
7  6 'Structure model' 'Derived calculations'       
8  6 'Structure model' 'Refinement description'     
9  7 'Structure model' 'Database references'        
10 7 'Structure model' 'Derived calculations'       
11 8 'Structure model' 'Data collection'            
12 8 'Structure model' 'Structure summary'          
# 
loop_
_pdbx_audit_revision_category.ordinal 
_pdbx_audit_revision_category.revision_ordinal 
_pdbx_audit_revision_category.data_content_type 
_pdbx_audit_revision_category.category 
1  4 'Structure model' software                           
2  5 'Structure model' pdbx_struct_assembly_auth_evidence 
3  6 'Structure model' software                           
4  6 'Structure model' struct_conn                        
5  7 'Structure model' database_2                         
6  7 'Structure model' struct_ref_seq_dif                 
7  7 'Structure model' struct_site                        
8  8 'Structure model' chem_comp_atom                     
9  8 'Structure model' chem_comp_bond                     
10 8 'Structure model' pdbx_entry_details                 
11 8 'Structure model' pdbx_modification_feature          
# 
loop_
_pdbx_audit_revision_item.ordinal 
_pdbx_audit_revision_item.revision_ordinal 
_pdbx_audit_revision_item.data_content_type 
_pdbx_audit_revision_item.item 
1  4 'Structure model' '_software.classification'            
2  4 'Structure model' '_software.name'                      
3  6 'Structure model' '_software.classification'            
4  6 'Structure model' '_software.contact_author'            
5  6 'Structure model' '_software.contact_author_email'      
6  6 'Structure model' '_software.language'                  
7  6 'Structure model' '_software.location'                  
8  6 'Structure model' '_software.name'                      
9  6 'Structure model' '_software.type'                      
10 6 'Structure model' '_software.version'                   
11 6 'Structure model' '_struct_conn.pdbx_leaving_atom_flag' 
12 7 'Structure model' '_database_2.pdbx_DOI'                
13 7 'Structure model' '_database_2.pdbx_database_accession' 
14 7 'Structure model' '_struct_ref_seq_dif.details'         
15 7 'Structure model' '_struct_site.pdbx_auth_asym_id'      
16 7 'Structure model' '_struct_site.pdbx_auth_comp_id'      
17 7 'Structure model' '_struct_site.pdbx_auth_seq_id'       
# 
_pdbx_database_status.SG_entry                        Y 
_pdbx_database_status.entry_id                        2Q7B 
_pdbx_database_status.deposit_site                    RCSB 
_pdbx_database_status.process_site                    RCSB 
_pdbx_database_status.recvd_initial_deposition_date   2007-06-06 
_pdbx_database_status.status_code                     REL 
_pdbx_database_status.status_code_sf                  REL 
_pdbx_database_status.status_code_mr                  ? 
_pdbx_database_status.pdb_format_compatible           Y 
_pdbx_database_status.status_code_cs                  ? 
_pdbx_database_status.methods_development_category    ? 
_pdbx_database_status.status_code_nmr_data            ? 
# 
_pdbx_database_related.db_name        TargetDB 
_pdbx_database_related.db_id          370427 
_pdbx_database_related.details        . 
_pdbx_database_related.content_type   unspecified 
# 
_audit_author.name           'Joint Center for Structural Genomics (JCSG)' 
_audit_author.pdbx_ordinal   1 
# 
_citation.id                        primary 
_citation.title                     
'Crystal structure of acetyltransferase (NP_689019.1) from Streptococcus agalactiae 2603 at 2.00 A resolution' 
_citation.journal_abbrev            'To be published' 
_citation.journal_volume            ? 
_citation.page_first                ? 
_citation.page_last                 ? 
_citation.year                      ? 
_citation.journal_id_ASTM           ? 
_citation.country                   ? 
_citation.journal_id_ISSN           ? 
_citation.journal_id_CSD            0353 
_citation.book_publisher            ? 
_citation.pdbx_database_id_PubMed   ? 
_citation.pdbx_database_id_DOI      ? 
# 
_citation_author.citation_id        primary 
_citation_author.name               'Joint Center for Structural Genomics (JCSG)' 
_citation_author.ordinal            1 
_citation_author.identifier_ORCID   ? 
# 
loop_
_entity.id 
_entity.type 
_entity.src_method 
_entity.pdbx_description 
_entity.formula_weight 
_entity.pdbx_number_of_molecules 
_entity.pdbx_ec 
_entity.pdbx_mutation 
_entity.pdbx_fragment 
_entity.details 
1 polymer     man 'Acetyltransferase, GNAT family' 22081.561 1  ? ? ? ? 
2 non-polymer syn 'CHLORIDE ION'                   35.453    1  ? ? ? ? 
3 non-polymer syn 'CITRATE ANION'                  189.100   1  ? ? ? ? 
4 water       nat water                            18.015    92 ? ? ? ? 
# 
_entity_poly.entity_id                      1 
_entity_poly.type                           'polypeptide(L)' 
_entity_poly.nstd_linkage                   no 
_entity_poly.nstd_monomer                   yes 
_entity_poly.pdbx_seq_one_letter_code       
;(MSE)GSDKIHHHHHHENLYFQG(MSE)EIKEYENNPYHLAQLVDLINYCQNIEAKLDIK(MSE)AEQDDIFQIENYYQN
RKGQFWIALENEKVVGSIALLRIDDKTAVLKKFFTYPKYRGNPVRLGRKLFERF(MSE)LFARASKFTRIVLDTPEKEKR
SHFFYENQGFKQITRDELDVDYIFPDRDSRIYVKLLD
;
_entity_poly.pdbx_seq_one_letter_code_can   
;MGSDKIHHHHHHENLYFQGMEIKEYENNPYHLAQLVDLINYCQNIEAKLDIKMAEQDDIFQIENYYQNRKGQFWIALENE
KVVGSIALLRIDDKTAVLKKFFTYPKYRGNPVRLGRKLFERFMLFARASKFTRIVLDTPEKEKRSHFFYENQGFKQITRD
ELDVDYIFPDRDSRIYVKLLD
;
_entity_poly.pdbx_strand_id                 A 
_entity_poly.pdbx_target_identifier         370427 
# 
loop_
_pdbx_entity_nonpoly.entity_id 
_pdbx_entity_nonpoly.name 
_pdbx_entity_nonpoly.comp_id 
2 'CHLORIDE ION'  CL  
3 'CITRATE ANION' FLC 
4 water           HOH 
# 
loop_
_entity_poly_seq.entity_id 
_entity_poly_seq.num 
_entity_poly_seq.mon_id 
_entity_poly_seq.hetero 
1 1   MSE n 
1 2   GLY n 
1 3   SER n 
1 4   ASP n 
1 5   LYS n 
1 6   ILE n 
1 7   HIS n 
1 8   HIS n 
1 9   HIS n 
1 10  HIS n 
1 11  HIS n 
1 12  HIS n 
1 13  GLU n 
1 14  ASN n 
1 15  LEU n 
1 16  TYR n 
1 17  PHE n 
1 18  GLN n 
1 19  GLY n 
1 20  MSE n 
1 21  GLU n 
1 22  ILE n 
1 23  LYS n 
1 24  GLU n 
1 25  TYR n 
1 26  GLU n 
1 27  ASN n 
1 28  ASN n 
1 29  PRO n 
1 30  TYR n 
1 31  HIS n 
1 32  LEU n 
1 33  ALA n 
1 34  GLN n 
1 35  LEU n 
1 36  VAL n 
1 37  ASP n 
1 38  LEU n 
1 39  ILE n 
1 40  ASN n 
1 41  TYR n 
1 42  CYS n 
1 43  GLN n 
1 44  ASN n 
1 45  ILE n 
1 46  GLU n 
1 47  ALA n 
1 48  LYS n 
1 49  LEU n 
1 50  ASP n 
1 51  ILE n 
1 52  LYS n 
1 53  MSE n 
1 54  ALA n 
1 55  GLU n 
1 56  GLN n 
1 57  ASP n 
1 58  ASP n 
1 59  ILE n 
1 60  PHE n 
1 61  GLN n 
1 62  ILE n 
1 63  GLU n 
1 64  ASN n 
1 65  TYR n 
1 66  TYR n 
1 67  GLN n 
1 68  ASN n 
1 69  ARG n 
1 70  LYS n 
1 71  GLY n 
1 72  GLN n 
1 73  PHE n 
1 74  TRP n 
1 75  ILE n 
1 76  ALA n 
1 77  LEU n 
1 78  GLU n 
1 79  ASN n 
1 80  GLU n 
1 81  LYS n 
1 82  VAL n 
1 83  VAL n 
1 84  GLY n 
1 85  SER n 
1 86  ILE n 
1 87  ALA n 
1 88  LEU n 
1 89  LEU n 
1 90  ARG n 
1 91  ILE n 
1 92  ASP n 
1 93  ASP n 
1 94  LYS n 
1 95  THR n 
1 96  ALA n 
1 97  VAL n 
1 98  LEU n 
1 99  LYS n 
1 100 LYS n 
1 101 PHE n 
1 102 PHE n 
1 103 THR n 
1 104 TYR n 
1 105 PRO n 
1 106 LYS n 
1 107 TYR n 
1 108 ARG n 
1 109 GLY n 
1 110 ASN n 
1 111 PRO n 
1 112 VAL n 
1 113 ARG n 
1 114 LEU n 
1 115 GLY n 
1 116 ARG n 
1 117 LYS n 
1 118 LEU n 
1 119 PHE n 
1 120 GLU n 
1 121 ARG n 
1 122 PHE n 
1 123 MSE n 
1 124 LEU n 
1 125 PHE n 
1 126 ALA n 
1 127 ARG n 
1 128 ALA n 
1 129 SER n 
1 130 LYS n 
1 131 PHE n 
1 132 THR n 
1 133 ARG n 
1 134 ILE n 
1 135 VAL n 
1 136 LEU n 
1 137 ASP n 
1 138 THR n 
1 139 PRO n 
1 140 GLU n 
1 141 LYS n 
1 142 GLU n 
1 143 LYS n 
1 144 ARG n 
1 145 SER n 
1 146 HIS n 
1 147 PHE n 
1 148 PHE n 
1 149 TYR n 
1 150 GLU n 
1 151 ASN n 
1 152 GLN n 
1 153 GLY n 
1 154 PHE n 
1 155 LYS n 
1 156 GLN n 
1 157 ILE n 
1 158 THR n 
1 159 ARG n 
1 160 ASP n 
1 161 GLU n 
1 162 LEU n 
1 163 ASP n 
1 164 VAL n 
1 165 ASP n 
1 166 TYR n 
1 167 ILE n 
1 168 PHE n 
1 169 PRO n 
1 170 ASP n 
1 171 ARG n 
1 172 ASP n 
1 173 SER n 
1 174 ARG n 
1 175 ILE n 
1 176 TYR n 
1 177 VAL n 
1 178 LYS n 
1 179 LEU n 
1 180 LEU n 
1 181 ASP n 
# 
_entity_src_gen.entity_id                          1 
_entity_src_gen.pdbx_src_id                        1 
_entity_src_gen.pdbx_alt_source_flag               sample 
_entity_src_gen.pdbx_seq_type                      ? 
_entity_src_gen.pdbx_beg_seq_num                   ? 
_entity_src_gen.pdbx_end_seq_num                   ? 
_entity_src_gen.gene_src_common_name               ? 
_entity_src_gen.gene_src_genus                     Streptococcus 
_entity_src_gen.pdbx_gene_src_gene                 'NP_689019.1, SAG2033' 
_entity_src_gen.gene_src_species                   'Streptococcus agalactiae' 
_entity_src_gen.gene_src_strain                    '2603 V/R, Serotype V' 
_entity_src_gen.gene_src_tissue                    ? 
_entity_src_gen.gene_src_tissue_fraction           ? 
_entity_src_gen.gene_src_details                   ? 
_entity_src_gen.pdbx_gene_src_fragment             ? 
_entity_src_gen.pdbx_gene_src_scientific_name      'Streptococcus agalactiae 2603V/R' 
_entity_src_gen.pdbx_gene_src_ncbi_taxonomy_id     208435 
_entity_src_gen.pdbx_gene_src_variant              ? 
_entity_src_gen.pdbx_gene_src_cell_line            ? 
_entity_src_gen.pdbx_gene_src_atcc                 BAA-611 
_entity_src_gen.pdbx_gene_src_organ                ? 
_entity_src_gen.pdbx_gene_src_organelle            ? 
_entity_src_gen.pdbx_gene_src_cell                 ? 
_entity_src_gen.pdbx_gene_src_cellular_location    ? 
_entity_src_gen.host_org_common_name               ? 
_entity_src_gen.pdbx_host_org_scientific_name      'Escherichia coli' 
_entity_src_gen.pdbx_host_org_ncbi_taxonomy_id     562 
_entity_src_gen.host_org_genus                     Escherichia 
_entity_src_gen.pdbx_host_org_gene                 ? 
_entity_src_gen.pdbx_host_org_organ                ? 
_entity_src_gen.host_org_species                   ? 
_entity_src_gen.pdbx_host_org_tissue               ? 
_entity_src_gen.pdbx_host_org_tissue_fraction      ? 
_entity_src_gen.pdbx_host_org_strain               HK100 
_entity_src_gen.pdbx_host_org_variant              ? 
_entity_src_gen.pdbx_host_org_cell_line            ? 
_entity_src_gen.pdbx_host_org_atcc                 ? 
_entity_src_gen.pdbx_host_org_culture_collection   ? 
_entity_src_gen.pdbx_host_org_cell                 ? 
_entity_src_gen.pdbx_host_org_organelle            ? 
_entity_src_gen.pdbx_host_org_cellular_location    ? 
_entity_src_gen.pdbx_host_org_vector_type          Plasmid 
_entity_src_gen.pdbx_host_org_vector               ? 
_entity_src_gen.host_org_details                   ? 
_entity_src_gen.expression_system_id               ? 
_entity_src_gen.plasmid_name                       speedET 
_entity_src_gen.plasmid_details                    ? 
_entity_src_gen.pdbx_description                   ? 
# 
loop_
_chem_comp.id 
_chem_comp.type 
_chem_comp.mon_nstd_flag 
_chem_comp.name 
_chem_comp.pdbx_synonyms 
_chem_comp.formula 
_chem_comp.formula_weight 
ALA 'L-peptide linking' y ALANINE          ? 'C3 H7 N O2'     89.093  
ARG 'L-peptide linking' y ARGININE         ? 'C6 H15 N4 O2 1' 175.209 
ASN 'L-peptide linking' y ASPARAGINE       ? 'C4 H8 N2 O3'    132.118 
ASP 'L-peptide linking' y 'ASPARTIC ACID'  ? 'C4 H7 N O4'     133.103 
CL  non-polymer         . 'CHLORIDE ION'   ? 'Cl -1'          35.453  
CYS 'L-peptide linking' y CYSTEINE         ? 'C3 H7 N O2 S'   121.158 
FLC non-polymer         . 'CITRATE ANION'  ? 'C6 H5 O7 -3'    189.100 
GLN 'L-peptide linking' y GLUTAMINE        ? 'C5 H10 N2 O3'   146.144 
GLU 'L-peptide linking' y 'GLUTAMIC ACID'  ? 'C5 H9 N O4'     147.129 
GLY 'peptide linking'   y GLYCINE          ? 'C2 H5 N O2'     75.067  
HIS 'L-peptide linking' y HISTIDINE        ? 'C6 H10 N3 O2 1' 156.162 
HOH non-polymer         . WATER            ? 'H2 O'           18.015  
ILE 'L-peptide linking' y ISOLEUCINE       ? 'C6 H13 N O2'    131.173 
LEU 'L-peptide linking' y LEUCINE          ? 'C6 H13 N O2'    131.173 
LYS 'L-peptide linking' y LYSINE           ? 'C6 H15 N2 O2 1' 147.195 
MET 'L-peptide linking' y METHIONINE       ? 'C5 H11 N O2 S'  149.211 
MSE 'L-peptide linking' n SELENOMETHIONINE ? 'C5 H11 N O2 Se' 196.106 
PHE 'L-peptide linking' y PHENYLALANINE    ? 'C9 H11 N O2'    165.189 
PRO 'L-peptide linking' y PROLINE          ? 'C5 H9 N O2'     115.130 
SER 'L-peptide linking' y SERINE           ? 'C3 H7 N O3'     105.093 
THR 'L-peptide linking' y THREONINE        ? 'C4 H9 N O3'     119.119 
TRP 'L-peptide linking' y TRYPTOPHAN       ? 'C11 H12 N2 O2'  204.225 
TYR 'L-peptide linking' y TYROSINE         ? 'C9 H11 N O3'    181.189 
VAL 'L-peptide linking' y VALINE           ? 'C5 H11 N O2'    117.146 
# 
loop_
_pdbx_poly_seq_scheme.asym_id 
_pdbx_poly_seq_scheme.entity_id 
_pdbx_poly_seq_scheme.seq_id 
_pdbx_poly_seq_scheme.mon_id 
_pdbx_poly_seq_scheme.ndb_seq_num 
_pdbx_poly_seq_scheme.pdb_seq_num 
_pdbx_poly_seq_scheme.auth_seq_num 
_pdbx_poly_seq_scheme.pdb_mon_id 
_pdbx_poly_seq_scheme.auth_mon_id 
_pdbx_poly_seq_scheme.pdb_strand_id 
_pdbx_poly_seq_scheme.pdb_ins_code 
_pdbx_poly_seq_scheme.hetero 
A 1 1   MSE 1   -18 ?   ?   ?   A . n 
A 1 2   GLY 2   -17 ?   ?   ?   A . n 
A 1 3   SER 3   -16 ?   ?   ?   A . n 
A 1 4   ASP 4   -15 ?   ?   ?   A . n 
A 1 5   LYS 5   -14 ?   ?   ?   A . n 
A 1 6   ILE 6   -13 ?   ?   ?   A . n 
A 1 7   HIS 7   -12 ?   ?   ?   A . n 
A 1 8   HIS 8   -11 ?   ?   ?   A . n 
A 1 9   HIS 9   -10 ?   ?   ?   A . n 
A 1 10  HIS 10  -9  ?   ?   ?   A . n 
A 1 11  HIS 11  -8  ?   ?   ?   A . n 
A 1 12  HIS 12  -7  ?   ?   ?   A . n 
A 1 13  GLU 13  -6  ?   ?   ?   A . n 
A 1 14  ASN 14  -5  ?   ?   ?   A . n 
A 1 15  LEU 15  -4  ?   ?   ?   A . n 
A 1 16  TYR 16  -3  ?   ?   ?   A . n 
A 1 17  PHE 17  -2  -2  PHE PHE A . n 
A 1 18  GLN 18  -1  -1  GLN GLN A . n 
A 1 19  GLY 19  0   0   GLY GLY A . n 
A 1 20  MSE 20  1   1   MSE MSE A . n 
A 1 21  GLU 21  2   2   GLU GLU A . n 
A 1 22  ILE 22  3   3   ILE ILE A . n 
A 1 23  LYS 23  4   4   LYS LYS A . n 
A 1 24  GLU 24  5   5   GLU GLU A . n 
A 1 25  TYR 25  6   6   TYR TYR A . n 
A 1 26  GLU 26  7   7   GLU GLU A . n 
A 1 27  ASN 27  8   8   ASN ASN A . n 
A 1 28  ASN 28  9   9   ASN ASN A . n 
A 1 29  PRO 29  10  10  PRO PRO A . n 
A 1 30  TYR 30  11  11  TYR TYR A . n 
A 1 31  HIS 31  12  12  HIS HIS A . n 
A 1 32  LEU 32  13  13  LEU LEU A . n 
A 1 33  ALA 33  14  14  ALA ALA A . n 
A 1 34  GLN 34  15  15  GLN GLN A . n 
A 1 35  LEU 35  16  16  LEU LEU A . n 
A 1 36  VAL 36  17  17  VAL VAL A . n 
A 1 37  ASP 37  18  18  ASP ASP A . n 
A 1 38  LEU 38  19  19  LEU LEU A . n 
A 1 39  ILE 39  20  20  ILE ILE A . n 
A 1 40  ASN 40  21  21  ASN ASN A . n 
A 1 41  TYR 41  22  22  TYR TYR A . n 
A 1 42  CYS 42  23  23  CYS CYS A . n 
A 1 43  GLN 43  24  24  GLN GLN A . n 
A 1 44  ASN 44  25  25  ASN ASN A . n 
A 1 45  ILE 45  26  26  ILE ILE A . n 
A 1 46  GLU 46  27  27  GLU GLU A . n 
A 1 47  ALA 47  28  28  ALA ALA A . n 
A 1 48  LYS 48  29  29  LYS LYS A . n 
A 1 49  LEU 49  30  30  LEU LEU A . n 
A 1 50  ASP 50  31  31  ASP ASP A . n 
A 1 51  ILE 51  32  32  ILE ILE A . n 
A 1 52  LYS 52  33  33  LYS LYS A . n 
A 1 53  MSE 53  34  34  MSE MSE A . n 
A 1 54  ALA 54  35  35  ALA ALA A . n 
A 1 55  GLU 55  36  36  GLU GLU A . n 
A 1 56  GLN 56  37  37  GLN GLN A . n 
A 1 57  ASP 57  38  38  ASP ASP A . n 
A 1 58  ASP 58  39  39  ASP ASP A . n 
A 1 59  ILE 59  40  40  ILE ILE A . n 
A 1 60  PHE 60  41  41  PHE PHE A . n 
A 1 61  GLN 61  42  42  GLN GLN A . n 
A 1 62  ILE 62  43  43  ILE ILE A . n 
A 1 63  GLU 63  44  44  GLU GLU A . n 
A 1 64  ASN 64  45  45  ASN ASN A . n 
A 1 65  TYR 65  46  46  TYR TYR A . n 
A 1 66  TYR 66  47  47  TYR TYR A . n 
A 1 67  GLN 67  48  48  GLN GLN A . n 
A 1 68  ASN 68  49  49  ASN ASN A . n 
A 1 69  ARG 69  50  50  ARG ARG A . n 
A 1 70  LYS 70  51  51  LYS LYS A . n 
A 1 71  GLY 71  52  52  GLY GLY A . n 
A 1 72  GLN 72  53  53  GLN GLN A . n 
A 1 73  PHE 73  54  54  PHE PHE A . n 
A 1 74  TRP 74  55  55  TRP TRP A . n 
A 1 75  ILE 75  56  56  ILE ILE A . n 
A 1 76  ALA 76  57  57  ALA ALA A . n 
A 1 77  LEU 77  58  58  LEU LEU A . n 
A 1 78  GLU 78  59  59  GLU GLU A . n 
A 1 79  ASN 79  60  60  ASN ASN A . n 
A 1 80  GLU 80  61  61  GLU GLU A . n 
A 1 81  LYS 81  62  62  LYS LYS A . n 
A 1 82  VAL 82  63  63  VAL VAL A . n 
A 1 83  VAL 83  64  64  VAL VAL A . n 
A 1 84  GLY 84  65  65  GLY GLY A . n 
A 1 85  SER 85  66  66  SER SER A . n 
A 1 86  ILE 86  67  67  ILE ILE A . n 
A 1 87  ALA 87  68  68  ALA ALA A . n 
A 1 88  LEU 88  69  69  LEU LEU A . n 
A 1 89  LEU 89  70  70  LEU LEU A . n 
A 1 90  ARG 90  71  71  ARG ARG A . n 
A 1 91  ILE 91  72  72  ILE ILE A . n 
A 1 92  ASP 92  73  73  ASP ASP A . n 
A 1 93  ASP 93  74  74  ASP ASP A . n 
A 1 94  LYS 94  75  75  LYS LYS A . n 
A 1 95  THR 95  76  76  THR THR A . n 
A 1 96  ALA 96  77  77  ALA ALA A . n 
A 1 97  VAL 97  78  78  VAL VAL A . n 
A 1 98  LEU 98  79  79  LEU LEU A . n 
A 1 99  LYS 99  80  80  LYS LYS A . n 
A 1 100 LYS 100 81  81  LYS LYS A . n 
A 1 101 PHE 101 82  82  PHE PHE A . n 
A 1 102 PHE 102 83  83  PHE PHE A . n 
A 1 103 THR 103 84  84  THR THR A . n 
A 1 104 TYR 104 85  85  TYR TYR A . n 
A 1 105 PRO 105 86  86  PRO PRO A . n 
A 1 106 LYS 106 87  87  LYS LYS A . n 
A 1 107 TYR 107 88  88  TYR TYR A . n 
A 1 108 ARG 108 89  89  ARG ARG A . n 
A 1 109 GLY 109 90  90  GLY GLY A . n 
A 1 110 ASN 110 91  91  ASN ASN A . n 
A 1 111 PRO 111 92  92  PRO PRO A . n 
A 1 112 VAL 112 93  93  VAL VAL A . n 
A 1 113 ARG 113 94  94  ARG ARG A . n 
A 1 114 LEU 114 95  95  LEU LEU A . n 
A 1 115 GLY 115 96  96  GLY GLY A . n 
A 1 116 ARG 116 97  97  ARG ARG A . n 
A 1 117 LYS 117 98  98  LYS LYS A . n 
A 1 118 LEU 118 99  99  LEU LEU A . n 
A 1 119 PHE 119 100 100 PHE PHE A . n 
A 1 120 GLU 120 101 101 GLU GLU A . n 
A 1 121 ARG 121 102 102 ARG ARG A . n 
A 1 122 PHE 122 103 103 PHE PHE A . n 
A 1 123 MSE 123 104 104 MSE MSE A . n 
A 1 124 LEU 124 105 105 LEU LEU A . n 
A 1 125 PHE 125 106 106 PHE PHE A . n 
A 1 126 ALA 126 107 107 ALA ALA A . n 
A 1 127 ARG 127 108 108 ARG ARG A . n 
A 1 128 ALA 128 109 109 ALA ALA A . n 
A 1 129 SER 129 110 110 SER SER A . n 
A 1 130 LYS 130 111 111 LYS LYS A . n 
A 1 131 PHE 131 112 112 PHE PHE A . n 
A 1 132 THR 132 113 113 THR THR A . n 
A 1 133 ARG 133 114 114 ARG ARG A . n 
A 1 134 ILE 134 115 115 ILE ILE A . n 
A 1 135 VAL 135 116 116 VAL VAL A . n 
A 1 136 LEU 136 117 117 LEU LEU A . n 
A 1 137 ASP 137 118 118 ASP ASP A . n 
A 1 138 THR 138 119 119 THR THR A . n 
A 1 139 PRO 139 120 120 PRO PRO A . n 
A 1 140 GLU 140 121 121 GLU GLU A . n 
A 1 141 LYS 141 122 122 LYS LYS A . n 
A 1 142 GLU 142 123 123 GLU GLU A . n 
A 1 143 LYS 143 124 124 LYS LYS A . n 
A 1 144 ARG 144 125 125 ARG ARG A . n 
A 1 145 SER 145 126 126 SER SER A . n 
A 1 146 HIS 146 127 127 HIS HIS A . n 
A 1 147 PHE 147 128 128 PHE PHE A . n 
A 1 148 PHE 148 129 129 PHE PHE A . n 
A 1 149 TYR 149 130 130 TYR TYR A . n 
A 1 150 GLU 150 131 131 GLU GLU A . n 
A 1 151 ASN 151 132 132 ASN ASN A . n 
A 1 152 GLN 152 133 133 GLN GLN A . n 
A 1 153 GLY 153 134 134 GLY GLY A . n 
A 1 154 PHE 154 135 135 PHE PHE A . n 
A 1 155 LYS 155 136 136 LYS LYS A . n 
A 1 156 GLN 156 137 137 GLN GLN A . n 
A 1 157 ILE 157 138 138 ILE ILE A . n 
A 1 158 THR 158 139 139 THR THR A . n 
A 1 159 ARG 159 140 140 ARG ARG A . n 
A 1 160 ASP 160 141 141 ASP ASP A . n 
A 1 161 GLU 161 142 142 GLU GLU A . n 
A 1 162 LEU 162 143 143 LEU LEU A . n 
A 1 163 ASP 163 144 144 ASP ASP A . n 
A 1 164 VAL 164 145 145 VAL VAL A . n 
A 1 165 ASP 165 146 146 ASP ASP A . n 
A 1 166 TYR 166 147 147 TYR TYR A . n 
A 1 167 ILE 167 148 148 ILE ILE A . n 
A 1 168 PHE 168 149 149 PHE PHE A . n 
A 1 169 PRO 169 150 150 PRO PRO A . n 
A 1 170 ASP 170 151 151 ASP ASP A . n 
A 1 171 ARG 171 152 152 ARG ARG A . n 
A 1 172 ASP 172 153 153 ASP ASP A . n 
A 1 173 SER 173 154 154 SER SER A . n 
A 1 174 ARG 174 155 155 ARG ARG A . n 
A 1 175 ILE 175 156 156 ILE ILE A . n 
A 1 176 TYR 176 157 157 TYR TYR A . n 
A 1 177 VAL 177 158 158 VAL VAL A . n 
A 1 178 LYS 178 159 159 LYS LYS A . n 
A 1 179 LEU 179 160 160 LEU LEU A . n 
A 1 180 LEU 180 161 161 LEU LEU A . n 
A 1 181 ASP 181 162 ?   ?   ?   A . n 
# 
loop_
_pdbx_nonpoly_scheme.asym_id 
_pdbx_nonpoly_scheme.entity_id 
_pdbx_nonpoly_scheme.mon_id 
_pdbx_nonpoly_scheme.ndb_seq_num 
_pdbx_nonpoly_scheme.pdb_seq_num 
_pdbx_nonpoly_scheme.auth_seq_num 
_pdbx_nonpoly_scheme.pdb_mon_id 
_pdbx_nonpoly_scheme.auth_mon_id 
_pdbx_nonpoly_scheme.pdb_strand_id 
_pdbx_nonpoly_scheme.pdb_ins_code 
B 2 CL  1  163 1  CL  CL  A . 
C 3 FLC 1  164 2  FLC FLC A . 
D 4 HOH 1  165 3  HOH HOH A . 
D 4 HOH 2  166 4  HOH HOH A . 
D 4 HOH 3  167 5  HOH HOH A . 
D 4 HOH 4  168 6  HOH HOH A . 
D 4 HOH 5  169 7  HOH HOH A . 
D 4 HOH 6  170 8  HOH HOH A . 
D 4 HOH 7  171 9  HOH HOH A . 
D 4 HOH 8  172 10 HOH HOH A . 
D 4 HOH 9  173 11 HOH HOH A . 
D 4 HOH 10 174 12 HOH HOH A . 
D 4 HOH 11 175 13 HOH HOH A . 
D 4 HOH 12 176 14 HOH HOH A . 
D 4 HOH 13 177 15 HOH HOH A . 
D 4 HOH 14 178 16 HOH HOH A . 
D 4 HOH 15 179 17 HOH HOH A . 
D 4 HOH 16 180 18 HOH HOH A . 
D 4 HOH 17 181 19 HOH HOH A . 
D 4 HOH 18 182 20 HOH HOH A . 
D 4 HOH 19 183 21 HOH HOH A . 
D 4 HOH 20 184 22 HOH HOH A . 
D 4 HOH 21 185 23 HOH HOH A . 
D 4 HOH 22 186 24 HOH HOH A . 
D 4 HOH 23 187 25 HOH HOH A . 
D 4 HOH 24 188 26 HOH HOH A . 
D 4 HOH 25 189 27 HOH HOH A . 
D 4 HOH 26 190 28 HOH HOH A . 
D 4 HOH 27 191 29 HOH HOH A . 
D 4 HOH 28 192 30 HOH HOH A . 
D 4 HOH 29 193 31 HOH HOH A . 
D 4 HOH 30 194 32 HOH HOH A . 
D 4 HOH 31 195 33 HOH HOH A . 
D 4 HOH 32 196 34 HOH HOH A . 
D 4 HOH 33 197 35 HOH HOH A . 
D 4 HOH 34 198 36 HOH HOH A . 
D 4 HOH 35 199 37 HOH HOH A . 
D 4 HOH 36 200 38 HOH HOH A . 
D 4 HOH 37 201 39 HOH HOH A . 
D 4 HOH 38 202 40 HOH HOH A . 
D 4 HOH 39 203 41 HOH HOH A . 
D 4 HOH 40 204 42 HOH HOH A . 
D 4 HOH 41 205 43 HOH HOH A . 
D 4 HOH 42 206 44 HOH HOH A . 
D 4 HOH 43 207 45 HOH HOH A . 
D 4 HOH 44 208 46 HOH HOH A . 
D 4 HOH 45 209 47 HOH HOH A . 
D 4 HOH 46 210 48 HOH HOH A . 
D 4 HOH 47 211 49 HOH HOH A . 
D 4 HOH 48 212 50 HOH HOH A . 
D 4 HOH 49 213 51 HOH HOH A . 
D 4 HOH 50 214 52 HOH HOH A . 
D 4 HOH 51 215 53 HOH HOH A . 
D 4 HOH 52 216 54 HOH HOH A . 
D 4 HOH 53 217 55 HOH HOH A . 
D 4 HOH 54 218 56 HOH HOH A . 
D 4 HOH 55 219 57 HOH HOH A . 
D 4 HOH 56 220 58 HOH HOH A . 
D 4 HOH 57 221 59 HOH HOH A . 
D 4 HOH 58 222 60 HOH HOH A . 
D 4 HOH 59 223 61 HOH HOH A . 
D 4 HOH 60 224 62 HOH HOH A . 
D 4 HOH 61 225 63 HOH HOH A . 
D 4 HOH 62 226 64 HOH HOH A . 
D 4 HOH 63 227 65 HOH HOH A . 
D 4 HOH 64 228 66 HOH HOH A . 
D 4 HOH 65 229 67 HOH HOH A . 
D 4 HOH 66 230 68 HOH HOH A . 
D 4 HOH 67 231 69 HOH HOH A . 
D 4 HOH 68 232 70 HOH HOH A . 
D 4 HOH 69 233 71 HOH HOH A . 
D 4 HOH 70 234 72 HOH HOH A . 
D 4 HOH 71 235 73 HOH HOH A . 
D 4 HOH 72 236 74 HOH HOH A . 
D 4 HOH 73 237 75 HOH HOH A . 
D 4 HOH 74 238 76 HOH HOH A . 
D 4 HOH 75 239 77 HOH HOH A . 
D 4 HOH 76 240 78 HOH HOH A . 
D 4 HOH 77 241 79 HOH HOH A . 
D 4 HOH 78 242 80 HOH HOH A . 
D 4 HOH 79 243 81 HOH HOH A . 
D 4 HOH 80 244 82 HOH HOH A . 
D 4 HOH 81 245 83 HOH HOH A . 
D 4 HOH 82 246 84 HOH HOH A . 
D 4 HOH 83 247 85 HOH HOH A . 
D 4 HOH 84 248 86 HOH HOH A . 
D 4 HOH 85 249 87 HOH HOH A . 
D 4 HOH 86 250 88 HOH HOH A . 
D 4 HOH 87 251 89 HOH HOH A . 
D 4 HOH 88 252 90 HOH HOH A . 
D 4 HOH 89 253 91 HOH HOH A . 
D 4 HOH 90 254 92 HOH HOH A . 
D 4 HOH 91 255 93 HOH HOH A . 
D 4 HOH 92 256 94 HOH HOH A . 
# 
loop_
_pdbx_unobs_or_zero_occ_atoms.id 
_pdbx_unobs_or_zero_occ_atoms.PDB_model_num 
_pdbx_unobs_or_zero_occ_atoms.polymer_flag 
_pdbx_unobs_or_zero_occ_atoms.occupancy_flag 
_pdbx_unobs_or_zero_occ_atoms.auth_asym_id 
_pdbx_unobs_or_zero_occ_atoms.auth_comp_id 
_pdbx_unobs_or_zero_occ_atoms.auth_seq_id 
_pdbx_unobs_or_zero_occ_atoms.PDB_ins_code 
_pdbx_unobs_or_zero_occ_atoms.auth_atom_id 
_pdbx_unobs_or_zero_occ_atoms.label_alt_id 
_pdbx_unobs_or_zero_occ_atoms.label_asym_id 
_pdbx_unobs_or_zero_occ_atoms.label_comp_id 
_pdbx_unobs_or_zero_occ_atoms.label_seq_id 
_pdbx_unobs_or_zero_occ_atoms.label_atom_id 
1  1 Y 1 A GLN -1  ? CG  ? A GLN 18  CG  
2  1 Y 1 A GLN -1  ? CD  ? A GLN 18  CD  
3  1 Y 1 A GLN -1  ? OE1 ? A GLN 18  OE1 
4  1 Y 1 A GLN -1  ? NE2 ? A GLN 18  NE2 
5  1 Y 1 A LYS 33  ? NZ  ? A LYS 52  NZ  
6  1 Y 1 A LYS 62  ? CE  ? A LYS 81  CE  
7  1 Y 1 A LYS 62  ? NZ  ? A LYS 81  NZ  
8  1 Y 1 A LYS 75  ? CG  ? A LYS 94  CG  
9  1 Y 1 A LYS 75  ? CD  ? A LYS 94  CD  
10 1 Y 1 A LYS 75  ? CE  ? A LYS 94  CE  
11 1 Y 1 A LYS 75  ? NZ  ? A LYS 94  NZ  
12 1 Y 1 A ARG 97  ? CD  ? A ARG 116 CD  
13 1 Y 1 A ARG 97  ? NE  ? A ARG 116 NE  
14 1 Y 1 A ARG 97  ? CZ  ? A ARG 116 CZ  
15 1 Y 1 A ARG 97  ? NH1 ? A ARG 116 NH1 
16 1 Y 1 A ARG 97  ? NH2 ? A ARG 116 NH2 
17 1 Y 1 A LEU 105 ? CD1 ? A LEU 124 CD1 
18 1 Y 1 A LEU 105 ? CD2 ? A LEU 124 CD2 
19 1 Y 1 A LYS 111 ? NZ  ? A LYS 130 NZ  
20 1 Y 1 A GLU 121 ? OE1 ? A GLU 140 OE1 
21 1 Y 1 A GLU 121 ? OE2 ? A GLU 140 OE2 
22 1 Y 1 A LYS 124 ? CD  ? A LYS 143 CD  
23 1 Y 1 A LYS 124 ? CE  ? A LYS 143 CE  
24 1 Y 1 A LYS 124 ? NZ  ? A LYS 143 NZ  
25 1 Y 1 A ARG 125 ? CG  ? A ARG 144 CG  
26 1 Y 1 A ARG 125 ? CD  ? A ARG 144 CD  
27 1 Y 1 A ARG 125 ? NE  ? A ARG 144 NE  
28 1 Y 1 A ARG 125 ? CZ  ? A ARG 144 CZ  
29 1 Y 1 A ARG 125 ? NH1 ? A ARG 144 NH1 
30 1 Y 1 A ARG 125 ? NH2 ? A ARG 144 NH2 
31 1 Y 1 A LYS 136 ? CG  ? A LYS 155 CG  
32 1 Y 1 A LYS 136 ? CD  ? A LYS 155 CD  
33 1 Y 1 A LYS 136 ? CE  ? A LYS 155 CE  
34 1 Y 1 A LYS 136 ? NZ  ? A LYS 155 NZ  
35 1 Y 1 A ASP 141 ? OD1 ? A ASP 160 OD1 
36 1 Y 1 A ASP 141 ? OD2 ? A ASP 160 OD2 
# 
loop_
_software.name 
_software.version 
_software.date 
_software.type 
_software.contact_author 
_software.contact_author_email 
_software.classification 
_software.location 
_software.language 
_software.citation_id 
_software.pdbx_ordinal 
REFMAC      5.2.0005 ?                 program 'Murshudov, G.N.'            ccp4@dl.ac.uk                        refinement        
http://www.ccp4.ac.uk/main.html              Fortran_77 ? 1 
PHENIX      .        ?                 package 'P.D. Adams'                 PDAdams@lbl.gov                      refinement        
http://www.phenix-online.org/                C++        ? 2 
SOLVE       .        ?                 package 'Tom Terwilliger'            terwilliger@LANL.gov                 phasing           
http://www.solve.lanl.gov/                   ?          ? 3 
MolProbity  3beta29  ?                 package 'D.C. & J.S. Richardson lab' molprobity@kinemage.biochem.duke.edu 'model building'  
http://kinemage.biochem.duke.edu/molprobity/ ?          ? 4 
SCALA       .        ?                 other   'Phil Evans'                 pre@mrc-lmb.cam.ac.uk                'data scaling'    
http://www.ccp4.ac.uk/dist/html/INDEX.html   Fortran_77 ? 5 
PDB_EXTRACT 3.00     'March. 27, 2007' package PDB                          sw-help@rcsb.rutgers.edu             'data extraction' 
http://pdb.rutgers.edu/software/             C++        ? 6 
MAR345      CCD      ?                 ?       ?                            ?                                    'data collection' 
?                                            ?          ? 7 
MOSFLM      .        ?                 ?       ?                            ?                                    'data reduction'  
?                                            ?          ? 8 
# 
_cell.entry_id           2Q7B 
_cell.length_a           67.985 
_cell.length_b           67.985 
_cell.length_c           87.772 
_cell.angle_alpha        90.000 
_cell.angle_beta         90.000 
_cell.angle_gamma        120.000 
_cell.pdbx_unique_axis   ? 
_cell.Z_PDB              6 
_cell.length_a_esd       ? 
_cell.length_b_esd       ? 
_cell.length_c_esd       ? 
_cell.angle_alpha_esd    ? 
_cell.angle_beta_esd     ? 
_cell.angle_gamma_esd    ? 
# 
_symmetry.entry_id                         2Q7B 
_symmetry.Int_Tables_number                152 
_symmetry.space_group_name_H-M             'P 31 2 1' 
_symmetry.pdbx_full_space_group_name_H-M   ? 
_symmetry.cell_setting                     ? 
_symmetry.space_group_name_Hall            ? 
# 
_exptl.crystals_number   1 
_exptl.method            'X-RAY DIFFRACTION' 
_exptl.entry_id          2Q7B 
# 
_exptl_crystal.id                    1 
_exptl_crystal.density_Matthews      2.65 
_exptl_crystal.density_meas          ? 
_exptl_crystal.density_percent_sol   53.60 
_exptl_crystal.description           ? 
_exptl_crystal.F_000                 ? 
_exptl_crystal.preparation           ? 
# 
_exptl_crystal_grow.crystal_id      1 
_exptl_crystal_grow.method          'VAPOR DIFFUSION, SITTING DROP' 
_exptl_crystal_grow.pH              5.0 
_exptl_crystal_grow.temp            277 
_exptl_crystal_grow.pdbx_details    
'NANODROP, 10.0% PEG 6000, 0.1M Citrate pH 5.0, VAPOR DIFFUSION, SITTING DROP, temperature 277K' 
_exptl_crystal_grow.temp_details    ? 
_exptl_crystal_grow.pdbx_pH_range   . 
# 
_diffrn.id                     1 
_diffrn.ambient_temp           100 
_diffrn.ambient_temp_details   ? 
_diffrn.crystal_id             1 
# 
_diffrn_detector.diffrn_id              1 
_diffrn_detector.detector               CCD 
_diffrn_detector.type                   'MARMOSAIC 325 mm CCD' 
_diffrn_detector.details                'Flat collimating mirror, toroid focusing mirror' 
_diffrn_detector.pdbx_collection_date   2007-05-13 
# 
_diffrn_radiation.diffrn_id                        1 
_diffrn_radiation.pdbx_monochromatic_or_laue_m_l   M 
_diffrn_radiation.monochromator                    'Double crystal' 
_diffrn_radiation.pdbx_diffrn_protocol             MAD 
_diffrn_radiation.wavelength_id                    1 
_diffrn_radiation.pdbx_scattering_type             x-ray 
# 
loop_
_diffrn_radiation_wavelength.id 
_diffrn_radiation_wavelength.wavelength 
_diffrn_radiation_wavelength.wt 
1 0.91837 1.0 
2 0.97932 1.0 
# 
_diffrn_source.diffrn_id                   1 
_diffrn_source.source                      SYNCHROTRON 
_diffrn_source.pdbx_synchrotron_beamline   BL9-2 
_diffrn_source.type                        'SSRL BEAMLINE BL9-2' 
_diffrn_source.pdbx_wavelength_list        '0.91837, 0.97932' 
_diffrn_source.pdbx_wavelength             ? 
_diffrn_source.pdbx_synchrotron_site       SSRL 
# 
_reflns.entry_id                     2Q7B 
_reflns.d_resolution_high            2.00 
_reflns.d_resolution_low             29.437 
_reflns.number_obs                   16338 
_reflns.pdbx_Rmerge_I_obs            0.102 
_reflns.pdbx_netI_over_sigmaI        5.600 
_reflns.pdbx_Rsym_value              0.102 
_reflns.pdbx_redundancy              9.100 
_reflns.percent_possible_obs         100.000 
_reflns.observed_criterion_sigma_F   ? 
_reflns.observed_criterion_sigma_I   ? 
_reflns.number_all                   ? 
_reflns.B_iso_Wilson_estimate        19.70 
_reflns.R_free_details               ? 
_reflns.limit_h_max                  ? 
_reflns.limit_h_min                  ? 
_reflns.limit_k_max                  ? 
_reflns.limit_k_min                  ? 
_reflns.limit_l_max                  ? 
_reflns.limit_l_min                  ? 
_reflns.observed_criterion_F_max     ? 
_reflns.observed_criterion_F_min     ? 
_reflns.pdbx_chi_squared             ? 
_reflns.pdbx_scaling_rejects         ? 
_reflns.pdbx_ordinal                 1 
_reflns.pdbx_diffrn_id               1 
# 
loop_
_reflns_shell.d_res_high 
_reflns_shell.d_res_low 
_reflns_shell.number_measured_obs 
_reflns_shell.number_measured_all 
_reflns_shell.number_unique_obs 
_reflns_shell.Rmerge_I_obs 
_reflns_shell.meanI_over_sigI_obs 
_reflns_shell.pdbx_Rsym_value 
_reflns_shell.pdbx_chi_squared 
_reflns_shell.pdbx_redundancy 
_reflns_shell.percent_possible_obs 
_reflns_shell.number_unique_all 
_reflns_shell.percent_possible_all 
_reflns_shell.pdbx_ordinal 
_reflns_shell.pdbx_diffrn_id 
2.00 2.05  ? 10741 ? 1.229 0.6  1.229 ? 9.20 ? 1166 100.00 1  1 
2.05 2.11  ? 10525 ? 1.007 0.7  1.007 ? 9.20 ? 1145 100.00 2  1 
2.11 2.17  ? 10549 ? 0.740 1.0  0.740 ? 9.20 ? 1144 100.00 3  1 
2.17 2.24  ? 9847  ? 0.676 1.1  0.676 ? 9.20 ? 1066 100.00 4  1 
2.24 2.31  ? 10053 ? 0.500 1.3  0.500 ? 9.20 ? 1093 100.00 5  1 
2.31 2.39  ? 9405  ? 0.409 1.9  0.409 ? 9.20 ? 1018 100.00 6  1 
2.39 2.48  ? 8999  ? 0.319 2.4  0.319 ? 9.20 ? 980  100.00 7  1 
2.48 2.58  ? 9090  ? 0.244 3.1  0.244 ? 9.20 ? 993  100.00 8  1 
2.58 2.70  ? 8427  ? 0.205 3.6  0.205 ? 9.20 ? 914  100.00 9  1 
2.70 2.83  ? 8168  ? 0.168 4.3  0.168 ? 9.10 ? 895  100.00 10 1 
2.83 2.98  ? 7567  ? 0.140 5.1  0.140 ? 9.20 ? 824  100.00 11 1 
2.98 3.16  ? 7420  ? 0.111 6.3  0.111 ? 9.10 ? 813  100.00 12 1 
3.16 3.38  ? 6838  ? 0.082 8.0  0.082 ? 9.10 ? 753  100.00 13 1 
3.38 3.65  ? 6325  ? 0.067 9.0  0.067 ? 9.00 ? 703  100.00 14 1 
3.65 4.00  ? 6044  ? 0.057 10.6 0.057 ? 9.00 ? 670  100.00 15 1 
4.00 4.47  ? 5194  ? 0.049 11.6 0.049 ? 8.90 ? 582  100.00 16 1 
4.47 5.16  ? 4714  ? 0.052 11.1 0.052 ? 8.80 ? 535  100.00 17 1 
5.16 6.32  ? 3943  ? 0.057 10.7 0.057 ? 8.70 ? 455  100.00 18 1 
6.32 8.94  ? 3059  ? 0.052 12.0 0.052 ? 8.30 ? 370  100.00 19 1 
8.94 29.44 ? 1616  ? 0.043 14.3 0.043 ? 7.40 ? 219  97.40  20 1 
# 
_refine.entry_id                                 2Q7B 
_refine.ls_d_res_high                            2.000 
_refine.ls_d_res_low                             29.437 
_refine.pdbx_ls_sigma_F                          0.00 
_refine.ls_percent_reflns_obs                    99.940 
_refine.ls_number_reflns_obs                     16309 
_refine.pdbx_ls_cross_valid_method               THROUGHOUT 
_refine.pdbx_R_Free_selection_details            RANDOM 
_refine.details                                  
;1. HYDROGENS HAVE BEEN ADDED IN THE RIDING POSITIONS. 
2. ATOM RECORD CONTAINS RESIDUAL B FACTORS ONLY. 
3. A MET-INHIBITION PROTOCOL WAS USED FOR SELENOMETHIONINE 
INCORPORATION DURING PROTEIN EXPRESSION. THE OCCUPANCY 
OF THE SE ATOMS IN THE MSE RESIDUES WAS REDUCED TO 0.75 
TO ACCOUNT FOR THE REDUCED SCATTERING POWER DUE TO PARTIAL 
S-MET INCORPORATION. 
4. ONE CHLORIDE ANION AND A CITRATE ANION (FLC) ARE MODELED 
IN THE STRUCTURE.
;
_refine.ls_R_factor_obs                          0.187 
_refine.ls_R_factor_R_work                       0.185 
_refine.ls_R_factor_R_free                       0.223 
_refine.ls_percent_reflns_R_free                 5.000 
_refine.ls_number_reflns_R_free                  821 
_refine.B_iso_mean                               38.044 
_refine.aniso_B[1][1]                            0.090 
_refine.aniso_B[2][2]                            0.090 
_refine.aniso_B[3][3]                            -0.130 
_refine.aniso_B[1][2]                            0.040 
_refine.aniso_B[1][3]                            0.000 
_refine.aniso_B[2][3]                            0.000 
_refine.correlation_coeff_Fo_to_Fc               0.963 
_refine.correlation_coeff_Fo_to_Fc_free          0.952 
_refine.pdbx_overall_ESU_R                       0.152 
_refine.pdbx_overall_ESU_R_Free                  0.143 
_refine.overall_SU_ML                            0.114 
_refine.overall_SU_B                             8.222 
_refine.solvent_model_details                    MASK 
_refine.pdbx_solvent_vdw_probe_radii             1.200 
_refine.pdbx_solvent_ion_probe_radii             0.800 
_refine.pdbx_solvent_shrinkage_radii             0.800 
_refine.pdbx_method_to_determine_struct          MAD 
_refine.pdbx_stereochemistry_target_values       'MAXIMUM LIKELIHOOD WITH PHASES' 
_refine.ls_R_factor_all                          ? 
_refine.ls_number_reflns_all                     ? 
_refine.pdbx_ls_sigma_I                          ? 
_refine.ls_redundancy_reflns_obs                 ? 
_refine.pdbx_data_cutoff_high_absF               ? 
_refine.pdbx_data_cutoff_low_absF                ? 
_refine.ls_number_parameters                     ? 
_refine.ls_number_restraints                     ? 
_refine.ls_R_factor_R_free_error                 ? 
_refine.ls_R_factor_R_free_error_details         ? 
_refine.pdbx_starting_model                      ? 
_refine.pdbx_isotropic_thermal_model             ? 
_refine.pdbx_stereochem_target_val_spec_case     ? 
_refine.solvent_model_param_bsol                 ? 
_refine.solvent_model_param_ksol                 ? 
_refine.occupancy_max                            ? 
_refine.occupancy_min                            ? 
_refine.pdbx_data_cutoff_high_rms_absF           ? 
_refine.B_iso_min                                ? 
_refine.B_iso_max                                ? 
_refine.overall_SU_R_Cruickshank_DPI             ? 
_refine.overall_SU_R_free                        ? 
_refine.ls_wR_factor_R_free                      ? 
_refine.ls_wR_factor_R_work                      ? 
_refine.overall_FOM_free_R_set                   ? 
_refine.overall_FOM_work_R_set                   ? 
_refine.pdbx_refine_id                           'X-RAY DIFFRACTION' 
_refine.pdbx_TLS_residual_ADP_flag               'LIKELY RESIDUAL' 
_refine.pdbx_diffrn_id                           1 
_refine.pdbx_overall_phase_error                 ? 
_refine.pdbx_overall_SU_R_free_Cruickshank_DPI   ? 
_refine.pdbx_overall_SU_R_Blow_DPI               ? 
_refine.pdbx_overall_SU_R_free_Blow_DPI          ? 
# 
_refine_hist.pdbx_refine_id                   'X-RAY DIFFRACTION' 
_refine_hist.cycle_id                         LAST 
_refine_hist.pdbx_number_atoms_protein        1362 
_refine_hist.pdbx_number_atoms_nucleic_acid   0 
_refine_hist.pdbx_number_atoms_ligand         14 
_refine_hist.number_atoms_solvent             92 
_refine_hist.number_atoms_total               1468 
_refine_hist.d_res_high                       2.000 
_refine_hist.d_res_low                        29.437 
# 
loop_
_refine_ls_restr.type 
_refine_ls_restr.number 
_refine_ls_restr.dev_ideal 
_refine_ls_restr.dev_ideal_target 
_refine_ls_restr.weight 
_refine_ls_restr.pdbx_refine_id 
_refine_ls_restr.pdbx_restraint_function 
r_bond_refined_d         1472 0.018  0.022  ? 'X-RAY DIFFRACTION' ? 
r_bond_other_d           1309 0.002  0.020  ? 'X-RAY DIFFRACTION' ? 
r_angle_refined_deg      1996 1.511  1.959  ? 'X-RAY DIFFRACTION' ? 
r_angle_other_deg        3035 0.942  3.000  ? 'X-RAY DIFFRACTION' ? 
r_dihedral_angle_1_deg   177  3.647  5.000  ? 'X-RAY DIFFRACTION' ? 
r_dihedral_angle_2_deg   79   30.839 23.797 ? 'X-RAY DIFFRACTION' ? 
r_dihedral_angle_3_deg   259  12.379 15.000 ? 'X-RAY DIFFRACTION' ? 
r_dihedral_angle_4_deg   11   14.132 15.000 ? 'X-RAY DIFFRACTION' ? 
r_chiral_restr           207  0.120  0.200  ? 'X-RAY DIFFRACTION' ? 
r_gen_planes_refined     1676 0.005  0.020  ? 'X-RAY DIFFRACTION' ? 
r_gen_planes_other       334  0.002  0.020  ? 'X-RAY DIFFRACTION' ? 
r_nbd_refined            277  0.191  0.300  ? 'X-RAY DIFFRACTION' ? 
r_nbd_other              1319 0.161  0.300  ? 'X-RAY DIFFRACTION' ? 
r_nbtor_refined          738  0.182  0.500  ? 'X-RAY DIFFRACTION' ? 
r_nbtor_other            851  0.086  0.500  ? 'X-RAY DIFFRACTION' ? 
r_xyhbond_nbd_refined    116  0.179  0.500  ? 'X-RAY DIFFRACTION' ? 
r_symmetry_vdw_refined   10   0.114  0.300  ? 'X-RAY DIFFRACTION' ? 
r_symmetry_vdw_other     38   0.126  0.300  ? 'X-RAY DIFFRACTION' ? 
r_symmetry_hbond_refined 9    0.108  0.500  ? 'X-RAY DIFFRACTION' ? 
r_mcbond_it              901  1.618  3.000  ? 'X-RAY DIFFRACTION' ? 
r_mcbond_other           347  0.364  3.000  ? 'X-RAY DIFFRACTION' ? 
r_mcangle_it             1403 2.477  5.000  ? 'X-RAY DIFFRACTION' ? 
r_scbond_it              671  4.539  8.000  ? 'X-RAY DIFFRACTION' ? 
r_scangle_it             593  5.858  11.000 ? 'X-RAY DIFFRACTION' ? 
# 
_refine_ls_shell.d_res_high                       2.000 
_refine_ls_shell.d_res_low                        2.052 
_refine_ls_shell.pdbx_total_number_of_bins_used   20 
_refine_ls_shell.percent_reflns_obs               100.000 
_refine_ls_shell.number_reflns_R_work             1107 
_refine_ls_shell.R_factor_all                     ? 
_refine_ls_shell.R_factor_R_work                  0.265 
_refine_ls_shell.R_factor_R_free                  0.372 
_refine_ls_shell.percent_reflns_R_free            ? 
_refine_ls_shell.number_reflns_R_free             67 
_refine_ls_shell.R_factor_R_free_error            ? 
_refine_ls_shell.number_reflns_all                ? 
_refine_ls_shell.number_reflns_obs                1174 
_refine_ls_shell.redundancy_reflns_obs            ? 
_refine_ls_shell.pdbx_refine_id                   'X-RAY DIFFRACTION' 
# 
_struct.entry_id                  2Q7B 
_struct.title                     
'Crystal structure of acetyltransferase (NP_689019.1) from Streptococcus agalactiae 2603 at 2.00 A resolution' 
_struct.pdbx_model_details        ? 
_struct.pdbx_CASP_flag            ? 
_struct.pdbx_model_type_details   ? 
# 
_struct_keywords.text            
;NP_689019.1, acetyltransferase (GNAT) family, Structural Genomics, Joint Center for Structural Genomics, JCSG, Protein Structure Initiative, PSI-2, TRANSFERASE
;
_struct_keywords.pdbx_keywords   TRANSFERASE 
_struct_keywords.entry_id        2Q7B 
# 
loop_
_struct_asym.id 
_struct_asym.pdbx_blank_PDB_chainid_flag 
_struct_asym.pdbx_modified 
_struct_asym.entity_id 
_struct_asym.details 
A N N 1 ? 
B N N 2 ? 
C N N 3 ? 
D N N 4 ? 
# 
_struct_ref.id                         1 
_struct_ref.db_name                    UNP 
_struct_ref.db_code                    Q8DX25_STRA5 
_struct_ref.pdbx_db_accession          Q8DX25 
_struct_ref.entity_id                  1 
_struct_ref.pdbx_seq_one_letter_code   
;MEIKEYENNPYHLAQLVDLINYCQNIEAKLDIKMAEQDDIFQIENYYQNRKGQFWIALENEKVVGSIALLRIDDKTAVLK
KFFTYPKYRGNPVRLGRKLFERFMLFARASKFTRIVLDTPEKEKRSHFFYENQGFKQITRDELDVDYIFPDRDSRIYVKL
LD
;
_struct_ref.pdbx_align_begin           1 
_struct_ref.pdbx_db_isoform            ? 
# 
_struct_ref_seq.align_id                      1 
_struct_ref_seq.ref_id                        1 
_struct_ref_seq.pdbx_PDB_id_code              2Q7B 
_struct_ref_seq.pdbx_strand_id                A 
_struct_ref_seq.seq_align_beg                 20 
_struct_ref_seq.pdbx_seq_align_beg_ins_code   ? 
_struct_ref_seq.seq_align_end                 181 
_struct_ref_seq.pdbx_seq_align_end_ins_code   ? 
_struct_ref_seq.pdbx_db_accession             Q8DX25 
_struct_ref_seq.db_align_beg                  1 
_struct_ref_seq.pdbx_db_align_beg_ins_code    ? 
_struct_ref_seq.db_align_end                  162 
_struct_ref_seq.pdbx_db_align_end_ins_code    ? 
_struct_ref_seq.pdbx_auth_seq_align_beg       1 
_struct_ref_seq.pdbx_auth_seq_align_end       162 
# 
loop_
_struct_ref_seq_dif.align_id 
_struct_ref_seq_dif.pdbx_pdb_id_code 
_struct_ref_seq_dif.mon_id 
_struct_ref_seq_dif.pdbx_pdb_strand_id 
_struct_ref_seq_dif.seq_num 
_struct_ref_seq_dif.pdbx_pdb_ins_code 
_struct_ref_seq_dif.pdbx_seq_db_name 
_struct_ref_seq_dif.pdbx_seq_db_accession_code 
_struct_ref_seq_dif.db_mon_id 
_struct_ref_seq_dif.pdbx_seq_db_seq_num 
_struct_ref_seq_dif.details 
_struct_ref_seq_dif.pdbx_auth_seq_num 
_struct_ref_seq_dif.pdbx_ordinal 
1 2Q7B MSE A 1   ? UNP Q8DX25 ?   ?   'expression tag'   -18 1  
1 2Q7B GLY A 2   ? UNP Q8DX25 ?   ?   'expression tag'   -17 2  
1 2Q7B SER A 3   ? UNP Q8DX25 ?   ?   'expression tag'   -16 3  
1 2Q7B ASP A 4   ? UNP Q8DX25 ?   ?   'expression tag'   -15 4  
1 2Q7B LYS A 5   ? UNP Q8DX25 ?   ?   'expression tag'   -14 5  
1 2Q7B ILE A 6   ? UNP Q8DX25 ?   ?   'expression tag'   -13 6  
1 2Q7B HIS A 7   ? UNP Q8DX25 ?   ?   'expression tag'   -12 7  
1 2Q7B HIS A 8   ? UNP Q8DX25 ?   ?   'expression tag'   -11 8  
1 2Q7B HIS A 9   ? UNP Q8DX25 ?   ?   'expression tag'   -10 9  
1 2Q7B HIS A 10  ? UNP Q8DX25 ?   ?   'expression tag'   -9  10 
1 2Q7B HIS A 11  ? UNP Q8DX25 ?   ?   'expression tag'   -8  11 
1 2Q7B HIS A 12  ? UNP Q8DX25 ?   ?   'expression tag'   -7  12 
1 2Q7B GLU A 13  ? UNP Q8DX25 ?   ?   'expression tag'   -6  13 
1 2Q7B ASN A 14  ? UNP Q8DX25 ?   ?   'expression tag'   -5  14 
1 2Q7B LEU A 15  ? UNP Q8DX25 ?   ?   'expression tag'   -4  15 
1 2Q7B TYR A 16  ? UNP Q8DX25 ?   ?   'expression tag'   -3  16 
1 2Q7B PHE A 17  ? UNP Q8DX25 ?   ?   'expression tag'   -2  17 
1 2Q7B GLN A 18  ? UNP Q8DX25 ?   ?   'expression tag'   -1  18 
1 2Q7B GLY A 19  ? UNP Q8DX25 ?   ?   'expression tag'   0   19 
1 2Q7B MSE A 20  ? UNP Q8DX25 MET 1   'modified residue' 1   20 
1 2Q7B MSE A 53  ? UNP Q8DX25 MET 34  'modified residue' 34  21 
1 2Q7B MSE A 123 ? UNP Q8DX25 MET 104 'modified residue' 104 22 
# 
_pdbx_struct_assembly.id                   1 
_pdbx_struct_assembly.details              author_defined_assembly 
_pdbx_struct_assembly.method_details       ? 
_pdbx_struct_assembly.oligomeric_details   dimeric 
_pdbx_struct_assembly.oligomeric_count     2 
# 
_pdbx_struct_assembly_gen.assembly_id       1 
_pdbx_struct_assembly_gen.oper_expression   1,2 
_pdbx_struct_assembly_gen.asym_id_list      A,B,C,D 
# 
loop_
_pdbx_struct_assembly_auth_evidence.id 
_pdbx_struct_assembly_auth_evidence.assembly_id 
_pdbx_struct_assembly_auth_evidence.experimental_support 
_pdbx_struct_assembly_auth_evidence.details 
1 1 'gel filtration'   ? 
2 1 'light scattering' ? 
# 
loop_
_pdbx_struct_oper_list.id 
_pdbx_struct_oper_list.type 
_pdbx_struct_oper_list.name 
_pdbx_struct_oper_list.symmetry_operation 
_pdbx_struct_oper_list.matrix[1][1] 
_pdbx_struct_oper_list.matrix[1][2] 
_pdbx_struct_oper_list.matrix[1][3] 
_pdbx_struct_oper_list.vector[1] 
_pdbx_struct_oper_list.matrix[2][1] 
_pdbx_struct_oper_list.matrix[2][2] 
_pdbx_struct_oper_list.matrix[2][3] 
_pdbx_struct_oper_list.vector[2] 
_pdbx_struct_oper_list.matrix[3][1] 
_pdbx_struct_oper_list.matrix[3][2] 
_pdbx_struct_oper_list.matrix[3][3] 
_pdbx_struct_oper_list.vector[3] 
1 'identity operation'         1_555 x,y,z             1.0000000000 0.0000000000 0.0000000000  0.0000000000  0.0000000000 1.0000000000  0.0000000000  0.0000000000  0.0000000000  0.0000000000  1.0000000000  0.0000000000  
2 'crystal symmetry operation' 5_675 x-y+1,-y+2,-z+2/3 0.0325482127 0.6016379786 -0.7981054796 12.4181680687 0.6016379786 -0.6494417860 -0.4650345248 15.2104893401 -0.7981054796 -0.4650345248 -0.3831064267 27.5321569215 
# 
_struct_biol.id        1 
_struct_biol.details   
;SIZE EXCLUSION CHROMATOGRAPHY WITH STATIC LIGHT SCATTERING SUPPORTS
THE ASSIGNMENT OF A DIMER AS THE SIGNIFICANT OLIGOMERIZATION STATE.
;
# 
loop_
_struct_conf.conf_type_id 
_struct_conf.id 
_struct_conf.pdbx_PDB_helix_id 
_struct_conf.beg_label_comp_id 
_struct_conf.beg_label_asym_id 
_struct_conf.beg_label_seq_id 
_struct_conf.pdbx_beg_PDB_ins_code 
_struct_conf.end_label_comp_id 
_struct_conf.end_label_asym_id 
_struct_conf.end_label_seq_id 
_struct_conf.pdbx_end_PDB_ins_code 
_struct_conf.beg_auth_comp_id 
_struct_conf.beg_auth_asym_id 
_struct_conf.beg_auth_seq_id 
_struct_conf.end_auth_comp_id 
_struct_conf.end_auth_asym_id 
_struct_conf.end_auth_seq_id 
_struct_conf.pdbx_PDB_helix_class 
_struct_conf.details 
_struct_conf.pdbx_PDB_helix_length 
HELX_P HELX_P1 1 ASN A 28  ? ILE A 45  ? ASN A 9   ILE A 26  1 ? 18 
HELX_P HELX_P2 2 LYS A 52  ? PHE A 60  ? LYS A 33  PHE A 41  5 ? 9  
HELX_P HELX_P3 3 GLN A 61  ? TYR A 66  ? GLN A 42  TYR A 47  1 ? 6  
HELX_P HELX_P4 4 GLN A 67  ? LYS A 70  ? GLN A 48  LYS A 51  5 ? 4  
HELX_P HELX_P5 5 PRO A 105 ? ARG A 108 ? PRO A 86  ARG A 89  5 ? 4  
HELX_P HELX_P6 6 ARG A 113 ? SER A 129 ? ARG A 94  SER A 110 1 ? 17 
HELX_P HELX_P7 7 GLU A 142 ? ASN A 151 ? GLU A 123 ASN A 132 1 ? 10 
# 
_struct_conf_type.id          HELX_P 
_struct_conf_type.criteria    ? 
_struct_conf_type.reference   ? 
# 
loop_
_struct_conn.id 
_struct_conn.conn_type_id 
_struct_conn.pdbx_leaving_atom_flag 
_struct_conn.pdbx_PDB_id 
_struct_conn.ptnr1_label_asym_id 
_struct_conn.ptnr1_label_comp_id 
_struct_conn.ptnr1_label_seq_id 
_struct_conn.ptnr1_label_atom_id 
_struct_conn.pdbx_ptnr1_label_alt_id 
_struct_conn.pdbx_ptnr1_PDB_ins_code 
_struct_conn.pdbx_ptnr1_standard_comp_id 
_struct_conn.ptnr1_symmetry 
_struct_conn.ptnr2_label_asym_id 
_struct_conn.ptnr2_label_comp_id 
_struct_conn.ptnr2_label_seq_id 
_struct_conn.ptnr2_label_atom_id 
_struct_conn.pdbx_ptnr2_label_alt_id 
_struct_conn.pdbx_ptnr2_PDB_ins_code 
_struct_conn.ptnr1_auth_asym_id 
_struct_conn.ptnr1_auth_comp_id 
_struct_conn.ptnr1_auth_seq_id 
_struct_conn.ptnr2_auth_asym_id 
_struct_conn.ptnr2_auth_comp_id 
_struct_conn.ptnr2_auth_seq_id 
_struct_conn.ptnr2_symmetry 
_struct_conn.pdbx_ptnr3_label_atom_id 
_struct_conn.pdbx_ptnr3_label_seq_id 
_struct_conn.pdbx_ptnr3_label_comp_id 
_struct_conn.pdbx_ptnr3_label_asym_id 
_struct_conn.pdbx_ptnr3_label_alt_id 
_struct_conn.pdbx_ptnr3_PDB_ins_code 
_struct_conn.details 
_struct_conn.pdbx_dist_value 
_struct_conn.pdbx_value_order 
_struct_conn.pdbx_role 
covale1 covale both ? A GLY 19  C ? ? ? 1_555 A MSE 20  N A ? A GLY 0   A MSE 1   1_555 ? ? ? ? ? ? ? 1.322 ? ? 
covale2 covale both ? A GLY 19  C ? ? ? 1_555 A MSE 20  N B ? A GLY 0   A MSE 1   1_555 ? ? ? ? ? ? ? 1.329 ? ? 
covale3 covale both ? A MSE 20  C A ? ? 1_555 A GLU 21  N ? ? A MSE 1   A GLU 2   1_555 ? ? ? ? ? ? ? 1.330 ? ? 
covale4 covale both ? A MSE 20  C B ? ? 1_555 A GLU 21  N ? ? A MSE 1   A GLU 2   1_555 ? ? ? ? ? ? ? 1.329 ? ? 
covale5 covale both ? A LYS 52  C ? ? ? 1_555 A MSE 53  N ? ? A LYS 33  A MSE 34  1_555 ? ? ? ? ? ? ? 1.330 ? ? 
covale6 covale both ? A MSE 53  C ? ? ? 1_555 A ALA 54  N ? ? A MSE 34  A ALA 35  1_555 ? ? ? ? ? ? ? 1.335 ? ? 
covale7 covale both ? A PHE 122 C ? ? ? 1_555 A MSE 123 N ? ? A PHE 103 A MSE 104 1_555 ? ? ? ? ? ? ? 1.327 ? ? 
covale8 covale both ? A MSE 123 C ? ? ? 1_555 A LEU 124 N B ? A MSE 104 A LEU 105 1_555 ? ? ? ? ? ? ? 1.330 ? ? 
covale9 covale both ? A MSE 123 C ? ? ? 1_555 A LEU 124 N A ? A MSE 104 A LEU 105 1_555 ? ? ? ? ? ? ? 1.328 ? ? 
# 
_struct_conn_type.id          covale 
_struct_conn_type.criteria    ? 
_struct_conn_type.reference   ? 
# 
loop_
_pdbx_modification_feature.ordinal 
_pdbx_modification_feature.label_comp_id 
_pdbx_modification_feature.label_asym_id 
_pdbx_modification_feature.label_seq_id 
_pdbx_modification_feature.label_alt_id 
_pdbx_modification_feature.modified_residue_label_comp_id 
_pdbx_modification_feature.modified_residue_label_asym_id 
_pdbx_modification_feature.modified_residue_label_seq_id 
_pdbx_modification_feature.modified_residue_label_alt_id 
_pdbx_modification_feature.auth_comp_id 
_pdbx_modification_feature.auth_asym_id 
_pdbx_modification_feature.auth_seq_id 
_pdbx_modification_feature.PDB_ins_code 
_pdbx_modification_feature.symmetry 
_pdbx_modification_feature.modified_residue_auth_comp_id 
_pdbx_modification_feature.modified_residue_auth_asym_id 
_pdbx_modification_feature.modified_residue_auth_seq_id 
_pdbx_modification_feature.modified_residue_PDB_ins_code 
_pdbx_modification_feature.modified_residue_symmetry 
_pdbx_modification_feature.comp_id_linking_atom 
_pdbx_modification_feature.modified_residue_id_linking_atom 
_pdbx_modification_feature.modified_residue_id 
_pdbx_modification_feature.ref_pcm_id 
_pdbx_modification_feature.ref_comp_id 
_pdbx_modification_feature.type 
_pdbx_modification_feature.category 
1 MSE A 20  A . . . . MSE A 1   ? 1_555 . . . . . . . MET 1 MSE Selenomethionine 'Named protein modification' 
2 MSE A 20  B . . . . MSE A 1   ? 1_555 . . . . . . . MET 1 MSE Selenomethionine 'Named protein modification' 
3 MSE A 53  ? . . . . MSE A 34  ? 1_555 . . . . . . . MET 1 MSE Selenomethionine 'Named protein modification' 
4 MSE A 123 ? . . . . MSE A 104 ? 1_555 . . . . . . . MET 1 MSE Selenomethionine 'Named protein modification' 
# 
_struct_mon_prot_cis.pdbx_id                1 
_struct_mon_prot_cis.label_comp_id          ASN 
_struct_mon_prot_cis.label_seq_id           110 
_struct_mon_prot_cis.label_asym_id          A 
_struct_mon_prot_cis.label_alt_id           . 
_struct_mon_prot_cis.pdbx_PDB_ins_code      ? 
_struct_mon_prot_cis.auth_comp_id           ASN 
_struct_mon_prot_cis.auth_seq_id            91 
_struct_mon_prot_cis.auth_asym_id           A 
_struct_mon_prot_cis.pdbx_label_comp_id_2   PRO 
_struct_mon_prot_cis.pdbx_label_seq_id_2    111 
_struct_mon_prot_cis.pdbx_label_asym_id_2   A 
_struct_mon_prot_cis.pdbx_PDB_ins_code_2    ? 
_struct_mon_prot_cis.pdbx_auth_comp_id_2    PRO 
_struct_mon_prot_cis.pdbx_auth_seq_id_2     92 
_struct_mon_prot_cis.pdbx_auth_asym_id_2    A 
_struct_mon_prot_cis.pdbx_PDB_model_num     1 
_struct_mon_prot_cis.pdbx_omega_angle       -0.46 
# 
_struct_sheet.id               A 
_struct_sheet.type             ? 
_struct_sheet.number_strands   7 
_struct_sheet.details          ? 
# 
loop_
_struct_sheet_order.sheet_id 
_struct_sheet_order.range_id_1 
_struct_sheet_order.range_id_2 
_struct_sheet_order.offset 
_struct_sheet_order.sense 
A 1 2 ? anti-parallel 
A 2 3 ? anti-parallel 
A 3 4 ? anti-parallel 
A 4 5 ? parallel      
A 5 6 ? anti-parallel 
A 6 7 ? anti-parallel 
# 
loop_
_struct_sheet_range.sheet_id 
_struct_sheet_range.id 
_struct_sheet_range.beg_label_comp_id 
_struct_sheet_range.beg_label_asym_id 
_struct_sheet_range.beg_label_seq_id 
_struct_sheet_range.pdbx_beg_PDB_ins_code 
_struct_sheet_range.end_label_comp_id 
_struct_sheet_range.end_label_asym_id 
_struct_sheet_range.end_label_seq_id 
_struct_sheet_range.pdbx_end_PDB_ins_code 
_struct_sheet_range.beg_auth_comp_id 
_struct_sheet_range.beg_auth_asym_id 
_struct_sheet_range.beg_auth_seq_id 
_struct_sheet_range.end_auth_comp_id 
_struct_sheet_range.end_auth_asym_id 
_struct_sheet_range.end_auth_seq_id 
A 1 MSE A 20  ? GLU A 24  ? MSE A 1   GLU A 5   
A 2 GLN A 72  ? GLU A 78  ? GLN A 53  GLU A 59  
A 3 LYS A 81  ? ARG A 90  ? LYS A 62  ARG A 71  
A 4 THR A 95  ? THR A 103 ? THR A 76  THR A 84  
A 5 ARG A 133 ? PRO A 139 ? ARG A 114 PRO A 120 
A 6 SER A 173 ? LEU A 179 ? SER A 154 LEU A 160 
A 7 LYS A 155 ? ILE A 157 ? LYS A 136 ILE A 138 
# 
loop_
_pdbx_struct_sheet_hbond.sheet_id 
_pdbx_struct_sheet_hbond.range_id_1 
_pdbx_struct_sheet_hbond.range_id_2 
_pdbx_struct_sheet_hbond.range_1_label_atom_id 
_pdbx_struct_sheet_hbond.range_1_label_comp_id 
_pdbx_struct_sheet_hbond.range_1_label_asym_id 
_pdbx_struct_sheet_hbond.range_1_label_seq_id 
_pdbx_struct_sheet_hbond.range_1_PDB_ins_code 
_pdbx_struct_sheet_hbond.range_1_auth_atom_id 
_pdbx_struct_sheet_hbond.range_1_auth_comp_id 
_pdbx_struct_sheet_hbond.range_1_auth_asym_id 
_pdbx_struct_sheet_hbond.range_1_auth_seq_id 
_pdbx_struct_sheet_hbond.range_2_label_atom_id 
_pdbx_struct_sheet_hbond.range_2_label_comp_id 
_pdbx_struct_sheet_hbond.range_2_label_asym_id 
_pdbx_struct_sheet_hbond.range_2_label_seq_id 
_pdbx_struct_sheet_hbond.range_2_PDB_ins_code 
_pdbx_struct_sheet_hbond.range_2_auth_atom_id 
_pdbx_struct_sheet_hbond.range_2_auth_comp_id 
_pdbx_struct_sheet_hbond.range_2_auth_asym_id 
_pdbx_struct_sheet_hbond.range_2_auth_seq_id 
A 1 2 N GLU A 21  ? N GLU A 2   O LEU A 77  ? O LEU A 58  
A 2 3 N TRP A 74  ? N TRP A 55  O ILE A 86  ? O ILE A 67  
A 3 4 N SER A 85  ? N SER A 66  O PHE A 102 ? O PHE A 83  
A 4 5 N LEU A 98  ? N LEU A 79  O VAL A 135 ? O VAL A 116 
A 5 6 N THR A 138 ? N THR A 119 O ARG A 174 ? O ARG A 155 
A 6 7 O VAL A 177 ? O VAL A 158 N LYS A 155 ? N LYS A 136 
# 
loop_
_struct_site.id 
_struct_site.pdbx_evidence_code 
_struct_site.pdbx_auth_asym_id 
_struct_site.pdbx_auth_comp_id 
_struct_site.pdbx_auth_seq_id 
_struct_site.pdbx_auth_ins_code 
_struct_site.pdbx_num_residues 
_struct_site.details 
AC1 Software A CL  163 ? 4  'BINDING SITE FOR RESIDUE CL A 163'  
AC2 Software A FLC 164 ? 12 'BINDING SITE FOR RESIDUE FLC A 164' 
# 
loop_
_struct_site_gen.id 
_struct_site_gen.site_id 
_struct_site_gen.pdbx_num_res 
_struct_site_gen.label_comp_id 
_struct_site_gen.label_asym_id 
_struct_site_gen.label_seq_id 
_struct_site_gen.pdbx_auth_ins_code 
_struct_site_gen.auth_comp_id 
_struct_site_gen.auth_asym_id 
_struct_site_gen.auth_seq_id 
_struct_site_gen.label_atom_id 
_struct_site_gen.label_alt_id 
_struct_site_gen.symmetry 
_struct_site_gen.details 
1  AC1 4  GLY A 109 ? GLY A 90  . ? 1_555 ? 
2  AC1 4  ARG A 113 ? ARG A 94  . ? 1_555 ? 
3  AC1 4  GLY A 115 ? GLY A 96  . ? 1_555 ? 
4  AC1 4  ARG A 116 ? ARG A 97  . ? 1_555 ? 
5  AC2 12 GLN A 43  ? GLN A 24  . ? 1_555 ? 
6  AC2 12 GLN A 56  ? GLN A 37  . ? 1_555 ? 
7  AC2 12 LYS A 99  ? LYS A 80  . ? 1_555 ? 
8  AC2 12 LYS A 100 ? LYS A 81  . ? 1_555 ? 
9  AC2 12 PHE A 102 ? PHE A 83  . ? 1_555 ? 
10 AC2 12 ASP A 137 ? ASP A 118 . ? 1_555 ? 
11 AC2 12 TYR A 166 ? TYR A 147 . ? 1_555 ? 
12 AC2 12 PRO A 169 ? PRO A 150 . ? 1_555 ? 
13 AC2 12 ARG A 171 ? ARG A 152 . ? 1_555 ? 
14 AC2 12 HOH D .   ? HOH A 185 . ? 1_555 ? 
15 AC2 12 HOH D .   ? HOH A 189 . ? 1_555 ? 
16 AC2 12 HOH D .   ? HOH A 217 . ? 1_555 ? 
# 
_pdbx_entry_details.entry_id                   2Q7B 
_pdbx_entry_details.compound_details           ? 
_pdbx_entry_details.source_details             ? 
_pdbx_entry_details.nonpolymer_details         ? 
_pdbx_entry_details.sequence_details           ? 
_pdbx_entry_details.has_ligand_of_interest     ? 
_pdbx_entry_details.has_protein_modification   Y 
# 
loop_
_pdbx_validate_rmsd_bond.id 
_pdbx_validate_rmsd_bond.PDB_model_num 
_pdbx_validate_rmsd_bond.auth_atom_id_1 
_pdbx_validate_rmsd_bond.auth_asym_id_1 
_pdbx_validate_rmsd_bond.auth_comp_id_1 
_pdbx_validate_rmsd_bond.auth_seq_id_1 
_pdbx_validate_rmsd_bond.PDB_ins_code_1 
_pdbx_validate_rmsd_bond.label_alt_id_1 
_pdbx_validate_rmsd_bond.auth_atom_id_2 
_pdbx_validate_rmsd_bond.auth_asym_id_2 
_pdbx_validate_rmsd_bond.auth_comp_id_2 
_pdbx_validate_rmsd_bond.auth_seq_id_2 
_pdbx_validate_rmsd_bond.PDB_ins_code_2 
_pdbx_validate_rmsd_bond.label_alt_id_2 
_pdbx_validate_rmsd_bond.bond_value 
_pdbx_validate_rmsd_bond.bond_target_value 
_pdbx_validate_rmsd_bond.bond_deviation 
_pdbx_validate_rmsd_bond.bond_standard_deviation 
_pdbx_validate_rmsd_bond.linker_flag 
1 1 CG A MSE 104 ? ? SE A MSE 104 ? ? 1.734 1.950 -0.216 0.034 N 
2 1 SE A MSE 104 ? ? CE A MSE 104 ? ? 1.582 1.950 -0.368 0.059 N 
# 
_pdbx_validate_rmsd_angle.id                         1 
_pdbx_validate_rmsd_angle.PDB_model_num              1 
_pdbx_validate_rmsd_angle.auth_atom_id_1             CA 
_pdbx_validate_rmsd_angle.auth_asym_id_1             A 
_pdbx_validate_rmsd_angle.auth_comp_id_1             MSE 
_pdbx_validate_rmsd_angle.auth_seq_id_1              104 
_pdbx_validate_rmsd_angle.PDB_ins_code_1             ? 
_pdbx_validate_rmsd_angle.label_alt_id_1             ? 
_pdbx_validate_rmsd_angle.auth_atom_id_2             CB 
_pdbx_validate_rmsd_angle.auth_asym_id_2             A 
_pdbx_validate_rmsd_angle.auth_comp_id_2             MSE 
_pdbx_validate_rmsd_angle.auth_seq_id_2              104 
_pdbx_validate_rmsd_angle.PDB_ins_code_2             ? 
_pdbx_validate_rmsd_angle.label_alt_id_2             ? 
_pdbx_validate_rmsd_angle.auth_atom_id_3             CG 
_pdbx_validate_rmsd_angle.auth_asym_id_3             A 
_pdbx_validate_rmsd_angle.auth_comp_id_3             MSE 
_pdbx_validate_rmsd_angle.auth_seq_id_3              104 
_pdbx_validate_rmsd_angle.PDB_ins_code_3             ? 
_pdbx_validate_rmsd_angle.label_alt_id_3             ? 
_pdbx_validate_rmsd_angle.angle_value                100.47 
_pdbx_validate_rmsd_angle.angle_target_value         113.30 
_pdbx_validate_rmsd_angle.angle_deviation            -12.83 
_pdbx_validate_rmsd_angle.angle_standard_deviation   1.70 
_pdbx_validate_rmsd_angle.linker_flag                N 
# 
loop_
_pdbx_validate_torsion.id 
_pdbx_validate_torsion.PDB_model_num 
_pdbx_validate_torsion.auth_comp_id 
_pdbx_validate_torsion.auth_asym_id 
_pdbx_validate_torsion.auth_seq_id 
_pdbx_validate_torsion.PDB_ins_code 
_pdbx_validate_torsion.label_alt_id 
_pdbx_validate_torsion.phi 
_pdbx_validate_torsion.psi 
1 1 ASN A 9  ? ? -160.87 108.67 
2 1 GLN A 37 ? ? -149.85 54.56  
3 1 GLN A 37 ? ? -152.10 54.56  
4 1 GLN A 42 ? ? -148.54 50.68  
5 1 TYR A 47 ? ? -100.93 -61.99 
# 
_pdbx_SG_project.project_name          'PSI, Protein Structure Initiative' 
_pdbx_SG_project.full_name_of_center   'Joint Center for Structural Genomics' 
_pdbx_SG_project.id                    1 
_pdbx_SG_project.initial_of_center     JCSG 
# 
loop_
_pdbx_struct_mod_residue.id 
_pdbx_struct_mod_residue.label_asym_id 
_pdbx_struct_mod_residue.label_comp_id 
_pdbx_struct_mod_residue.label_seq_id 
_pdbx_struct_mod_residue.auth_asym_id 
_pdbx_struct_mod_residue.auth_comp_id 
_pdbx_struct_mod_residue.auth_seq_id 
_pdbx_struct_mod_residue.PDB_ins_code 
_pdbx_struct_mod_residue.parent_comp_id 
_pdbx_struct_mod_residue.details 
1 A MSE 20  A MSE 1   ? MET SELENOMETHIONINE 
2 A MSE 53  A MSE 34  ? MET SELENOMETHIONINE 
3 A MSE 123 A MSE 104 ? MET SELENOMETHIONINE 
# 
loop_
_pdbx_refine_tls.id 
_pdbx_refine_tls.details 
_pdbx_refine_tls.method 
_pdbx_refine_tls.origin_x 
_pdbx_refine_tls.origin_y 
_pdbx_refine_tls.origin_z 
_pdbx_refine_tls.T[1][1] 
_pdbx_refine_tls.T[2][2] 
_pdbx_refine_tls.T[3][3] 
_pdbx_refine_tls.T[1][2] 
_pdbx_refine_tls.T[1][3] 
_pdbx_refine_tls.T[2][3] 
_pdbx_refine_tls.L[1][1] 
_pdbx_refine_tls.L[2][2] 
_pdbx_refine_tls.L[3][3] 
_pdbx_refine_tls.L[1][2] 
_pdbx_refine_tls.L[1][3] 
_pdbx_refine_tls.L[2][3] 
_pdbx_refine_tls.S[1][1] 
_pdbx_refine_tls.S[2][2] 
_pdbx_refine_tls.S[3][3] 
_pdbx_refine_tls.S[1][2] 
_pdbx_refine_tls.S[1][3] 
_pdbx_refine_tls.S[2][3] 
_pdbx_refine_tls.S[2][1] 
_pdbx_refine_tls.S[3][1] 
_pdbx_refine_tls.S[3][2] 
_pdbx_refine_tls.pdbx_refine_id 
1 ? refined 0.9951  5.3522  2.3527  -0.1294 -0.0258 -0.1225 0.0393  -0.0133 0.0016  2.6104 2.0244 1.6772 -0.6717 0.7556  0.6127  0.0786 -0.1075 0.0289 0.4299 -0.0123 0.0015 -0.2162 -0.1171 -0.0695 'X-RAY DIFFRACTION' 
2 ? refined -1.0892 -8.7196 -3.6430 -0.0917 0.1642  0.0537  -0.0504 -0.0942 -0.2498 5.6694 3.7471 4.8214 -1.8802 -1.1367 -0.5303 0.0370 -0.2441 0.2071 0.9880 -1.1557 0.5785 -0.3570 0.5377  -0.7323 'X-RAY DIFFRACTION' 
# 
loop_
_pdbx_refine_tls_group.id 
_pdbx_refine_tls_group.refine_tls_id 
_pdbx_refine_tls_group.beg_label_asym_id 
_pdbx_refine_tls_group.beg_label_seq_id 
_pdbx_refine_tls_group.end_label_asym_id 
_pdbx_refine_tls_group.end_label_seq_id 
_pdbx_refine_tls_group.selection 
_pdbx_refine_tls_group.beg_auth_asym_id 
_pdbx_refine_tls_group.beg_auth_seq_id 
_pdbx_refine_tls_group.end_auth_asym_id 
_pdbx_refine_tls_group.end_auth_seq_id 
_pdbx_refine_tls_group.pdbx_refine_id 
_pdbx_refine_tls_group.selection_details 
1 1 A 17  A 118 ? A -2  A 99  'X-RAY DIFFRACTION' ? 
2 2 A 119 A 180 ? A 100 A 161 'X-RAY DIFFRACTION' ? 
# 
_phasing.method   MAD 
# 
loop_
_pdbx_database_remark.id 
_pdbx_database_remark.text 
300 
;
BIOMOLECULE: 1
THIS ENTRY CONTAINS THE CRYSTALLOGRAPHIC ASYMMETRIC UNIT
WHICH CONSISTS OF 1 CHAINS. SEE REMARK 350 FOR
INFORMATION ON GENERATING THE BIOLOGICAL MOLECULE(S).
SIZE EXCLUSION CHROMATOGRAPHY WITH STATIC LIGHT SCATTERING SUPPORTS
THE ASSIGNMENT OF A DIMER AS THE SIGNIFICANT OLIGOMERIZATION STATE.
;
999 
;
SEQUENCE
THE PROTEIN WAS EXPRESSED AND PURIFIED WITH A
TAG MGSDKIHHHHHHENLYFQG FROM CONSTRUCT.
;
# 
loop_
_pdbx_unobs_or_zero_occ_residues.id 
_pdbx_unobs_or_zero_occ_residues.PDB_model_num 
_pdbx_unobs_or_zero_occ_residues.polymer_flag 
_pdbx_unobs_or_zero_occ_residues.occupancy_flag 
_pdbx_unobs_or_zero_occ_residues.auth_asym_id 
_pdbx_unobs_or_zero_occ_residues.auth_comp_id 
_pdbx_unobs_or_zero_occ_residues.auth_seq_id 
_pdbx_unobs_or_zero_occ_residues.PDB_ins_code 
_pdbx_unobs_or_zero_occ_residues.label_asym_id 
_pdbx_unobs_or_zero_occ_residues.label_comp_id 
_pdbx_unobs_or_zero_occ_residues.label_seq_id 
1  1 Y 1 A MSE -18 ? A MSE 1   
2  1 Y 1 A GLY -17 ? A GLY 2   
3  1 Y 1 A SER -16 ? A SER 3   
4  1 Y 1 A ASP -15 ? A ASP 4   
5  1 Y 1 A LYS -14 ? A LYS 5   
6  1 Y 1 A ILE -13 ? A ILE 6   
7  1 Y 1 A HIS -12 ? A HIS 7   
8  1 Y 1 A HIS -11 ? A HIS 8   
9  1 Y 1 A HIS -10 ? A HIS 9   
10 1 Y 1 A HIS -9  ? A HIS 10  
11 1 Y 1 A HIS -8  ? A HIS 11  
12 1 Y 1 A HIS -7  ? A HIS 12  
13 1 Y 1 A GLU -6  ? A GLU 13  
14 1 Y 1 A ASN -5  ? A ASN 14  
15 1 Y 1 A LEU -4  ? A LEU 15  
16 1 Y 1 A TYR -3  ? A TYR 16  
17 1 Y 1 A ASP 162 ? A ASP 181 
# 
loop_
_chem_comp_atom.comp_id 
_chem_comp_atom.atom_id 
_chem_comp_atom.type_symbol 
_chem_comp_atom.pdbx_aromatic_flag 
_chem_comp_atom.pdbx_stereo_config 
_chem_comp_atom.pdbx_ordinal 
ALA N    N  N N 1   
ALA CA   C  N S 2   
ALA C    C  N N 3   
ALA O    O  N N 4   
ALA CB   C  N N 5   
ALA OXT  O  N N 6   
ALA H    H  N N 7   
ALA H2   H  N N 8   
ALA HA   H  N N 9   
ALA HB1  H  N N 10  
ALA HB2  H  N N 11  
ALA HB3  H  N N 12  
ALA HXT  H  N N 13  
ARG N    N  N N 14  
ARG CA   C  N S 15  
ARG C    C  N N 16  
ARG O    O  N N 17  
ARG CB   C  N N 18  
ARG CG   C  N N 19  
ARG CD   C  N N 20  
ARG NE   N  N N 21  
ARG CZ   C  N N 22  
ARG NH1  N  N N 23  
ARG NH2  N  N N 24  
ARG OXT  O  N N 25  
ARG H    H  N N 26  
ARG H2   H  N N 27  
ARG HA   H  N N 28  
ARG HB2  H  N N 29  
ARG HB3  H  N N 30  
ARG HG2  H  N N 31  
ARG HG3  H  N N 32  
ARG HD2  H  N N 33  
ARG HD3  H  N N 34  
ARG HE   H  N N 35  
ARG HH11 H  N N 36  
ARG HH12 H  N N 37  
ARG HH21 H  N N 38  
ARG HH22 H  N N 39  
ARG HXT  H  N N 40  
ASN N    N  N N 41  
ASN CA   C  N S 42  
ASN C    C  N N 43  
ASN O    O  N N 44  
ASN CB   C  N N 45  
ASN CG   C  N N 46  
ASN OD1  O  N N 47  
ASN ND2  N  N N 48  
ASN OXT  O  N N 49  
ASN H    H  N N 50  
ASN H2   H  N N 51  
ASN HA   H  N N 52  
ASN HB2  H  N N 53  
ASN HB3  H  N N 54  
ASN HD21 H  N N 55  
ASN HD22 H  N N 56  
ASN HXT  H  N N 57  
ASP N    N  N N 58  
ASP CA   C  N S 59  
ASP C    C  N N 60  
ASP O    O  N N 61  
ASP CB   C  N N 62  
ASP CG   C  N N 63  
ASP OD1  O  N N 64  
ASP OD2  O  N N 65  
ASP OXT  O  N N 66  
ASP H    H  N N 67  
ASP H2   H  N N 68  
ASP HA   H  N N 69  
ASP HB2  H  N N 70  
ASP HB3  H  N N 71  
ASP HD2  H  N N 72  
ASP HXT  H  N N 73  
CL  CL   CL N N 74  
CYS N    N  N N 75  
CYS CA   C  N R 76  
CYS C    C  N N 77  
CYS O    O  N N 78  
CYS CB   C  N N 79  
CYS SG   S  N N 80  
CYS OXT  O  N N 81  
CYS H    H  N N 82  
CYS H2   H  N N 83  
CYS HA   H  N N 84  
CYS HB2  H  N N 85  
CYS HB3  H  N N 86  
CYS HG   H  N N 87  
CYS HXT  H  N N 88  
FLC CAC  C  N N 89  
FLC CA   C  N N 90  
FLC CB   C  N N 91  
FLC CBC  C  N N 92  
FLC CG   C  N N 93  
FLC CGC  C  N N 94  
FLC OA1  O  N N 95  
FLC OA2  O  N N 96  
FLC OB1  O  N N 97  
FLC OB2  O  N N 98  
FLC OG1  O  N N 99  
FLC OG2  O  N N 100 
FLC OHB  O  N N 101 
FLC HA1  H  N N 102 
FLC HA2  H  N N 103 
FLC HG1  H  N N 104 
FLC HG2  H  N N 105 
FLC HOB  H  N N 106 
GLN N    N  N N 107 
GLN CA   C  N S 108 
GLN C    C  N N 109 
GLN O    O  N N 110 
GLN CB   C  N N 111 
GLN CG   C  N N 112 
GLN CD   C  N N 113 
GLN OE1  O  N N 114 
GLN NE2  N  N N 115 
GLN OXT  O  N N 116 
GLN H    H  N N 117 
GLN H2   H  N N 118 
GLN HA   H  N N 119 
GLN HB2  H  N N 120 
GLN HB3  H  N N 121 
GLN HG2  H  N N 122 
GLN HG3  H  N N 123 
GLN HE21 H  N N 124 
GLN HE22 H  N N 125 
GLN HXT  H  N N 126 
GLU N    N  N N 127 
GLU CA   C  N S 128 
GLU C    C  N N 129 
GLU O    O  N N 130 
GLU CB   C  N N 131 
GLU CG   C  N N 132 
GLU CD   C  N N 133 
GLU OE1  O  N N 134 
GLU OE2  O  N N 135 
GLU OXT  O  N N 136 
GLU H    H  N N 137 
GLU H2   H  N N 138 
GLU HA   H  N N 139 
GLU HB2  H  N N 140 
GLU HB3  H  N N 141 
GLU HG2  H  N N 142 
GLU HG3  H  N N 143 
GLU HE2  H  N N 144 
GLU HXT  H  N N 145 
GLY N    N  N N 146 
GLY CA   C  N N 147 
GLY C    C  N N 148 
GLY O    O  N N 149 
GLY OXT  O  N N 150 
GLY H    H  N N 151 
GLY H2   H  N N 152 
GLY HA2  H  N N 153 
GLY HA3  H  N N 154 
GLY HXT  H  N N 155 
HIS N    N  N N 156 
HIS CA   C  N S 157 
HIS C    C  N N 158 
HIS O    O  N N 159 
HIS CB   C  N N 160 
HIS CG   C  Y N 161 
HIS ND1  N  Y N 162 
HIS CD2  C  Y N 163 
HIS CE1  C  Y N 164 
HIS NE2  N  Y N 165 
HIS OXT  O  N N 166 
HIS H    H  N N 167 
HIS H2   H  N N 168 
HIS HA   H  N N 169 
HIS HB2  H  N N 170 
HIS HB3  H  N N 171 
HIS HD1  H  N N 172 
HIS HD2  H  N N 173 
HIS HE1  H  N N 174 
HIS HE2  H  N N 175 
HIS HXT  H  N N 176 
HOH O    O  N N 177 
HOH H1   H  N N 178 
HOH H2   H  N N 179 
ILE N    N  N N 180 
ILE CA   C  N S 181 
ILE C    C  N N 182 
ILE O    O  N N 183 
ILE CB   C  N S 184 
ILE CG1  C  N N 185 
ILE CG2  C  N N 186 
ILE CD1  C  N N 187 
ILE OXT  O  N N 188 
ILE H    H  N N 189 
ILE H2   H  N N 190 
ILE HA   H  N N 191 
ILE HB   H  N N 192 
ILE HG12 H  N N 193 
ILE HG13 H  N N 194 
ILE HG21 H  N N 195 
ILE HG22 H  N N 196 
ILE HG23 H  N N 197 
ILE HD11 H  N N 198 
ILE HD12 H  N N 199 
ILE HD13 H  N N 200 
ILE HXT  H  N N 201 
LEU N    N  N N 202 
LEU CA   C  N S 203 
LEU C    C  N N 204 
LEU O    O  N N 205 
LEU CB   C  N N 206 
LEU CG   C  N N 207 
LEU CD1  C  N N 208 
LEU CD2  C  N N 209 
LEU OXT  O  N N 210 
LEU H    H  N N 211 
LEU H2   H  N N 212 
LEU HA   H  N N 213 
LEU HB2  H  N N 214 
LEU HB3  H  N N 215 
LEU HG   H  N N 216 
LEU HD11 H  N N 217 
LEU HD12 H  N N 218 
LEU HD13 H  N N 219 
LEU HD21 H  N N 220 
LEU HD22 H  N N 221 
LEU HD23 H  N N 222 
LEU HXT  H  N N 223 
LYS N    N  N N 224 
LYS CA   C  N S 225 
LYS C    C  N N 226 
LYS O    O  N N 227 
LYS CB   C  N N 228 
LYS CG   C  N N 229 
LYS CD   C  N N 230 
LYS CE   C  N N 231 
LYS NZ   N  N N 232 
LYS OXT  O  N N 233 
LYS H    H  N N 234 
LYS H2   H  N N 235 
LYS HA   H  N N 236 
LYS HB2  H  N N 237 
LYS HB3  H  N N 238 
LYS HG2  H  N N 239 
LYS HG3  H  N N 240 
LYS HD2  H  N N 241 
LYS HD3  H  N N 242 
LYS HE2  H  N N 243 
LYS HE3  H  N N 244 
LYS HZ1  H  N N 245 
LYS HZ2  H  N N 246 
LYS HZ3  H  N N 247 
LYS HXT  H  N N 248 
MET N    N  N N 249 
MET CA   C  N S 250 
MET C    C  N N 251 
MET O    O  N N 252 
MET CB   C  N N 253 
MET CG   C  N N 254 
MET SD   S  N N 255 
MET CE   C  N N 256 
MET OXT  O  N N 257 
MET H    H  N N 258 
MET H2   H  N N 259 
MET HA   H  N N 260 
MET HB2  H  N N 261 
MET HB3  H  N N 262 
MET HG2  H  N N 263 
MET HG3  H  N N 264 
MET HE1  H  N N 265 
MET HE2  H  N N 266 
MET HE3  H  N N 267 
MET HXT  H  N N 268 
MSE N    N  N N 269 
MSE CA   C  N S 270 
MSE C    C  N N 271 
MSE O    O  N N 272 
MSE OXT  O  N N 273 
MSE CB   C  N N 274 
MSE CG   C  N N 275 
MSE SE   SE N N 276 
MSE CE   C  N N 277 
MSE H    H  N N 278 
MSE H2   H  N N 279 
MSE HA   H  N N 280 
MSE HXT  H  N N 281 
MSE HB2  H  N N 282 
MSE HB3  H  N N 283 
MSE HG2  H  N N 284 
MSE HG3  H  N N 285 
MSE HE1  H  N N 286 
MSE HE2  H  N N 287 
MSE HE3  H  N N 288 
PHE N    N  N N 289 
PHE CA   C  N S 290 
PHE C    C  N N 291 
PHE O    O  N N 292 
PHE CB   C  N N 293 
PHE CG   C  Y N 294 
PHE CD1  C  Y N 295 
PHE CD2  C  Y N 296 
PHE CE1  C  Y N 297 
PHE CE2  C  Y N 298 
PHE CZ   C  Y N 299 
PHE OXT  O  N N 300 
PHE H    H  N N 301 
PHE H2   H  N N 302 
PHE HA   H  N N 303 
PHE HB2  H  N N 304 
PHE HB3  H  N N 305 
PHE HD1  H  N N 306 
PHE HD2  H  N N 307 
PHE HE1  H  N N 308 
PHE HE2  H  N N 309 
PHE HZ   H  N N 310 
PHE HXT  H  N N 311 
PRO N    N  N N 312 
PRO CA   C  N S 313 
PRO C    C  N N 314 
PRO O    O  N N 315 
PRO CB   C  N N 316 
PRO CG   C  N N 317 
PRO CD   C  N N 318 
PRO OXT  O  N N 319 
PRO H    H  N N 320 
PRO HA   H  N N 321 
PRO HB2  H  N N 322 
PRO HB3  H  N N 323 
PRO HG2  H  N N 324 
PRO HG3  H  N N 325 
PRO HD2  H  N N 326 
PRO HD3  H  N N 327 
PRO HXT  H  N N 328 
SER N    N  N N 329 
SER CA   C  N S 330 
SER C    C  N N 331 
SER O    O  N N 332 
SER CB   C  N N 333 
SER OG   O  N N 334 
SER OXT  O  N N 335 
SER H    H  N N 336 
SER H2   H  N N 337 
SER HA   H  N N 338 
SER HB2  H  N N 339 
SER HB3  H  N N 340 
SER HG   H  N N 341 
SER HXT  H  N N 342 
THR N    N  N N 343 
THR CA   C  N S 344 
THR C    C  N N 345 
THR O    O  N N 346 
THR CB   C  N R 347 
THR OG1  O  N N 348 
THR CG2  C  N N 349 
THR OXT  O  N N 350 
THR H    H  N N 351 
THR H2   H  N N 352 
THR HA   H  N N 353 
THR HB   H  N N 354 
THR HG1  H  N N 355 
THR HG21 H  N N 356 
THR HG22 H  N N 357 
THR HG23 H  N N 358 
THR HXT  H  N N 359 
TRP N    N  N N 360 
TRP CA   C  N S 361 
TRP C    C  N N 362 
TRP O    O  N N 363 
TRP CB   C  N N 364 
TRP CG   C  Y N 365 
TRP CD1  C  Y N 366 
TRP CD2  C  Y N 367 
TRP NE1  N  Y N 368 
TRP CE2  C  Y N 369 
TRP CE3  C  Y N 370 
TRP CZ2  C  Y N 371 
TRP CZ3  C  Y N 372 
TRP CH2  C  Y N 373 
TRP OXT  O  N N 374 
TRP H    H  N N 375 
TRP H2   H  N N 376 
TRP HA   H  N N 377 
TRP HB2  H  N N 378 
TRP HB3  H  N N 379 
TRP HD1  H  N N 380 
TRP HE1  H  N N 381 
TRP HE3  H  N N 382 
TRP HZ2  H  N N 383 
TRP HZ3  H  N N 384 
TRP HH2  H  N N 385 
TRP HXT  H  N N 386 
TYR N    N  N N 387 
TYR CA   C  N S 388 
TYR C    C  N N 389 
TYR O    O  N N 390 
TYR CB   C  N N 391 
TYR CG   C  Y N 392 
TYR CD1  C  Y N 393 
TYR CD2  C  Y N 394 
TYR CE1  C  Y N 395 
TYR CE2  C  Y N 396 
TYR CZ   C  Y N 397 
TYR OH   O  N N 398 
TYR OXT  O  N N 399 
TYR H    H  N N 400 
TYR H2   H  N N 401 
TYR HA   H  N N 402 
TYR HB2  H  N N 403 
TYR HB3  H  N N 404 
TYR HD1  H  N N 405 
TYR HD2  H  N N 406 
TYR HE1  H  N N 407 
TYR HE2  H  N N 408 
TYR HH   H  N N 409 
TYR HXT  H  N N 410 
VAL N    N  N N 411 
VAL CA   C  N S 412 
VAL C    C  N N 413 
VAL O    O  N N 414 
VAL CB   C  N N 415 
VAL CG1  C  N N 416 
VAL CG2  C  N N 417 
VAL OXT  O  N N 418 
VAL H    H  N N 419 
VAL H2   H  N N 420 
VAL HA   H  N N 421 
VAL HB   H  N N 422 
VAL HG11 H  N N 423 
VAL HG12 H  N N 424 
VAL HG13 H  N N 425 
VAL HG21 H  N N 426 
VAL HG22 H  N N 427 
VAL HG23 H  N N 428 
VAL HXT  H  N N 429 
# 
loop_
_chem_comp_bond.comp_id 
_chem_comp_bond.atom_id_1 
_chem_comp_bond.atom_id_2 
_chem_comp_bond.value_order 
_chem_comp_bond.pdbx_aromatic_flag 
_chem_comp_bond.pdbx_stereo_config 
_chem_comp_bond.pdbx_ordinal 
ALA N   CA   sing N N 1   
ALA N   H    sing N N 2   
ALA N   H2   sing N N 3   
ALA CA  C    sing N N 4   
ALA CA  CB   sing N N 5   
ALA CA  HA   sing N N 6   
ALA C   O    doub N N 7   
ALA C   OXT  sing N N 8   
ALA CB  HB1  sing N N 9   
ALA CB  HB2  sing N N 10  
ALA CB  HB3  sing N N 11  
ALA OXT HXT  sing N N 12  
ARG N   CA   sing N N 13  
ARG N   H    sing N N 14  
ARG N   H2   sing N N 15  
ARG CA  C    sing N N 16  
ARG CA  CB   sing N N 17  
ARG CA  HA   sing N N 18  
ARG C   O    doub N N 19  
ARG C   OXT  sing N N 20  
ARG CB  CG   sing N N 21  
ARG CB  HB2  sing N N 22  
ARG CB  HB3  sing N N 23  
ARG CG  CD   sing N N 24  
ARG CG  HG2  sing N N 25  
ARG CG  HG3  sing N N 26  
ARG CD  NE   sing N N 27  
ARG CD  HD2  sing N N 28  
ARG CD  HD3  sing N N 29  
ARG NE  CZ   sing N N 30  
ARG NE  HE   sing N N 31  
ARG CZ  NH1  sing N N 32  
ARG CZ  NH2  doub N N 33  
ARG NH1 HH11 sing N N 34  
ARG NH1 HH12 sing N N 35  
ARG NH2 HH21 sing N N 36  
ARG NH2 HH22 sing N N 37  
ARG OXT HXT  sing N N 38  
ASN N   CA   sing N N 39  
ASN N   H    sing N N 40  
ASN N   H2   sing N N 41  
ASN CA  C    sing N N 42  
ASN CA  CB   sing N N 43  
ASN CA  HA   sing N N 44  
ASN C   O    doub N N 45  
ASN C   OXT  sing N N 46  
ASN CB  CG   sing N N 47  
ASN CB  HB2  sing N N 48  
ASN CB  HB3  sing N N 49  
ASN CG  OD1  doub N N 50  
ASN CG  ND2  sing N N 51  
ASN ND2 HD21 sing N N 52  
ASN ND2 HD22 sing N N 53  
ASN OXT HXT  sing N N 54  
ASP N   CA   sing N N 55  
ASP N   H    sing N N 56  
ASP N   H2   sing N N 57  
ASP CA  C    sing N N 58  
ASP CA  CB   sing N N 59  
ASP CA  HA   sing N N 60  
ASP C   O    doub N N 61  
ASP C   OXT  sing N N 62  
ASP CB  CG   sing N N 63  
ASP CB  HB2  sing N N 64  
ASP CB  HB3  sing N N 65  
ASP CG  OD1  doub N N 66  
ASP CG  OD2  sing N N 67  
ASP OD2 HD2  sing N N 68  
ASP OXT HXT  sing N N 69  
CYS N   CA   sing N N 70  
CYS N   H    sing N N 71  
CYS N   H2   sing N N 72  
CYS CA  C    sing N N 73  
CYS CA  CB   sing N N 74  
CYS CA  HA   sing N N 75  
CYS C   O    doub N N 76  
CYS C   OXT  sing N N 77  
CYS CB  SG   sing N N 78  
CYS CB  HB2  sing N N 79  
CYS CB  HB3  sing N N 80  
CYS SG  HG   sing N N 81  
CYS OXT HXT  sing N N 82  
FLC CAC CA   sing N N 83  
FLC CAC OA1  doub N N 84  
FLC CAC OA2  sing N N 85  
FLC CA  CB   sing N N 86  
FLC CA  HA1  sing N N 87  
FLC CA  HA2  sing N N 88  
FLC CB  CBC  sing N N 89  
FLC CB  CG   sing N N 90  
FLC CB  OHB  sing N N 91  
FLC CBC OB1  doub N N 92  
FLC CBC OB2  sing N N 93  
FLC CG  CGC  sing N N 94  
FLC CG  HG1  sing N N 95  
FLC CG  HG2  sing N N 96  
FLC CGC OG1  doub N N 97  
FLC CGC OG2  sing N N 98  
FLC OHB HOB  sing N N 99  
GLN N   CA   sing N N 100 
GLN N   H    sing N N 101 
GLN N   H2   sing N N 102 
GLN CA  C    sing N N 103 
GLN CA  CB   sing N N 104 
GLN CA  HA   sing N N 105 
GLN C   O    doub N N 106 
GLN C   OXT  sing N N 107 
GLN CB  CG   sing N N 108 
GLN CB  HB2  sing N N 109 
GLN CB  HB3  sing N N 110 
GLN CG  CD   sing N N 111 
GLN CG  HG2  sing N N 112 
GLN CG  HG3  sing N N 113 
GLN CD  OE1  doub N N 114 
GLN CD  NE2  sing N N 115 
GLN NE2 HE21 sing N N 116 
GLN NE2 HE22 sing N N 117 
GLN OXT HXT  sing N N 118 
GLU N   CA   sing N N 119 
GLU N   H    sing N N 120 
GLU N   H2   sing N N 121 
GLU CA  C    sing N N 122 
GLU CA  CB   sing N N 123 
GLU CA  HA   sing N N 124 
GLU C   O    doub N N 125 
GLU C   OXT  sing N N 126 
GLU CB  CG   sing N N 127 
GLU CB  HB2  sing N N 128 
GLU CB  HB3  sing N N 129 
GLU CG  CD   sing N N 130 
GLU CG  HG2  sing N N 131 
GLU CG  HG3  sing N N 132 
GLU CD  OE1  doub N N 133 
GLU CD  OE2  sing N N 134 
GLU OE2 HE2  sing N N 135 
GLU OXT HXT  sing N N 136 
GLY N   CA   sing N N 137 
GLY N   H    sing N N 138 
GLY N   H2   sing N N 139 
GLY CA  C    sing N N 140 
GLY CA  HA2  sing N N 141 
GLY CA  HA3  sing N N 142 
GLY C   O    doub N N 143 
GLY C   OXT  sing N N 144 
GLY OXT HXT  sing N N 145 
HIS N   CA   sing N N 146 
HIS N   H    sing N N 147 
HIS N   H2   sing N N 148 
HIS CA  C    sing N N 149 
HIS CA  CB   sing N N 150 
HIS CA  HA   sing N N 151 
HIS C   O    doub N N 152 
HIS C   OXT  sing N N 153 
HIS CB  CG   sing N N 154 
HIS CB  HB2  sing N N 155 
HIS CB  HB3  sing N N 156 
HIS CG  ND1  sing Y N 157 
HIS CG  CD2  doub Y N 158 
HIS ND1 CE1  doub Y N 159 
HIS ND1 HD1  sing N N 160 
HIS CD2 NE2  sing Y N 161 
HIS CD2 HD2  sing N N 162 
HIS CE1 NE2  sing Y N 163 
HIS CE1 HE1  sing N N 164 
HIS NE2 HE2  sing N N 165 
HIS OXT HXT  sing N N 166 
HOH O   H1   sing N N 167 
HOH O   H2   sing N N 168 
ILE N   CA   sing N N 169 
ILE N   H    sing N N 170 
ILE N   H2   sing N N 171 
ILE CA  C    sing N N 172 
ILE CA  CB   sing N N 173 
ILE CA  HA   sing N N 174 
ILE C   O    doub N N 175 
ILE C   OXT  sing N N 176 
ILE CB  CG1  sing N N 177 
ILE CB  CG2  sing N N 178 
ILE CB  HB   sing N N 179 
ILE CG1 CD1  sing N N 180 
ILE CG1 HG12 sing N N 181 
ILE CG1 HG13 sing N N 182 
ILE CG2 HG21 sing N N 183 
ILE CG2 HG22 sing N N 184 
ILE CG2 HG23 sing N N 185 
ILE CD1 HD11 sing N N 186 
ILE CD1 HD12 sing N N 187 
ILE CD1 HD13 sing N N 188 
ILE OXT HXT  sing N N 189 
LEU N   CA   sing N N 190 
LEU N   H    sing N N 191 
LEU N   H2   sing N N 192 
LEU CA  C    sing N N 193 
LEU CA  CB   sing N N 194 
LEU CA  HA   sing N N 195 
LEU C   O    doub N N 196 
LEU C   OXT  sing N N 197 
LEU CB  CG   sing N N 198 
LEU CB  HB2  sing N N 199 
LEU CB  HB3  sing N N 200 
LEU CG  CD1  sing N N 201 
LEU CG  CD2  sing N N 202 
LEU CG  HG   sing N N 203 
LEU CD1 HD11 sing N N 204 
LEU CD1 HD12 sing N N 205 
LEU CD1 HD13 sing N N 206 
LEU CD2 HD21 sing N N 207 
LEU CD2 HD22 sing N N 208 
LEU CD2 HD23 sing N N 209 
LEU OXT HXT  sing N N 210 
LYS N   CA   sing N N 211 
LYS N   H    sing N N 212 
LYS N   H2   sing N N 213 
LYS CA  C    sing N N 214 
LYS CA  CB   sing N N 215 
LYS CA  HA   sing N N 216 
LYS C   O    doub N N 217 
LYS C   OXT  sing N N 218 
LYS CB  CG   sing N N 219 
LYS CB  HB2  sing N N 220 
LYS CB  HB3  sing N N 221 
LYS CG  CD   sing N N 222 
LYS CG  HG2  sing N N 223 
LYS CG  HG3  sing N N 224 
LYS CD  CE   sing N N 225 
LYS CD  HD2  sing N N 226 
LYS CD  HD3  sing N N 227 
LYS CE  NZ   sing N N 228 
LYS CE  HE2  sing N N 229 
LYS CE  HE3  sing N N 230 
LYS NZ  HZ1  sing N N 231 
LYS NZ  HZ2  sing N N 232 
LYS NZ  HZ3  sing N N 233 
LYS OXT HXT  sing N N 234 
MET N   CA   sing N N 235 
MET N   H    sing N N 236 
MET N   H2   sing N N 237 
MET CA  C    sing N N 238 
MET CA  CB   sing N N 239 
MET CA  HA   sing N N 240 
MET C   O    doub N N 241 
MET C   OXT  sing N N 242 
MET CB  CG   sing N N 243 
MET CB  HB2  sing N N 244 
MET CB  HB3  sing N N 245 
MET CG  SD   sing N N 246 
MET CG  HG2  sing N N 247 
MET CG  HG3  sing N N 248 
MET SD  CE   sing N N 249 
MET CE  HE1  sing N N 250 
MET CE  HE2  sing N N 251 
MET CE  HE3  sing N N 252 
MET OXT HXT  sing N N 253 
MSE N   CA   sing N N 254 
MSE N   H    sing N N 255 
MSE N   H2   sing N N 256 
MSE CA  C    sing N N 257 
MSE CA  CB   sing N N 258 
MSE CA  HA   sing N N 259 
MSE C   O    doub N N 260 
MSE C   OXT  sing N N 261 
MSE OXT HXT  sing N N 262 
MSE CB  CG   sing N N 263 
MSE CB  HB2  sing N N 264 
MSE CB  HB3  sing N N 265 
MSE CG  SE   sing N N 266 
MSE CG  HG2  sing N N 267 
MSE CG  HG3  sing N N 268 
MSE SE  CE   sing N N 269 
MSE CE  HE1  sing N N 270 
MSE CE  HE2  sing N N 271 
MSE CE  HE3  sing N N 272 
PHE N   CA   sing N N 273 
PHE N   H    sing N N 274 
PHE N   H2   sing N N 275 
PHE CA  C    sing N N 276 
PHE CA  CB   sing N N 277 
PHE CA  HA   sing N N 278 
PHE C   O    doub N N 279 
PHE C   OXT  sing N N 280 
PHE CB  CG   sing N N 281 
PHE CB  HB2  sing N N 282 
PHE CB  HB3  sing N N 283 
PHE CG  CD1  doub Y N 284 
PHE CG  CD2  sing Y N 285 
PHE CD1 CE1  sing Y N 286 
PHE CD1 HD1  sing N N 287 
PHE CD2 CE2  doub Y N 288 
PHE CD2 HD2  sing N N 289 
PHE CE1 CZ   doub Y N 290 
PHE CE1 HE1  sing N N 291 
PHE CE2 CZ   sing Y N 292 
PHE CE2 HE2  sing N N 293 
PHE CZ  HZ   sing N N 294 
PHE OXT HXT  sing N N 295 
PRO N   CA   sing N N 296 
PRO N   CD   sing N N 297 
PRO N   H    sing N N 298 
PRO CA  C    sing N N 299 
PRO CA  CB   sing N N 300 
PRO CA  HA   sing N N 301 
PRO C   O    doub N N 302 
PRO C   OXT  sing N N 303 
PRO CB  CG   sing N N 304 
PRO CB  HB2  sing N N 305 
PRO CB  HB3  sing N N 306 
PRO CG  CD   sing N N 307 
PRO CG  HG2  sing N N 308 
PRO CG  HG3  sing N N 309 
PRO CD  HD2  sing N N 310 
PRO CD  HD3  sing N N 311 
PRO OXT HXT  sing N N 312 
SER N   CA   sing N N 313 
SER N   H    sing N N 314 
SER N   H2   sing N N 315 
SER CA  C    sing N N 316 
SER CA  CB   sing N N 317 
SER CA  HA   sing N N 318 
SER C   O    doub N N 319 
SER C   OXT  sing N N 320 
SER CB  OG   sing N N 321 
SER CB  HB2  sing N N 322 
SER CB  HB3  sing N N 323 
SER OG  HG   sing N N 324 
SER OXT HXT  sing N N 325 
THR N   CA   sing N N 326 
THR N   H    sing N N 327 
THR N   H2   sing N N 328 
THR CA  C    sing N N 329 
THR CA  CB   sing N N 330 
THR CA  HA   sing N N 331 
THR C   O    doub N N 332 
THR C   OXT  sing N N 333 
THR CB  OG1  sing N N 334 
THR CB  CG2  sing N N 335 
THR CB  HB   sing N N 336 
THR OG1 HG1  sing N N 337 
THR CG2 HG21 sing N N 338 
THR CG2 HG22 sing N N 339 
THR CG2 HG23 sing N N 340 
THR OXT HXT  sing N N 341 
TRP N   CA   sing N N 342 
TRP N   H    sing N N 343 
TRP N   H2   sing N N 344 
TRP CA  C    sing N N 345 
TRP CA  CB   sing N N 346 
TRP CA  HA   sing N N 347 
TRP C   O    doub N N 348 
TRP C   OXT  sing N N 349 
TRP CB  CG   sing N N 350 
TRP CB  HB2  sing N N 351 
TRP CB  HB3  sing N N 352 
TRP CG  CD1  doub Y N 353 
TRP CG  CD2  sing Y N 354 
TRP CD1 NE1  sing Y N 355 
TRP CD1 HD1  sing N N 356 
TRP CD2 CE2  doub Y N 357 
TRP CD2 CE3  sing Y N 358 
TRP NE1 CE2  sing Y N 359 
TRP NE1 HE1  sing N N 360 
TRP CE2 CZ2  sing Y N 361 
TRP CE3 CZ3  doub Y N 362 
TRP CE3 HE3  sing N N 363 
TRP CZ2 CH2  doub Y N 364 
TRP CZ2 HZ2  sing N N 365 
TRP CZ3 CH2  sing Y N 366 
TRP CZ3 HZ3  sing N N 367 
TRP CH2 HH2  sing N N 368 
TRP OXT HXT  sing N N 369 
TYR N   CA   sing N N 370 
TYR N   H    sing N N 371 
TYR N   H2   sing N N 372 
TYR CA  C    sing N N 373 
TYR CA  CB   sing N N 374 
TYR CA  HA   sing N N 375 
TYR C   O    doub N N 376 
TYR C   OXT  sing N N 377 
TYR CB  CG   sing N N 378 
TYR CB  HB2  sing N N 379 
TYR CB  HB3  sing N N 380 
TYR CG  CD1  doub Y N 381 
TYR CG  CD2  sing Y N 382 
TYR CD1 CE1  sing Y N 383 
TYR CD1 HD1  sing N N 384 
TYR CD2 CE2  doub Y N 385 
TYR CD2 HD2  sing N N 386 
TYR CE1 CZ   doub Y N 387 
TYR CE1 HE1  sing N N 388 
TYR CE2 CZ   sing Y N 389 
TYR CE2 HE2  sing N N 390 
TYR CZ  OH   sing N N 391 
TYR OH  HH   sing N N 392 
TYR OXT HXT  sing N N 393 
VAL N   CA   sing N N 394 
VAL N   H    sing N N 395 
VAL N   H2   sing N N 396 
VAL CA  C    sing N N 397 
VAL CA  CB   sing N N 398 
VAL CA  HA   sing N N 399 
VAL C   O    doub N N 400 
VAL C   OXT  sing N N 401 
VAL CB  CG1  sing N N 402 
VAL CB  CG2  sing N N 403 
VAL CB  HB   sing N N 404 
VAL CG1 HG11 sing N N 405 
VAL CG1 HG12 sing N N 406 
VAL CG1 HG13 sing N N 407 
VAL CG2 HG21 sing N N 408 
VAL CG2 HG22 sing N N 409 
VAL CG2 HG23 sing N N 410 
VAL OXT HXT  sing N N 411 
# 
_atom_sites.entry_id                    2Q7B 
_atom_sites.fract_transf_matrix[1][1]   -0.00486539 
_atom_sites.fract_transf_matrix[1][2]   -0.01146690 
_atom_sites.fract_transf_matrix[1][3]   0.01154586 
_atom_sites.fract_transf_matrix[2][1]   0.01140738 
_atom_sites.fract_transf_matrix[2][2]   -0.01061819 
_atom_sites.fract_transf_matrix[2][3]   0.00675396 
_atom_sites.fract_transf_matrix[3][1]   0.00205892 
_atom_sites.fract_transf_matrix[3][2]   0.00750476 
_atom_sites.fract_transf_matrix[3][3]   0.00832105 
_atom_sites.fract_transf_vector[1]      0.448296 
_atom_sites.fract_transf_vector[2]      0.916970 
_atom_sites.fract_transf_vector[3]      0.148921 
# 
loop_
_atom_type.symbol 
C  
CL 
N  
O  
S  
SE 
# 
loop_
_atom_site.group_PDB 
_atom_site.id 
_atom_site.type_symbol 
_atom_site.label_atom_id 
_atom_site.label_alt_id 
_atom_site.label_comp_id 
_atom_site.label_asym_id 
_atom_site.label_entity_id 
_atom_site.label_seq_id 
_atom_site.pdbx_PDB_ins_code 
_atom_site.Cartn_x 
_atom_site.Cartn_y 
_atom_site.Cartn_z 
_atom_site.occupancy 
_atom_site.B_iso_or_equiv 
_atom_site.pdbx_formal_charge 
_atom_site.auth_seq_id 
_atom_site.auth_comp_id 
_atom_site.auth_asym_id 
_atom_site.auth_atom_id 
_atom_site.pdbx_PDB_model_num 
ATOM   1    N  N   . PHE A 1 17  ? -11.780 14.416  -6.670  1.00 60.50 ? -2  PHE A N   1 
ATOM   2    C  CA  . PHE A 1 17  ? -12.644 14.868  -5.533  1.00 60.61 ? -2  PHE A CA  1 
ATOM   3    C  C   . PHE A 1 17  ? -12.119 16.213  -4.978  1.00 59.62 ? -2  PHE A C   1 
ATOM   4    O  O   . PHE A 1 17  ? -10.919 16.483  -5.045  1.00 58.83 ? -2  PHE A O   1 
ATOM   5    C  CB  . PHE A 1 17  ? -12.715 13.783  -4.440  1.00 60.32 ? -2  PHE A CB  1 
ATOM   6    C  CG  . PHE A 1 17  ? -13.979 13.838  -3.635  1.00 60.85 ? -2  PHE A CG  1 
ATOM   7    C  CD1 . PHE A 1 17  ? -14.089 14.687  -2.530  1.00 60.77 ? -2  PHE A CD1 1 
ATOM   8    C  CD2 . PHE A 1 17  ? -15.074 13.070  -4.007  1.00 57.27 ? -2  PHE A CD2 1 
ATOM   9    C  CE1 . PHE A 1 17  ? -15.266 14.760  -1.809  1.00 58.98 ? -2  PHE A CE1 1 
ATOM   10   C  CE2 . PHE A 1 17  ? -16.252 13.136  -3.288  1.00 58.12 ? -2  PHE A CE2 1 
ATOM   11   C  CZ  . PHE A 1 17  ? -16.354 13.987  -2.194  1.00 57.75 ? -2  PHE A CZ  1 
ATOM   12   N  N   . GLN A 1 18  ? -13.019 17.036  -4.437  1.00 57.84 ? -1  GLN A N   1 
ATOM   13   C  CA  . GLN A 1 18  ? -12.690 18.393  -3.954  1.00 57.18 ? -1  GLN A CA  1 
ATOM   14   C  C   . GLN A 1 18  ? -11.561 18.503  -2.923  1.00 55.09 ? -1  GLN A C   1 
ATOM   15   O  O   . GLN A 1 18  ? -11.610 17.846  -1.882  1.00 56.13 ? -1  GLN A O   1 
ATOM   16   C  CB  . GLN A 1 18  ? -13.955 19.087  -3.407  1.00 57.95 ? -1  GLN A CB  1 
ATOM   17   N  N   . GLY A 1 19  ? -10.569 19.362  -3.229  1.00 52.74 ? 0   GLY A N   1 
ATOM   18   C  CA  . GLY A 1 19  ? -9.370  19.635  -2.382  1.00 49.82 ? 0   GLY A CA  1 
ATOM   19   C  C   . GLY A 1 19  ? -8.491  18.424  -2.097  1.00 47.65 ? 0   GLY A C   1 
ATOM   20   O  O   . GLY A 1 19  ? -7.791  18.363  -1.084  1.00 49.14 ? 0   GLY A O   1 
HETATM 21   N  N   A MSE A 1 20  ? -8.462  17.508  -3.050  0.50 45.46 ? 1   MSE A N   1 
HETATM 22   N  N   B MSE A 1 20  ? -8.498  17.467  -3.020  0.50 46.78 ? 1   MSE A N   1 
HETATM 23   C  CA  A MSE A 1 20  ? -7.814  16.239  -2.862  0.50 43.52 ? 1   MSE A CA  1 
HETATM 24   C  CA  B MSE A 1 20  ? -7.827  16.194  -2.825  0.50 46.02 ? 1   MSE A CA  1 
HETATM 25   C  C   A MSE A 1 20  ? -6.853  15.964  -4.003  0.50 43.07 ? 1   MSE A C   1 
HETATM 26   C  C   B MSE A 1 20  ? -6.844  15.992  -3.973  0.50 44.34 ? 1   MSE A C   1 
HETATM 27   O  O   A MSE A 1 20  ? -7.141  16.301  -5.147  0.50 40.38 ? 1   MSE A O   1 
HETATM 28   O  O   B MSE A 1 20  ? -7.112  16.410  -5.095  0.50 41.78 ? 1   MSE A O   1 
HETATM 29   C  CB  A MSE A 1 20  ? -8.937  15.214  -2.805  0.50 43.65 ? 1   MSE A CB  1 
HETATM 30   C  CB  B MSE A 1 20  ? -8.898  15.104  -2.870  0.50 46.78 ? 1   MSE A CB  1 
HETATM 31   C  CG  A MSE A 1 20  ? -8.638  13.958  -2.103  0.50 47.38 ? 1   MSE A CG  1 
HETATM 32   C  CG  B MSE A 1 20  ? -8.986  14.160  -1.689  0.50 52.32 ? 1   MSE A CG  1 
HETATM 33   SE SE  A MSE A 1 20  ? -10.214 13.429  -1.078  0.37 39.74 ? 1   MSE A SE  1 
HETATM 34   SE SE  B MSE A 1 20  ? -7.529  12.918  -1.320  0.37 48.27 ? 1   MSE A SE  1 
HETATM 35   C  CE  A MSE A 1 20  ? -9.335  12.054  -0.275  0.50 39.24 ? 1   MSE A CE  1 
HETATM 36   C  CE  B MSE A 1 20  ? -8.557  11.915  -0.074  0.50 52.55 ? 1   MSE A CE  1 
ATOM   37   N  N   . GLU A 1 21  ? -5.707  15.370  -3.680  1.00 42.94 ? 2   GLU A N   1 
ATOM   38   C  CA  . GLU A 1 21  ? -4.706  15.028  -4.683  1.00 44.45 ? 2   GLU A CA  1 
ATOM   39   C  C   . GLU A 1 21  ? -3.877  13.846  -4.224  1.00 40.72 ? 2   GLU A C   1 
ATOM   40   O  O   . GLU A 1 21  ? -3.734  13.633  -3.035  1.00 40.91 ? 2   GLU A O   1 
ATOM   41   C  CB  . GLU A 1 21  ? -3.789  16.201  -5.007  1.00 46.25 ? 2   GLU A CB  1 
ATOM   42   C  CG  . GLU A 1 21  ? -3.082  16.844  -3.829  1.00 53.63 ? 2   GLU A CG  1 
ATOM   43   C  CD  . GLU A 1 21  ? -1.977  17.840  -4.254  1.00 54.32 ? 2   GLU A CD  1 
ATOM   44   O  OE1 . GLU A 1 21  ? -1.665  17.947  -5.476  1.00 59.14 ? 2   GLU A OE1 1 
ATOM   45   O  OE2 . GLU A 1 21  ? -1.405  18.499  -3.342  1.00 72.00 ? 2   GLU A OE2 1 
ATOM   46   N  N   . ILE A 1 22  ? -3.386  13.057  -5.171  1.00 36.21 ? 3   ILE A N   1 
ATOM   47   C  CA  . ILE A 1 22  ? -2.499  11.947  -4.879  1.00 36.37 ? 3   ILE A CA  1 
ATOM   48   C  C   . ILE A 1 22  ? -1.192  12.311  -5.529  1.00 37.37 ? 3   ILE A C   1 
ATOM   49   O  O   . ILE A 1 22  ? -1.170  12.705  -6.685  1.00 35.56 ? 3   ILE A O   1 
ATOM   50   C  CB  . ILE A 1 22  ? -2.990  10.618  -5.473  1.00 35.13 ? 3   ILE A CB  1 
ATOM   51   C  CG1 . ILE A 1 22  ? -4.250  10.154  -4.732  1.00 34.17 ? 3   ILE A CG1 1 
ATOM   52   C  CG2 . ILE A 1 22  ? -1.880  9.550   -5.405  1.00 33.49 ? 3   ILE A CG2 1 
ATOM   53   C  CD1 . ILE A 1 22  ? -4.983  9.040   -5.437  1.00 36.98 ? 3   ILE A CD1 1 
ATOM   54   N  N   . LYS A 1 23  ? -0.094  12.198  -4.793  1.00 39.58 ? 4   LYS A N   1 
ATOM   55   C  CA  . LYS A 1 23  ? 1.193   12.496  -5.378  1.00 38.73 ? 4   LYS A CA  1 
ATOM   56   C  C   . LYS A 1 23  ? 2.325   11.684  -4.812  1.00 36.46 ? 4   LYS A C   1 
ATOM   57   O  O   . LYS A 1 23  ? 2.192   11.064  -3.776  1.00 35.55 ? 4   LYS A O   1 
ATOM   58   C  CB  . LYS A 1 23  ? 1.467   13.995  -5.311  1.00 41.57 ? 4   LYS A CB  1 
ATOM   59   C  CG  . LYS A 1 23  ? 1.619   14.633  -3.961  1.00 46.17 ? 4   LYS A CG  1 
ATOM   60   C  CD  . LYS A 1 23  ? 1.640   16.153  -4.194  1.00 54.71 ? 4   LYS A CD  1 
ATOM   61   C  CE  . LYS A 1 23  ? 2.261   16.943  -3.055  1.00 60.59 ? 4   LYS A CE  1 
ATOM   62   N  NZ  . LYS A 1 23  ? 2.195   18.413  -3.329  1.00 65.94 ? 4   LYS A NZ  1 
ATOM   63   N  N   . GLU A 1 24  ? 3.439   11.666  -5.542  1.00 36.00 ? 5   GLU A N   1 
ATOM   64   C  CA  . GLU A 1 24  ? 4.625   10.941  -5.118  1.00 36.63 ? 5   GLU A CA  1 
ATOM   65   C  C   . GLU A 1 24  ? 5.171   11.583  -3.852  1.00 34.72 ? 5   GLU A C   1 
ATOM   66   O  O   . GLU A 1 24  ? 5.160   12.807  -3.728  1.00 35.23 ? 5   GLU A O   1 
ATOM   67   C  CB  . GLU A 1 24  ? 5.675   10.942  -6.229  1.00 36.57 ? 5   GLU A CB  1 
ATOM   68   C  CG  . GLU A 1 24  ? 5.240   10.115  -7.431  1.00 38.38 ? 5   GLU A CG  1 
ATOM   69   C  CD  . GLU A 1 24  ? 6.107   10.314  -8.661  1.00 42.70 ? 5   GLU A CD  1 
ATOM   70   O  OE1 . GLU A 1 24  ? 7.224   10.881  -8.549  1.00 46.52 ? 5   GLU A OE1 1 
ATOM   71   O  OE2 . GLU A 1 24  ? 5.652   9.887   -9.748  1.00 48.20 ? 5   GLU A OE2 1 
ATOM   72   N  N   . TYR A 1 25  ? 5.614   10.761  -2.905  1.00 34.68 ? 6   TYR A N   1 
ATOM   73   C  CA  . TYR A 1 25  ? 6.159   11.270  -1.652  1.00 35.65 ? 6   TYR A CA  1 
ATOM   74   C  C   . TYR A 1 25  ? 7.426   12.126  -1.903  1.00 35.43 ? 6   TYR A C   1 
ATOM   75   O  O   . TYR A 1 25  ? 8.198   11.852  -2.815  1.00 36.15 ? 6   TYR A O   1 
ATOM   76   C  CB  . TYR A 1 25  ? 6.457   10.120  -0.664  1.00 36.91 ? 6   TYR A CB  1 
ATOM   77   C  CG  . TYR A 1 25  ? 7.053   10.612  0.642   1.00 40.07 ? 6   TYR A CG  1 
ATOM   78   C  CD1 . TYR A 1 25  ? 6.233   11.029  1.691   1.00 42.23 ? 6   TYR A CD1 1 
ATOM   79   C  CD2 . TYR A 1 25  ? 8.437   10.702  0.815   1.00 35.92 ? 6   TYR A CD2 1 
ATOM   80   C  CE1 . TYR A 1 25  ? 6.769   11.529  2.880   1.00 41.39 ? 6   TYR A CE1 1 
ATOM   81   C  CE2 . TYR A 1 25  ? 8.982   11.183  2.018   1.00 38.38 ? 6   TYR A CE2 1 
ATOM   82   C  CZ  . TYR A 1 25  ? 8.131   11.605  3.041   1.00 42.15 ? 6   TYR A CZ  1 
ATOM   83   O  OH  . TYR A 1 25  ? 8.650   12.111  4.225   1.00 47.80 ? 6   TYR A OH  1 
ATOM   84   N  N   . GLU A 1 26  ? 7.575   13.199  -1.132  1.00 36.36 ? 7   GLU A N   1 
ATOM   85   C  CA  . GLU A 1 26  ? 8.771   14.044  -1.127  1.00 37.91 ? 7   GLU A CA  1 
ATOM   86   C  C   . GLU A 1 26  ? 9.076   14.307  0.343   1.00 36.68 ? 7   GLU A C   1 
ATOM   87   O  O   . GLU A 1 26  ? 8.153   14.487  1.140   1.00 35.19 ? 7   GLU A O   1 
ATOM   88   C  CB  . GLU A 1 26  ? 8.545   15.391  -1.784  1.00 38.67 ? 7   GLU A CB  1 
ATOM   89   C  CG  . GLU A 1 26  ? 8.029   15.376  -3.202  1.00 49.94 ? 7   GLU A CG  1 
ATOM   90   C  CD  . GLU A 1 26  ? 7.850   16.788  -3.745  1.00 45.90 ? 7   GLU A CD  1 
ATOM   91   O  OE1 . GLU A 1 26  ? 8.821   17.576  -3.672  1.00 60.25 ? 7   GLU A OE1 1 
ATOM   92   O  OE2 . GLU A 1 26  ? 6.742   17.097  -4.232  1.00 61.48 ? 7   GLU A OE2 1 
ATOM   93   N  N   . ASN A 1 27  ? 10.352  14.354  0.701   1.00 36.05 ? 8   ASN A N   1 
ATOM   94   C  CA  . ASN A 1 27  ? 10.738  14.538  2.097   1.00 38.20 ? 8   ASN A CA  1 
ATOM   95   C  C   . ASN A 1 27  ? 10.059  15.784  2.621   1.00 36.50 ? 8   ASN A C   1 
ATOM   96   O  O   . ASN A 1 27  ? 10.222  16.864  2.083   1.00 34.66 ? 8   ASN A O   1 
ATOM   97   C  CB  . ASN A 1 27  ? 12.278  14.609  2.272   1.00 39.34 ? 8   ASN A CB  1 
ATOM   98   C  CG  . ASN A 1 27  ? 13.006  13.277  1.894   1.00 49.26 ? 8   ASN A CG  1 
ATOM   99   O  OD1 . ASN A 1 27  ? 12.432  12.173  1.955   1.00 52.04 ? 8   ASN A OD1 1 
ATOM   100  N  ND2 . ASN A 1 27  ? 14.292  13.396  1.524   1.00 55.47 ? 8   ASN A ND2 1 
ATOM   101  N  N   . ASN A 1 28  ? 9.261   15.603  3.667   1.00 37.41 ? 9   ASN A N   1 
ATOM   102  C  CA  . ASN A 1 28  ? 8.472   16.666  4.263   1.00 36.27 ? 9   ASN A CA  1 
ATOM   103  C  C   . ASN A 1 28  ? 8.112   16.166  5.670   1.00 36.17 ? 9   ASN A C   1 
ATOM   104  O  O   . ASN A 1 28  ? 7.302   15.253  5.791   1.00 33.70 ? 9   ASN A O   1 
ATOM   105  C  CB  . ASN A 1 28  ? 7.233   16.919  3.371   1.00 36.84 ? 9   ASN A CB  1 
ATOM   106  C  CG  . ASN A 1 28  ? 6.294   17.980  3.926   1.00 38.78 ? 9   ASN A CG  1 
ATOM   107  O  OD1 . ASN A 1 28  ? 6.081   18.050  5.130   1.00 38.01 ? 9   ASN A OD1 1 
ATOM   108  N  ND2 . ASN A 1 28  ? 5.713   18.804  3.039   1.00 35.46 ? 9   ASN A ND2 1 
ATOM   109  N  N   . PRO A 1 29  ? 8.716   16.753  6.738   1.00 36.76 ? 10  PRO A N   1 
ATOM   110  C  CA  . PRO A 1 29  ? 8.454   16.245  8.103   1.00 36.82 ? 10  PRO A CA  1 
ATOM   111  C  C   . PRO A 1 29  ? 6.987   16.345  8.551   1.00 36.96 ? 10  PRO A C   1 
ATOM   112  O  O   . PRO A 1 29  ? 6.546   15.550  9.377   1.00 35.55 ? 10  PRO A O   1 
ATOM   113  C  CB  . PRO A 1 29  ? 9.354   17.122  8.991   1.00 37.68 ? 10  PRO A CB  1 
ATOM   114  C  CG  . PRO A 1 29  ? 9.558   18.395  8.214   1.00 36.54 ? 10  PRO A CG  1 
ATOM   115  C  CD  . PRO A 1 29  ? 9.605   17.936  6.765   1.00 38.33 ? 10  PRO A CD  1 
ATOM   116  N  N   A TYR A 1 30  ? 6.241   17.298  7.998   0.50 37.95 ? 11  TYR A N   1 
ATOM   117  N  N   B TYR A 1 30  ? 6.279   17.342  8.015   0.50 37.56 ? 11  TYR A N   1 
ATOM   118  C  CA  A TYR A 1 30  ? 4.831   17.467  8.345   0.50 39.20 ? 11  TYR A CA  1 
ATOM   119  C  CA  B TYR A 1 30  ? 4.856   17.582  8.262   0.50 38.68 ? 11  TYR A CA  1 
ATOM   120  C  C   A TYR A 1 30  ? 4.034   16.306  7.756   0.50 38.77 ? 11  TYR A C   1 
ATOM   121  C  C   B TYR A 1 30  ? 4.032   16.387  7.734   0.50 38.66 ? 11  TYR A C   1 
ATOM   122  O  O   A TYR A 1 30  ? 3.250   15.659  8.461   0.50 37.75 ? 11  TYR A O   1 
ATOM   123  O  O   B TYR A 1 30  ? 3.234   15.797  8.468   0.50 38.70 ? 11  TYR A O   1 
ATOM   124  C  CB  A TYR A 1 30  ? 4.317   18.847  7.901   0.50 40.48 ? 11  TYR A CB  1 
ATOM   125  C  CB  B TYR A 1 30  ? 4.486   18.951  7.629   0.50 39.06 ? 11  TYR A CB  1 
ATOM   126  C  CG  A TYR A 1 30  ? 5.140   19.960  8.515   0.50 42.85 ? 11  TYR A CG  1 
ATOM   127  C  CG  B TYR A 1 30  ? 3.049   19.425  7.702   0.50 41.05 ? 11  TYR A CG  1 
ATOM   128  C  CD1 A TYR A 1 30  ? 4.861   20.444  9.793   0.50 48.01 ? 11  TYR A CD1 1 
ATOM   129  C  CD1 B TYR A 1 30  ? 2.507   19.900  8.890   0.50 40.54 ? 11  TYR A CD1 1 
ATOM   130  C  CD2 A TYR A 1 30  ? 6.237   20.491  7.841   0.50 48.20 ? 11  TYR A CD2 1 
ATOM   131  C  CD2 B TYR A 1 30  ? 2.254   19.477  6.551   0.50 41.56 ? 11  TYR A CD2 1 
ATOM   132  C  CE1 A TYR A 1 30  ? 5.636   21.443  10.375  0.50 40.46 ? 11  TYR A CE1 1 
ATOM   133  C  CE1 B TYR A 1 30  ? 1.195   20.357  8.948   0.50 39.56 ? 11  TYR A CE1 1 
ATOM   134  C  CE2 A TYR A 1 30  ? 7.025   21.492  8.415   0.50 46.89 ? 11  TYR A CE2 1 
ATOM   135  C  CE2 B TYR A 1 30  ? 0.942   19.931  6.599   0.50 42.19 ? 11  TYR A CE2 1 
ATOM   136  C  CZ  A TYR A 1 30  ? 6.718   21.960  9.680   0.50 46.10 ? 11  TYR A CZ  1 
ATOM   137  C  CZ  B TYR A 1 30  ? 0.421   20.369  7.803   0.50 39.62 ? 11  TYR A CZ  1 
ATOM   138  O  OH  A TYR A 1 30  ? 7.493   22.956  10.239  0.50 43.93 ? 11  TYR A OH  1 
ATOM   139  O  OH  B TYR A 1 30  ? -0.879  20.818  7.854   0.50 45.82 ? 11  TYR A OH  1 
ATOM   140  N  N   . HIS A 1 31  ? 4.272   15.992  6.485   1.00 37.57 ? 12  HIS A N   1 
ATOM   141  C  CA  . HIS A 1 31  ? 3.584   14.860  5.876   1.00 35.81 ? 12  HIS A CA  1 
ATOM   142  C  C   . HIS A 1 31  ? 4.012   13.529  6.483   1.00 34.53 ? 12  HIS A C   1 
ATOM   143  O  O   . HIS A 1 31  ? 3.201   12.600  6.607   1.00 33.78 ? 12  HIS A O   1 
ATOM   144  C  CB  . HIS A 1 31  ? 3.832   14.780  4.359   1.00 34.96 ? 12  HIS A CB  1 
ATOM   145  C  CG  . HIS A 1 31  ? 3.187   15.874  3.582   1.00 35.62 ? 12  HIS A CG  1 
ATOM   146  N  ND1 . HIS A 1 31  ? 3.598   16.225  2.311   1.00 34.45 ? 12  HIS A ND1 1 
ATOM   147  C  CD2 . HIS A 1 31  ? 2.182   16.721  3.908   1.00 35.31 ? 12  HIS A CD2 1 
ATOM   148  C  CE1 . HIS A 1 31  ? 2.846   17.220  1.879   1.00 37.65 ? 12  HIS A CE1 1 
ATOM   149  N  NE2 . HIS A 1 31  ? 1.987   17.544  2.830   1.00 33.65 ? 12  HIS A NE2 1 
ATOM   150  N  N   . LEU A 1 32  ? 5.286   13.426  6.844   1.00 34.56 ? 13  LEU A N   1 
ATOM   151  C  CA  . LEU A 1 32  ? 5.805   12.197  7.409   1.00 34.32 ? 13  LEU A CA  1 
ATOM   152  C  C   . LEU A 1 32  ? 5.118   11.910  8.737   1.00 34.31 ? 13  LEU A C   1 
ATOM   153  O  O   . LEU A 1 32  ? 4.757   10.779  9.000   1.00 36.47 ? 13  LEU A O   1 
ATOM   154  C  CB  . LEU A 1 32  ? 7.330   12.245  7.555   1.00 32.70 ? 13  LEU A CB  1 
ATOM   155  C  CG  . LEU A 1 32  ? 8.002   10.984  8.144   1.00 35.13 ? 13  LEU A CG  1 
ATOM   156  C  CD1 . LEU A 1 32  ? 7.604   9.715   7.368   1.00 39.94 ? 13  LEU A CD1 1 
ATOM   157  C  CD2 . LEU A 1 32  ? 9.494   11.122  8.200   1.00 35.72 ? 13  LEU A CD2 1 
ATOM   158  N  N   . ALA A 1 33  ? 4.926   12.945  9.550   1.00 34.69 ? 14  ALA A N   1 
ATOM   159  C  CA  . ALA A 1 33  ? 4.227   12.809  10.833  1.00 32.77 ? 14  ALA A CA  1 
ATOM   160  C  C   . ALA A 1 33  ? 2.805   12.332  10.609  1.00 32.96 ? 14  ALA A C   1 
ATOM   161  O  O   . ALA A 1 33  ? 2.346   11.417  11.273  1.00 33.27 ? 14  ALA A O   1 
ATOM   162  C  CB  . ALA A 1 33  ? 4.227   14.111  11.587  1.00 33.37 ? 14  ALA A CB  1 
ATOM   163  N  N   . GLN A 1 34  ? 2.128   12.951  9.650   1.00 33.83 ? 15  GLN A N   1 
ATOM   164  C  CA  . GLN A 1 34  ? 0.772   12.589  9.284   1.00 34.05 ? 15  GLN A CA  1 
ATOM   165  C  C   . GLN A 1 34  ? 0.692   11.172  8.728   1.00 33.08 ? 15  GLN A C   1 
ATOM   166  O  O   . GLN A 1 34  ? -0.300  10.463  8.965   1.00 32.85 ? 15  GLN A O   1 
ATOM   167  C  CB  . GLN A 1 34  ? 0.229   13.555  8.242   1.00 32.92 ? 15  GLN A CB  1 
ATOM   168  C  CG  . GLN A 1 34  ? 0.022   14.972  8.709   1.00 37.07 ? 15  GLN A CG  1 
ATOM   169  C  CD  . GLN A 1 34  ? -0.068  15.952  7.558   1.00 38.07 ? 15  GLN A CD  1 
ATOM   170  O  OE1 . GLN A 1 34  ? -0.077  15.568  6.400   1.00 39.33 ? 15  GLN A OE1 1 
ATOM   171  N  NE2 . GLN A 1 34  ? -0.119  17.223  7.876   1.00 35.75 ? 15  GLN A NE2 1 
ATOM   172  N  N   . LEU A 1 35  ? 1.709   10.770  7.969   1.00 32.56 ? 16  LEU A N   1 
ATOM   173  C  CA  . LEU A 1 35  ? 1.768   9.405   7.424   1.00 32.86 ? 16  LEU A CA  1 
ATOM   174  C  C   . LEU A 1 35  ? 1.878   8.382   8.545   1.00 32.79 ? 16  LEU A C   1 
ATOM   175  O  O   . LEU A 1 35  ? 1.195   7.369   8.533   1.00 35.58 ? 16  LEU A O   1 
ATOM   176  C  CB  . LEU A 1 35  ? 2.947   9.243   6.484   1.00 33.76 ? 16  LEU A CB  1 
ATOM   177  C  CG  . LEU A 1 35  ? 3.185   7.867   5.854   1.00 32.45 ? 16  LEU A CG  1 
ATOM   178  C  CD1 . LEU A 1 35  ? 1.954   7.371   5.087   1.00 32.56 ? 16  LEU A CD1 1 
ATOM   179  C  CD2 . LEU A 1 35  ? 4.369   7.991   4.940   1.00 37.80 ? 16  LEU A CD2 1 
ATOM   180  N  N   . VAL A 1 36  ? 2.763   8.653   9.502   1.00 34.05 ? 17  VAL A N   1 
ATOM   181  C  CA  . VAL A 1 36  ? 2.929   7.793   10.675  1.00 32.65 ? 17  VAL A CA  1 
ATOM   182  C  C   . VAL A 1 36  ? 1.620   7.656   11.443  1.00 32.42 ? 17  VAL A C   1 
ATOM   183  O  O   . VAL A 1 36  ? 1.258   6.551   11.853  1.00 32.05 ? 17  VAL A O   1 
ATOM   184  C  CB  . VAL A 1 36  ? 4.080   8.301   11.589  1.00 32.29 ? 17  VAL A CB  1 
ATOM   185  C  CG1 . VAL A 1 36  ? 4.149   7.544   12.927  1.00 37.11 ? 17  VAL A CG1 1 
ATOM   186  C  CG2 . VAL A 1 36  ? 5.416   8.207   10.838  1.00 33.51 ? 17  VAL A CG2 1 
ATOM   187  N  N   . ASP A 1 37  ? 0.878   8.763   11.605  1.00 34.41 ? 18  ASP A N   1 
ATOM   188  C  CA  . ASP A 1 37  ? -0.423  8.725   12.289  1.00 31.53 ? 18  ASP A CA  1 
ATOM   189  C  C   . ASP A 1 37  ? -1.425  7.874   11.516  1.00 31.72 ? 18  ASP A C   1 
ATOM   190  O  O   . ASP A 1 37  ? -2.198  7.148   12.109  1.00 32.45 ? 18  ASP A O   1 
ATOM   191  C  CB  . ASP A 1 37  ? -1.009  10.133  12.516  1.00 32.13 ? 18  ASP A CB  1 
ATOM   192  C  CG  . ASP A 1 37  ? -0.230  10.960  13.545  1.00 36.55 ? 18  ASP A CG  1 
ATOM   193  O  OD1 . ASP A 1 37  ? 0.413   10.389  14.469  1.00 32.71 ? 18  ASP A OD1 1 
ATOM   194  O  OD2 . ASP A 1 37  ? -0.314  12.209  13.457  1.00 34.10 ? 18  ASP A OD2 1 
ATOM   195  N  N   . LEU A 1 38  ? -1.417  7.985   10.199  1.00 33.17 ? 19  LEU A N   1 
ATOM   196  C  CA  . LEU A 1 38  ? -2.310  7.184   9.339   1.00 33.09 ? 19  LEU A CA  1 
ATOM   197  C  C   . LEU A 1 38  ? -2.021  5.702   9.466   1.00 31.42 ? 19  LEU A C   1 
ATOM   198  O  O   . LEU A 1 38  ? -2.922  4.892   9.656   1.00 32.79 ? 19  LEU A O   1 
ATOM   199  C  CB  . LEU A 1 38  ? -2.149  7.621   7.874   1.00 32.22 ? 19  LEU A CB  1 
ATOM   200  C  CG  . LEU A 1 38  ? -2.792  6.741   6.792   1.00 35.03 ? 19  LEU A CG  1 
ATOM   201  C  CD1 . LEU A 1 38  ? -4.314  6.700   6.915   1.00 33.53 ? 19  LEU A CD1 1 
ATOM   202  C  CD2 . LEU A 1 38  ? -2.414  7.252   5.467   1.00 35.37 ? 19  LEU A CD2 1 
ATOM   203  N  N   . ILE A 1 39  ? -0.741  5.354   9.352   1.00 30.96 ? 20  ILE A N   1 
ATOM   204  C  CA  . ILE A 1 39  ? -0.311  3.962   9.443   1.00 32.80 ? 20  ILE A CA  1 
ATOM   205  C  C   . ILE A 1 39  ? -0.647  3.389   10.807  1.00 31.98 ? 20  ILE A C   1 
ATOM   206  O  O   . ILE A 1 39  ? -1.226  2.307   10.895  1.00 32.45 ? 20  ILE A O   1 
ATOM   207  C  CB  . ILE A 1 39  ? 1.199   3.799   9.120   1.00 29.39 ? 20  ILE A CB  1 
ATOM   208  C  CG1 . ILE A 1 39  ? 1.492   4.227   7.670   1.00 35.78 ? 20  ILE A CG1 1 
ATOM   209  C  CG2 . ILE A 1 39  ? 1.636   2.367   9.378   1.00 34.99 ? 20  ILE A CG2 1 
ATOM   210  C  CD1 . ILE A 1 39  ? 2.956   4.304   7.341   1.00 37.89 ? 20  ILE A CD1 1 
ATOM   211  N  N   . ASN A 1 40  ? -0.279  4.115   11.867  1.00 33.15 ? 21  ASN A N   1 
ATOM   212  C  CA  . ASN A 1 40  ? -0.564  3.692   13.223  1.00 32.58 ? 21  ASN A CA  1 
ATOM   213  C  C   . ASN A 1 40  ? -2.054  3.497   13.454  1.00 33.49 ? 21  ASN A C   1 
ATOM   214  O  O   . ASN A 1 40  ? -2.454  2.552   14.087  1.00 32.03 ? 21  ASN A O   1 
ATOM   215  C  CB  . ASN A 1 40  ? -0.049  4.721   14.236  1.00 33.92 ? 21  ASN A CB  1 
ATOM   216  C  CG  . ASN A 1 40  ? -0.252  4.262   15.672  1.00 33.58 ? 21  ASN A CG  1 
ATOM   217  O  OD1 . ASN A 1 40  ? 0.328   3.266   16.098  1.00 34.53 ? 21  ASN A OD1 1 
ATOM   218  N  ND2 . ASN A 1 40  ? -1.108  4.965   16.407  1.00 33.24 ? 21  ASN A ND2 1 
ATOM   219  N  N   . TYR A 1 41  ? -2.867  4.419   12.954  1.00 33.35 ? 22  TYR A N   1 
ATOM   220  C  CA  . TYR A 1 41  ? -4.300  4.314   13.110  1.00 33.52 ? 22  TYR A CA  1 
ATOM   221  C  C   . TYR A 1 41  ? -4.856  2.999   12.476  1.00 31.71 ? 22  TYR A C   1 
ATOM   222  O  O   . TYR A 1 41  ? -5.567  2.211   13.104  1.00 32.43 ? 22  TYR A O   1 
ATOM   223  C  CB  . TYR A 1 41  ? -5.016  5.567   12.535  1.00 36.02 ? 22  TYR A CB  1 
ATOM   224  C  CG  . TYR A 1 41  ? -6.502  5.341   12.540  1.00 35.53 ? 22  TYR A CG  1 
ATOM   225  C  CD1 . TYR A 1 41  ? -7.248  5.549   13.693  1.00 41.42 ? 22  TYR A CD1 1 
ATOM   226  C  CD2 . TYR A 1 41  ? -7.142  4.793   11.430  1.00 43.36 ? 22  TYR A CD2 1 
ATOM   227  C  CE1 . TYR A 1 41  ? -8.608  5.256   13.732  1.00 37.94 ? 22  TYR A CE1 1 
ATOM   228  C  CE2 . TYR A 1 41  ? -8.496  4.505   11.460  1.00 38.56 ? 22  TYR A CE2 1 
ATOM   229  C  CZ  . TYR A 1 41  ? -9.212  4.734   12.613  1.00 39.53 ? 22  TYR A CZ  1 
ATOM   230  O  OH  . TYR A 1 41  ? -10.543 4.446   12.631  1.00 42.78 ? 22  TYR A OH  1 
ATOM   231  N  N   . CYS A 1 42  ? -4.526  2.778   11.219  1.00 33.87 ? 23  CYS A N   1 
ATOM   232  C  CA  . CYS A 1 42  ? -5.020  1.628   10.491  1.00 34.70 ? 23  CYS A CA  1 
ATOM   233  C  C   . CYS A 1 42  ? -4.530  0.319   11.063  1.00 34.04 ? 23  CYS A C   1 
ATOM   234  O  O   . CYS A 1 42  ? -5.304  -0.609  11.212  1.00 34.24 ? 23  CYS A O   1 
ATOM   235  C  CB  . CYS A 1 42  ? -4.610  1.717   9.024   1.00 35.62 ? 23  CYS A CB  1 
ATOM   236  S  SG  . CYS A 1 42  ? -5.419  3.031   8.144   1.00 36.96 ? 23  CYS A SG  1 
ATOM   237  N  N   . GLN A 1 43  ? -3.240  0.244   11.378  1.00 36.25 ? 24  GLN A N   1 
ATOM   238  C  CA  . GLN A 1 43  ? -2.663  -0.981  11.901  1.00 35.85 ? 24  GLN A CA  1 
ATOM   239  C  C   . GLN A 1 43  ? -3.018  -1.262  13.335  1.00 36.06 ? 24  GLN A C   1 
ATOM   240  O  O   . GLN A 1 43  ? -3.338  -2.394  13.684  1.00 33.93 ? 24  GLN A O   1 
ATOM   241  C  CB  . GLN A 1 43  ? -1.139  -0.945  11.809  1.00 34.86 ? 24  GLN A CB  1 
ATOM   242  C  CG  . GLN A 1 43  ? -0.603  -0.958  10.385  1.00 40.26 ? 24  GLN A CG  1 
ATOM   243  C  CD  . GLN A 1 43  ? 0.916   -0.922  10.305  1.00 35.67 ? 24  GLN A CD  1 
ATOM   244  O  OE1 . GLN A 1 43  ? 1.598   -0.336  11.165  1.00 34.57 ? 24  GLN A OE1 1 
ATOM   245  N  NE2 . GLN A 1 43  ? 1.456   -1.525  9.242   1.00 34.59 ? 24  GLN A NE2 1 
ATOM   246  N  N   . ASN A 1 44  ? -2.967  -0.221  14.160  1.00 36.08 ? 25  ASN A N   1 
ATOM   247  C  CA  . ASN A 1 44  ? -3.004  -0.417  15.599  1.00 35.64 ? 25  ASN A CA  1 
ATOM   248  C  C   . ASN A 1 44  ? -4.205  0.062   16.375  1.00 38.10 ? 25  ASN A C   1 
ATOM   249  O  O   . ASN A 1 44  ? -4.462  -0.460  17.456  1.00 41.32 ? 25  ASN A O   1 
ATOM   250  C  CB  . ASN A 1 44  ? -1.752  0.194   16.202  1.00 34.30 ? 25  ASN A CB  1 
ATOM   251  C  CG  . ASN A 1 44  ? -0.483  -0.448  15.675  1.00 38.55 ? 25  ASN A CG  1 
ATOM   252  O  OD1 . ASN A 1 44  ? -0.420  -1.656  15.542  1.00 34.97 ? 25  ASN A OD1 1 
ATOM   253  N  ND2 . ASN A 1 44  ? 0.539   0.365   15.377  1.00 34.67 ? 25  ASN A ND2 1 
ATOM   254  N  N   . ILE A 1 45  ? -4.903  1.066   15.865  1.00 36.62 ? 26  ILE A N   1 
ATOM   255  C  CA  . ILE A 1 45  ? -6.103  1.564   16.532  1.00 37.67 ? 26  ILE A CA  1 
ATOM   256  C  C   . ILE A 1 45  ? -7.309  0.856   15.934  1.00 36.87 ? 26  ILE A C   1 
ATOM   257  O  O   . ILE A 1 45  ? -8.127  0.293   16.651  1.00 36.42 ? 26  ILE A O   1 
ATOM   258  C  CB  . ILE A 1 45  ? -6.224  3.101   16.426  1.00 35.59 ? 26  ILE A CB  1 
ATOM   259  C  CG1 . ILE A 1 45  ? -5.030  3.738   17.163  1.00 37.97 ? 26  ILE A CG1 1 
ATOM   260  C  CG2 . ILE A 1 45  ? -7.569  3.563   17.045  1.00 37.71 ? 26  ILE A CG2 1 
ATOM   261  C  CD1 . ILE A 1 45  ? -4.943  5.213   17.035  1.00 43.50 ? 26  ILE A CD1 1 
ATOM   262  N  N   . GLU A 1 46  ? -7.378  0.841   14.609  1.00 35.82 ? 27  GLU A N   1 
ATOM   263  C  CA  . GLU A 1 46  ? -8.484  0.213   13.906  1.00 34.97 ? 27  GLU A CA  1 
ATOM   264  C  C   . GLU A 1 46  ? -8.357  -1.304  13.836  1.00 35.49 ? 27  GLU A C   1 
ATOM   265  O  O   . GLU A 1 46  ? -9.272  -1.997  14.248  1.00 36.98 ? 27  GLU A O   1 
ATOM   266  C  CB  . GLU A 1 46  ? -8.607  0.794   12.500  1.00 35.57 ? 27  GLU A CB  1 
ATOM   267  C  CG  . GLU A 1 46  ? -9.846  0.327   11.776  1.00 35.20 ? 27  GLU A CG  1 
ATOM   268  C  CD  . GLU A 1 46  ? -9.928  0.815   10.358  1.00 37.51 ? 27  GLU A CD  1 
ATOM   269  O  OE1 . GLU A 1 46  ? -8.892  1.024   9.699   1.00 38.67 ? 27  GLU A OE1 1 
ATOM   270  O  OE2 . GLU A 1 46  ? -11.061 0.944   9.897   1.00 39.50 ? 27  GLU A OE2 1 
ATOM   271  N  N   . ALA A 1 47  ? -7.238  -1.822  13.340  1.00 39.30 ? 28  ALA A N   1 
ATOM   272  C  CA  . ALA A 1 47  ? -7.042  -3.274  13.200  1.00 40.25 ? 28  ALA A CA  1 
ATOM   273  C  C   . ALA A 1 47  ? -6.381  -3.969  14.400  1.00 44.64 ? 28  ALA A C   1 
ATOM   274  O  O   . ALA A 1 47  ? -6.325  -5.198  14.417  1.00 47.04 ? 28  ALA A O   1 
ATOM   275  C  CB  . ALA A 1 47  ? -6.268  -3.585  11.941  1.00 40.35 ? 28  ALA A CB  1 
ATOM   276  N  N   . LYS A 1 48  ? -5.871  -3.228  15.384  1.00 44.05 ? 29  LYS A N   1 
ATOM   277  C  CA  . LYS A 1 48  ? -5.296  -3.854  16.587  1.00 45.85 ? 29  LYS A CA  1 
ATOM   278  C  C   . LYS A 1 48  ? -4.199  -4.911  16.301  1.00 44.75 ? 29  LYS A C   1 
ATOM   279  O  O   . LYS A 1 48  ? -4.146  -5.946  16.968  1.00 45.91 ? 29  LYS A O   1 
ATOM   280  C  CB  . LYS A 1 48  ? -6.400  -4.551  17.393  1.00 47.87 ? 29  LYS A CB  1 
ATOM   281  C  CG  . LYS A 1 48  ? -7.737  -3.818  17.540  1.00 54.26 ? 29  LYS A CG  1 
ATOM   282  C  CD  . LYS A 1 48  ? -7.776  -2.837  18.667  1.00 58.41 ? 29  LYS A CD  1 
ATOM   283  C  CE  . LYS A 1 48  ? -9.208  -2.366  18.861  1.00 63.68 ? 29  LYS A CE  1 
ATOM   284  N  NZ  . LYS A 1 48  ? -9.395  -1.681  20.169  1.00 73.08 ? 29  LYS A NZ  1 
ATOM   285  N  N   . LEU A 1 49  ? -3.331  -4.650  15.325  1.00 43.35 ? 30  LEU A N   1 
ATOM   286  C  CA  . LEU A 1 49  ? -2.289  -5.583  14.934  1.00 41.93 ? 30  LEU A CA  1 
ATOM   287  C  C   . LEU A 1 49  ? -0.998  -5.462  15.735  1.00 42.81 ? 30  LEU A C   1 
ATOM   288  O  O   . LEU A 1 49  ? -0.129  -6.318  15.620  1.00 43.74 ? 30  LEU A O   1 
ATOM   289  C  CB  . LEU A 1 49  ? -1.956  -5.400  13.459  1.00 42.70 ? 30  LEU A CB  1 
ATOM   290  C  CG  . LEU A 1 49  ? -3.114  -5.594  12.474  1.00 41.38 ? 30  LEU A CG  1 
ATOM   291  C  CD1 . LEU A 1 49  ? -2.727  -5.074  11.103  1.00 45.54 ? 30  LEU A CD1 1 
ATOM   292  C  CD2 . LEU A 1 49  ? -3.538  -7.046  12.406  1.00 44.45 ? 30  LEU A CD2 1 
ATOM   293  N  N   . ASP A 1 50  ? -0.869  -4.403  16.523  1.00 41.66 ? 31  ASP A N   1 
ATOM   294  C  CA  . ASP A 1 50  ? 0.329   -4.157  17.334  1.00 43.54 ? 31  ASP A CA  1 
ATOM   295  C  C   . ASP A 1 50  ? 1.630   -4.220  16.512  1.00 40.76 ? 31  ASP A C   1 
ATOM   296  O  O   . ASP A 1 50  ? 2.560   -4.941  16.846  1.00 41.68 ? 31  ASP A O   1 
ATOM   297  C  CB  . ASP A 1 50  ? 0.364   -5.116  18.543  1.00 45.69 ? 31  ASP A CB  1 
ATOM   298  C  CG  . ASP A 1 50  ? 1.473   -4.778  19.534  1.00 53.25 ? 31  ASP A CG  1 
ATOM   299  O  OD1 . ASP A 1 50  ? 1.802   -3.573  19.680  1.00 60.46 ? 31  ASP A OD1 1 
ATOM   300  O  OD2 . ASP A 1 50  ? 2.018   -5.724  20.165  1.00 63.08 ? 31  ASP A OD2 1 
ATOM   301  N  N   . ILE A 1 51  ? 1.679   -3.451  15.430  1.00 36.30 ? 32  ILE A N   1 
ATOM   302  C  CA  . ILE A 1 51  ? 2.856   -3.387  14.583  1.00 35.88 ? 32  ILE A CA  1 
ATOM   303  C  C   . ILE A 1 51  ? 3.687   -2.184  15.012  1.00 34.91 ? 32  ILE A C   1 
ATOM   304  O  O   . ILE A 1 51  ? 3.175   -1.078  15.141  1.00 34.34 ? 32  ILE A O   1 
ATOM   305  C  CB  . ILE A 1 51  ? 2.507   -3.287  13.077  1.00 35.26 ? 32  ILE A CB  1 
ATOM   306  C  CG1 . ILE A 1 51  ? 1.733   -4.530  12.635  1.00 37.43 ? 32  ILE A CG1 1 
ATOM   307  C  CG2 . ILE A 1 51  ? 3.783   -3.134  12.247  1.00 40.69 ? 32  ILE A CG2 1 
ATOM   308  C  CD1 . ILE A 1 51  ? 1.139   -4.433  11.223  1.00 37.66 ? 32  ILE A CD1 1 
ATOM   309  N  N   . LYS A 1 52  ? 4.975   -2.404  15.237  1.00 34.03 ? 33  LYS A N   1 
ATOM   310  C  CA  . LYS A 1 52  ? 5.876   -1.324  15.632  1.00 34.63 ? 33  LYS A CA  1 
ATOM   311  C  C   . LYS A 1 52  ? 6.432   -0.656  14.390  1.00 34.86 ? 33  LYS A C   1 
ATOM   312  O  O   . LYS A 1 52  ? 6.597   -1.301  13.341  1.00 34.35 ? 33  LYS A O   1 
ATOM   313  C  CB  . LYS A 1 52  ? 7.031   -1.861  16.481  1.00 34.29 ? 33  LYS A CB  1 
ATOM   314  C  CG  . LYS A 1 52  ? 6.665   -2.673  17.704  1.00 43.67 ? 33  LYS A CG  1 
ATOM   315  C  CD  . LYS A 1 52  ? 5.759   -1.958  18.680  1.00 52.17 ? 33  LYS A CD  1 
ATOM   316  C  CE  . LYS A 1 52  ? 5.380   -2.912  19.842  1.00 56.72 ? 33  LYS A CE  1 
HETATM 317  N  N   . MSE A 1 53  ? 6.735   0.635   14.499  1.00 33.83 ? 34  MSE A N   1 
HETATM 318  C  CA  . MSE A 1 53  ? 7.325   1.374   13.402  1.00 33.55 ? 34  MSE A CA  1 
HETATM 319  C  C   . MSE A 1 53  ? 8.736   0.815   13.087  1.00 33.47 ? 34  MSE A C   1 
HETATM 320  O  O   . MSE A 1 53  ? 9.170   0.849   11.937  1.00 34.22 ? 34  MSE A O   1 
HETATM 321  C  CB  . MSE A 1 53  ? 7.395   2.874   13.721  1.00 34.31 ? 34  MSE A CB  1 
HETATM 322  C  CG  . MSE A 1 53  ? 6.016   3.521   13.894  1.00 39.29 ? 34  MSE A CG  1 
HETATM 323  SE SE  . MSE A 1 53  ? 5.030   3.427   12.220  0.75 44.57 ? 34  MSE A SE  1 
HETATM 324  C  CE  . MSE A 1 53  ? 3.579   2.955   12.820  1.00 39.23 ? 34  MSE A CE  1 
ATOM   325  N  N   . ALA A 1 54  ? 9.429   0.280   14.095  1.00 34.71 ? 35  ALA A N   1 
ATOM   326  C  CA  . ALA A 1 54  ? 10.739  -0.358  13.897  1.00 34.81 ? 35  ALA A CA  1 
ATOM   327  C  C   . ALA A 1 54  ? 10.637  -1.592  12.981  1.00 35.72 ? 35  ALA A C   1 
ATOM   328  O  O   . ALA A 1 54  ? 11.629  -1.977  12.372  1.00 39.02 ? 35  ALA A O   1 
ATOM   329  C  CB  . ALA A 1 54  ? 11.378  -0.738  15.222  1.00 37.16 ? 35  ALA A CB  1 
ATOM   330  N  N   A GLU A 1 55  ? 9.447   -2.193  12.884  0.50 33.89 ? 36  GLU A N   1 
ATOM   331  N  N   B GLU A 1 55  ? 9.449   -2.177  12.872  0.50 33.38 ? 36  GLU A N   1 
ATOM   332  C  CA  A GLU A 1 55  ? 9.213   -3.327  11.993  0.50 35.52 ? 36  GLU A CA  1 
ATOM   333  C  CA  B GLU A 1 55  ? 9.227   -3.315  12.001  0.50 34.61 ? 36  GLU A CA  1 
ATOM   334  C  C   A GLU A 1 55  ? 8.969   -2.883  10.554  0.50 35.66 ? 36  GLU A C   1 
ATOM   335  C  C   B GLU A 1 55  ? 8.927   -2.884  10.569  0.50 35.17 ? 36  GLU A C   1 
ATOM   336  O  O   A GLU A 1 55  ? 8.828   -3.728  9.673   0.50 35.62 ? 36  GLU A O   1 
ATOM   337  O  O   B GLU A 1 55  ? 8.713   -3.733  9.708   0.50 35.09 ? 36  GLU A O   1 
ATOM   338  C  CB  A GLU A 1 55  ? 7.995   -4.152  12.433  0.50 36.20 ? 36  GLU A CB  1 
ATOM   339  C  CB  B GLU A 1 55  ? 8.101   -4.188  12.557  0.50 35.37 ? 36  GLU A CB  1 
ATOM   340  C  CG  A GLU A 1 55  ? 8.071   -4.759  13.813  0.50 37.96 ? 36  GLU A CG  1 
ATOM   341  C  CG  B GLU A 1 55  ? 8.440   -4.784  13.921  0.50 34.73 ? 36  GLU A CG  1 
ATOM   342  C  CD  A GLU A 1 55  ? 6.776   -5.468  14.186  0.50 39.72 ? 36  GLU A CD  1 
ATOM   343  C  CD  B GLU A 1 55  ? 7.234   -5.325  14.666  0.50 37.98 ? 36  GLU A CD  1 
ATOM   344  O  OE1 A GLU A 1 55  ? 6.336   -6.360  13.423  0.50 42.10 ? 36  GLU A OE1 1 
ATOM   345  O  OE1 B GLU A 1 55  ? 6.075   -4.974  14.310  0.50 31.24 ? 36  GLU A OE1 1 
ATOM   346  O  OE2 A GLU A 1 55  ? 6.205   -5.133  15.249  0.50 43.37 ? 36  GLU A OE2 1 
ATOM   347  O  OE2 B GLU A 1 55  ? 7.458   -6.088  15.635  0.50 45.90 ? 36  GLU A OE2 1 
ATOM   348  N  N   . GLN A 1 56  ? 8.916   -1.573  10.308  1.00 35.57 ? 37  GLN A N   1 
ATOM   349  C  CA  . GLN A 1 56  ? 8.671   -1.045  8.972   1.00 37.39 ? 37  GLN A CA  1 
ATOM   350  C  C   . GLN A 1 56  ? 9.376   0.289   8.856   1.00 35.10 ? 37  GLN A C   1 
ATOM   351  O  O   . GLN A 1 56  ? 8.790   1.303   8.483   1.00 37.22 ? 37  GLN A O   1 
ATOM   352  C  CB  . GLN A 1 56  ? 7.171   -0.934  8.709   1.00 38.10 ? 37  GLN A CB  1 
ATOM   353  C  CG  . GLN A 1 56  ? 6.420   -0.236  9.843   1.00 40.05 ? 37  GLN A CG  1 
ATOM   354  C  CD  . GLN A 1 56  ? 4.922   -0.342  9.759   1.00 40.88 ? 37  GLN A CD  1 
ATOM   355  O  OE1 . GLN A 1 56  ? 4.375   -0.951  8.837   1.00 41.78 ? 37  GLN A OE1 1 
ATOM   356  N  NE2 . GLN A 1 56  ? 4.236   0.279   10.734  1.00 36.80 ? 37  GLN A NE2 1 
ATOM   357  N  N   . ASP A 1 57  ? 10.669  0.261   9.141   1.00 35.15 ? 38  ASP A N   1 
ATOM   358  C  CA  . ASP A 1 57  ? 11.481  1.483   9.131   1.00 35.77 ? 38  ASP A CA  1 
ATOM   359  C  C   . ASP A 1 57  ? 11.732  2.066   7.718   1.00 34.64 ? 38  ASP A C   1 
ATOM   360  O  O   . ASP A 1 57  ? 12.260  3.163   7.597   1.00 33.76 ? 38  ASP A O   1 
ATOM   361  C  CB  . ASP A 1 57  ? 12.768  1.291   9.938   1.00 36.65 ? 38  ASP A CB  1 
ATOM   362  C  CG  . ASP A 1 57  ? 13.639  0.158   9.395   1.00 43.01 ? 38  ASP A CG  1 
ATOM   363  O  OD1 . ASP A 1 57  ? 13.876  0.134   8.174   1.00 49.39 ? 38  ASP A OD1 1 
ATOM   364  O  OD2 . ASP A 1 57  ? 14.062  -0.699  10.182  1.00 56.48 ? 38  ASP A OD2 1 
ATOM   365  N  N   . ASP A 1 58  ? 11.345  1.333   6.666   1.00 34.50 ? 39  ASP A N   1 
ATOM   366  C  CA  . ASP A 1 58  ? 11.318  1.860   5.281   1.00 36.38 ? 39  ASP A CA  1 
ATOM   367  C  C   . ASP A 1 58  ? 10.514  3.199   5.174   1.00 35.66 ? 39  ASP A C   1 
ATOM   368  O  O   . ASP A 1 58  ? 10.769  4.042   4.311   1.00 34.51 ? 39  ASP A O   1 
ATOM   369  C  CB  . ASP A 1 58  ? 10.718  0.823   4.300   1.00 36.97 ? 39  ASP A CB  1 
ATOM   370  C  CG  . ASP A 1 58  ? 9.406   0.173   4.818   1.00 35.22 ? 39  ASP A CG  1 
ATOM   371  O  OD1 . ASP A 1 58  ? 9.488   -0.670  5.746   1.00 38.86 ? 39  ASP A OD1 1 
ATOM   372  O  OD2 . ASP A 1 58  ? 8.315   0.449   4.284   1.00 39.88 ? 39  ASP A OD2 1 
ATOM   373  N  N   . ILE A 1 59  ? 9.560   3.376   6.077   1.00 36.49 ? 40  ILE A N   1 
ATOM   374  C  CA  . ILE A 1 59  ? 8.729   4.594   6.197   1.00 37.41 ? 40  ILE A CA  1 
ATOM   375  C  C   . ILE A 1 59  ? 9.585   5.842   6.449   1.00 34.49 ? 40  ILE A C   1 
ATOM   376  O  O   . ILE A 1 59  ? 9.219   6.943   6.032   1.00 36.09 ? 40  ILE A O   1 
ATOM   377  C  CB  . ILE A 1 59  ? 7.665   4.401   7.355   1.00 40.18 ? 40  ILE A CB  1 
ATOM   378  C  CG1 . ILE A 1 59  ? 6.648   3.311   6.968   1.00 45.79 ? 40  ILE A CG1 1 
ATOM   379  C  CG2 . ILE A 1 59  ? 6.955   5.672   7.719   1.00 46.71 ? 40  ILE A CG2 1 
ATOM   380  C  CD1 . ILE A 1 59  ? 6.024   3.493   5.637   1.00 52.70 ? 40  ILE A CD1 1 
ATOM   381  N  N   . PHE A 1 60  ? 10.726  5.651   7.107   1.00 35.76 ? 41  PHE A N   1 
ATOM   382  C  CA  . PHE A 1 60  ? 11.656  6.732   7.464   1.00 36.64 ? 41  PHE A CA  1 
ATOM   383  C  C   . PHE A 1 60  ? 12.801  6.917   6.450   1.00 36.46 ? 41  PHE A C   1 
ATOM   384  O  O   . PHE A 1 60  ? 13.677  7.759   6.626   1.00 35.45 ? 41  PHE A O   1 
ATOM   385  C  CB  . PHE A 1 60  ? 12.154  6.509   8.915   1.00 35.79 ? 41  PHE A CB  1 
ATOM   386  C  CG  . PHE A 1 60  ? 11.023  6.390   9.892   1.00 33.77 ? 41  PHE A CG  1 
ATOM   387  C  CD1 . PHE A 1 60  ? 10.329  7.510   10.306  1.00 41.89 ? 41  PHE A CD1 1 
ATOM   388  C  CD2 . PHE A 1 60  ? 10.574  5.160   10.303  1.00 34.57 ? 41  PHE A CD2 1 
ATOM   389  C  CE1 . PHE A 1 60  ? 9.243   7.405   11.149  1.00 40.80 ? 41  PHE A CE1 1 
ATOM   390  C  CE2 . PHE A 1 60  ? 9.475   5.049   11.155  1.00 37.00 ? 41  PHE A CE2 1 
ATOM   391  C  CZ  . PHE A 1 60  ? 8.807   6.174   11.573  1.00 38.20 ? 41  PHE A CZ  1 
ATOM   392  N  N   . GLN A 1 61  ? 12.761  6.145   5.367   1.00 37.01 ? 42  GLN A N   1 
ATOM   393  C  CA  . GLN A 1 61  ? 13.758  6.219   4.303   1.00 35.53 ? 42  GLN A CA  1 
ATOM   394  C  C   . GLN A 1 61  ? 13.074  5.869   2.991   1.00 32.61 ? 42  GLN A C   1 
ATOM   395  O  O   . GLN A 1 61  ? 13.559  5.031   2.241   1.00 31.71 ? 42  GLN A O   1 
ATOM   396  C  CB  . GLN A 1 61  ? 14.927  5.276   4.594   1.00 35.88 ? 42  GLN A CB  1 
ATOM   397  C  CG  . GLN A 1 61  ? 14.545  3.833   4.915   1.00 38.18 ? 42  GLN A CG  1 
ATOM   398  C  CD  . GLN A 1 61  ? 15.725  3.013   5.459   1.00 38.90 ? 42  GLN A CD  1 
ATOM   399  O  OE1 . GLN A 1 61  ? 16.820  3.108   4.949   1.00 45.83 ? 42  GLN A OE1 1 
ATOM   400  N  NE2 . GLN A 1 61  ? 15.480  2.203   6.491   1.00 44.12 ? 42  GLN A NE2 1 
ATOM   401  N  N   . ILE A 1 62  ? 11.950  6.532   2.724   1.00 33.02 ? 43  ILE A N   1 
ATOM   402  C  CA  . ILE A 1 62  ? 11.134  6.250   1.531   1.00 34.42 ? 43  ILE A CA  1 
ATOM   403  C  C   . ILE A 1 62  ? 11.901  6.436   0.233   1.00 35.91 ? 43  ILE A C   1 
ATOM   404  O  O   . ILE A 1 62  ? 11.797  5.596   -0.661  1.00 33.86 ? 43  ILE A O   1 
ATOM   405  C  CB  . ILE A 1 62  ? 9.816   7.067   1.526   1.00 35.06 ? 43  ILE A CB  1 
ATOM   406  C  CG1 . ILE A 1 62  ? 8.870   6.498   2.590   1.00 34.18 ? 43  ILE A CG1 1 
ATOM   407  C  CG2 . ILE A 1 62  ? 9.157   7.036   0.165   1.00 35.20 ? 43  ILE A CG2 1 
ATOM   408  C  CD1 . ILE A 1 62  ? 7.673   7.357   2.901   1.00 37.02 ? 43  ILE A CD1 1 
ATOM   409  N  N   . GLU A 1 63  ? 12.668  7.524   0.130   1.00 36.02 ? 44  GLU A N   1 
ATOM   410  C  CA  . GLU A 1 63  ? 13.428  7.807   -1.083  1.00 39.85 ? 44  GLU A CA  1 
ATOM   411  C  C   . GLU A 1 63  ? 14.433  6.697   -1.411  1.00 37.34 ? 44  GLU A C   1 
ATOM   412  O  O   . GLU A 1 63  ? 14.495  6.227   -2.534  1.00 39.20 ? 44  GLU A O   1 
ATOM   413  C  CB  . GLU A 1 63  ? 14.106  9.185   -0.995  1.00 38.29 ? 44  GLU A CB  1 
ATOM   414  C  CG  . GLU A 1 63  ? 14.832  9.614   -2.270  1.00 49.64 ? 44  GLU A CG  1 
ATOM   415  C  CD  . GLU A 1 63  ? 15.459  11.019  -2.195  1.00 49.26 ? 44  GLU A CD  1 
ATOM   416  O  OE1 . GLU A 1 63  ? 15.221  11.752  -1.205  1.00 61.60 ? 44  GLU A OE1 1 
ATOM   417  O  OE2 . GLU A 1 63  ? 16.190  11.381  -3.150  1.00 64.66 ? 44  GLU A OE2 1 
ATOM   418  N  N   . ASN A 1 64  ? 15.199  6.262   -0.431  1.00 37.00 ? 45  ASN A N   1 
ATOM   419  C  CA  . ASN A 1 64  ? 16.181  5.223   -0.667  1.00 38.27 ? 45  ASN A CA  1 
ATOM   420  C  C   . ASN A 1 64  ? 15.600  3.838   -0.823  1.00 36.42 ? 45  ASN A C   1 
ATOM   421  O  O   . ASN A 1 64  ? 16.089  3.064   -1.615  1.00 37.27 ? 45  ASN A O   1 
ATOM   422  C  CB  . ASN A 1 64  ? 17.205  5.191   0.463   1.00 38.63 ? 45  ASN A CB  1 
ATOM   423  C  CG  . ASN A 1 64  ? 18.128  6.395   0.448   1.00 46.26 ? 45  ASN A CG  1 
ATOM   424  O  OD1 . ASN A 1 64  ? 18.057  7.246   -0.440  1.00 56.38 ? 45  ASN A OD1 1 
ATOM   425  N  ND2 . ASN A 1 64  ? 19.010  6.465   1.431   1.00 55.07 ? 45  ASN A ND2 1 
ATOM   426  N  N   . TYR A 1 65  ? 14.551  3.536   -0.067  1.00 37.41 ? 46  TYR A N   1 
ATOM   427  C  CA  . TYR A 1 65  ? 13.990  2.198   -0.046  1.00 35.76 ? 46  TYR A CA  1 
ATOM   428  C  C   . TYR A 1 65  ? 13.096  1.956   -1.245  1.00 35.11 ? 46  TYR A C   1 
ATOM   429  O  O   . TYR A 1 65  ? 13.169  0.911   -1.863  1.00 32.17 ? 46  TYR A O   1 
ATOM   430  C  CB  . TYR A 1 65  ? 13.252  1.987   1.267   1.00 37.66 ? 46  TYR A CB  1 
ATOM   431  C  CG  . TYR A 1 65  ? 12.813  0.574   1.539   1.00 36.33 ? 46  TYR A CG  1 
ATOM   432  C  CD1 . TYR A 1 65  ? 11.614  0.086   1.012   1.00 39.47 ? 46  TYR A CD1 1 
ATOM   433  C  CD2 . TYR A 1 65  ? 13.564  -0.257  2.369   1.00 40.17 ? 46  TYR A CD2 1 
ATOM   434  C  CE1 . TYR A 1 65  ? 11.187  -1.183  1.277   1.00 42.73 ? 46  TYR A CE1 1 
ATOM   435  C  CE2 . TYR A 1 65  ? 13.148  -1.552  2.622   1.00 39.02 ? 46  TYR A CE2 1 
ATOM   436  C  CZ  . TYR A 1 65  ? 11.965  -1.998  2.077   1.00 41.90 ? 46  TYR A CZ  1 
ATOM   437  O  OH  . TYR A 1 65  ? 11.516  -3.267  2.322   1.00 51.96 ? 46  TYR A OH  1 
ATOM   438  N  N   . TYR A 1 66  ? 12.245  2.925   -1.572  1.00 35.20 ? 47  TYR A N   1 
ATOM   439  C  CA  . TYR A 1 66  ? 11.303  2.782   -2.684  1.00 33.76 ? 47  TYR A CA  1 
ATOM   440  C  C   . TYR A 1 66  ? 11.750  3.493   -3.952  1.00 34.24 ? 47  TYR A C   1 
ATOM   441  O  O   . TYR A 1 66  ? 12.000  2.864   -4.971  1.00 32.10 ? 47  TYR A O   1 
ATOM   442  C  CB  . TYR A 1 66  ? 9.901   3.316   -2.292  1.00 33.61 ? 47  TYR A CB  1 
ATOM   443  C  CG  . TYR A 1 66  ? 9.240   2.526   -1.192  1.00 31.42 ? 47  TYR A CG  1 
ATOM   444  C  CD1 . TYR A 1 66  ? 8.567   1.354   -1.469  1.00 27.66 ? 47  TYR A CD1 1 
ATOM   445  C  CD2 . TYR A 1 66  ? 9.338   2.921   0.129   1.00 32.36 ? 47  TYR A CD2 1 
ATOM   446  C  CE1 . TYR A 1 66  ? 7.965   0.604   -0.458  1.00 33.72 ? 47  TYR A CE1 1 
ATOM   447  C  CE2 . TYR A 1 66  ? 8.738   2.189   1.143   1.00 33.35 ? 47  TYR A CE2 1 
ATOM   448  C  CZ  . TYR A 1 66  ? 8.054   1.030   0.838   1.00 35.82 ? 47  TYR A CZ  1 
ATOM   449  O  OH  . TYR A 1 66  ? 7.492   0.299   1.855   1.00 39.52 ? 47  TYR A OH  1 
ATOM   450  N  N   . GLN A 1 67  ? 11.880  4.810   -3.852  1.00 33.66 ? 48  GLN A N   1 
ATOM   451  C  CA  . GLN A 1 67  ? 12.058  5.662   -5.019  1.00 33.64 ? 48  GLN A CA  1 
ATOM   452  C  C   . GLN A 1 67  ? 13.364  5.519   -5.786  1.00 33.13 ? 48  GLN A C   1 
ATOM   453  O  O   . GLN A 1 67  ? 13.351  5.583   -7.002  1.00 33.03 ? 48  GLN A O   1 
ATOM   454  C  CB  . GLN A 1 67  ? 11.777  7.117   -4.632  1.00 32.50 ? 48  GLN A CB  1 
ATOM   455  C  CG  . GLN A 1 67  ? 10.334  7.305   -4.149  1.00 32.08 ? 48  GLN A CG  1 
ATOM   456  C  CD  . GLN A 1 67  ? 10.070  8.685   -3.582  1.00 35.01 ? 48  GLN A CD  1 
ATOM   457  O  OE1 . GLN A 1 67  ? 10.928  9.262   -2.905  1.00 37.20 ? 48  GLN A OE1 1 
ATOM   458  N  NE2 . GLN A 1 67  ? 8.872   9.209   -3.829  1.00 31.66 ? 48  GLN A NE2 1 
ATOM   459  N  N   . ASN A 1 68  ? 14.473  5.311   -5.083  1.00 34.88 ? 49  ASN A N   1 
ATOM   460  C  CA  . ASN A 1 68  ? 15.766  5.139   -5.724  1.00 35.70 ? 49  ASN A CA  1 
ATOM   461  C  C   . ASN A 1 68  ? 15.988  3.727   -6.249  1.00 35.44 ? 49  ASN A C   1 
ATOM   462  O  O   . ASN A 1 68  ? 16.982  3.482   -6.915  1.00 37.15 ? 49  ASN A O   1 
ATOM   463  C  CB  . ASN A 1 68  ? 16.905  5.536   -4.776  1.00 36.76 ? 49  ASN A CB  1 
ATOM   464  C  CG  . ASN A 1 68  ? 16.927  7.036   -4.478  1.00 41.53 ? 49  ASN A CG  1 
ATOM   465  O  OD1 . ASN A 1 68  ? 16.267  7.836   -5.154  1.00 42.07 ? 49  ASN A OD1 1 
ATOM   466  N  ND2 . ASN A 1 68  ? 17.702  7.420   -3.474  1.00 47.97 ? 49  ASN A ND2 1 
ATOM   467  N  N   . ARG A 1 69  ? 15.070  2.808   -5.960  1.00 34.20 ? 50  ARG A N   1 
ATOM   468  C  CA  . ARG A 1 69  ? 15.196  1.432   -6.421  1.00 33.69 ? 50  ARG A CA  1 
ATOM   469  C  C   . ARG A 1 69  ? 14.052  1.026   -7.339  1.00 32.07 ? 50  ARG A C   1 
ATOM   470  O  O   . ARG A 1 69  ? 13.547  -0.075  -7.232  1.00 33.73 ? 50  ARG A O   1 
ATOM   471  C  CB  . ARG A 1 69  ? 15.282  0.492   -5.214  1.00 34.26 ? 50  ARG A CB  1 
ATOM   472  C  CG  . ARG A 1 69  ? 16.448  0.813   -4.277  1.00 35.03 ? 50  ARG A CG  1 
ATOM   473  C  CD  . ARG A 1 69  ? 16.690  -0.333  -3.308  1.00 37.96 ? 50  ARG A CD  1 
ATOM   474  N  NE  . ARG A 1 69  ? 15.552  -0.558  -2.416  1.00 45.91 ? 50  ARG A NE  1 
ATOM   475  C  CZ  . ARG A 1 69  ? 15.380  -1.640  -1.646  1.00 49.96 ? 50  ARG A CZ  1 
ATOM   476  N  NH1 . ARG A 1 69  ? 16.270  -2.627  -1.639  1.00 54.39 ? 50  ARG A NH1 1 
ATOM   477  N  NH2 . ARG A 1 69  ? 14.302  -1.749  -0.868  1.00 42.06 ? 50  ARG A NH2 1 
ATOM   478  N  N   . LYS A 1 70  ? 13.652  1.931   -8.235  1.00 32.53 ? 51  LYS A N   1 
ATOM   479  C  CA  . LYS A 1 70  ? 12.606  1.691   -9.245  1.00 32.30 ? 51  LYS A CA  1 
ATOM   480  C  C   . LYS A 1 70  ? 11.212  1.368   -8.684  1.00 32.77 ? 51  LYS A C   1 
ATOM   481  O  O   . LYS A 1 70  ? 10.358  0.777   -9.367  1.00 30.98 ? 51  LYS A O   1 
ATOM   482  C  CB  . LYS A 1 70  ? 13.065  0.621   -10.238 1.00 34.41 ? 51  LYS A CB  1 
ATOM   483  C  CG  . LYS A 1 70  ? 14.330  1.010   -10.977 1.00 35.29 ? 51  LYS A CG  1 
ATOM   484  C  CD  . LYS A 1 70  ? 14.842  -0.136  -11.825 1.00 41.36 ? 51  LYS A CD  1 
ATOM   485  C  CE  . LYS A 1 70  ? 16.170  0.199   -12.450 1.00 45.41 ? 51  LYS A CE  1 
ATOM   486  N  NZ  . LYS A 1 70  ? 16.817  -1.028  -13.022 1.00 50.07 ? 51  LYS A NZ  1 
ATOM   487  N  N   . GLY A 1 71  ? 10.986  1.777   -7.439  1.00 30.18 ? 52  GLY A N   1 
ATOM   488  C  CA  . GLY A 1 71  ? 9.704   1.611   -6.806  1.00 30.95 ? 52  GLY A CA  1 
ATOM   489  C  C   . GLY A 1 71  ? 9.126   3.007   -6.671  1.00 31.52 ? 52  GLY A C   1 
ATOM   490  O  O   . GLY A 1 71  ? 9.617   3.960   -7.268  1.00 29.34 ? 52  GLY A O   1 
ATOM   491  N  N   . GLN A 1 72  ? 8.087   3.137   -5.874  1.00 31.18 ? 53  GLN A N   1 
ATOM   492  C  CA  . GLN A 1 72  ? 7.471   4.421   -5.702  1.00 33.18 ? 53  GLN A CA  1 
ATOM   493  C  C   . GLN A 1 72  ? 6.616   4.384   -4.443  1.00 32.90 ? 53  GLN A C   1 
ATOM   494  O  O   . GLN A 1 72  ? 6.320   3.309   -3.905  1.00 32.56 ? 53  GLN A O   1 
ATOM   495  C  CB  . GLN A 1 72  ? 6.706   4.798   -6.990  1.00 33.28 ? 53  GLN A CB  1 
ATOM   496  C  CG  . GLN A 1 72  ? 6.236   6.233   -7.084  1.00 39.38 ? 53  GLN A CG  1 
ATOM   497  C  CD  . GLN A 1 72  ? 7.316   7.220   -6.741  1.00 35.26 ? 53  GLN A CD  1 
ATOM   498  O  OE1 . GLN A 1 72  ? 7.413   7.663   -5.594  1.00 33.50 ? 53  GLN A OE1 1 
ATOM   499  N  NE2 . GLN A 1 72  ? 8.164   7.525   -7.697  1.00 32.68 ? 53  GLN A NE2 1 
ATOM   500  N  N   . PHE A 1 73  ? 6.310   5.568   -3.924  1.00 35.48 ? 54  PHE A N   1 
ATOM   501  C  CA  . PHE A 1 73  ? 5.506   5.722   -2.727  1.00 33.75 ? 54  PHE A CA  1 
ATOM   502  C  C   . PHE A 1 73  ? 4.603   6.924   -2.963  1.00 34.29 ? 54  PHE A C   1 
ATOM   503  O  O   . PHE A 1 73  ? 5.090   8.009   -3.251  1.00 34.11 ? 54  PHE A O   1 
ATOM   504  C  CB  . PHE A 1 73  ? 6.383   5.932   -1.486  1.00 35.23 ? 54  PHE A CB  1 
ATOM   505  C  CG  . PHE A 1 73  ? 5.665   5.674   -0.176  1.00 33.02 ? 54  PHE A CG  1 
ATOM   506  C  CD1 . PHE A 1 73  ? 4.679   6.537   0.287   1.00 35.15 ? 54  PHE A CD1 1 
ATOM   507  C  CD2 . PHE A 1 73  ? 5.986   4.572   0.602   1.00 34.88 ? 54  PHE A CD2 1 
ATOM   508  C  CE1 . PHE A 1 73  ? 4.013   6.281   1.490   1.00 35.31 ? 54  PHE A CE1 1 
ATOM   509  C  CE2 . PHE A 1 73  ? 5.344   4.323   1.789   1.00 32.91 ? 54  PHE A CE2 1 
ATOM   510  C  CZ  . PHE A 1 73  ? 4.339   5.174   2.229   1.00 35.35 ? 54  PHE A CZ  1 
ATOM   511  N  N   . TRP A 1 74  ? 3.287   6.726   -2.847  1.00 34.04 ? 55  TRP A N   1 
ATOM   512  C  CA  . TRP A 1 74  ? 2.335   7.809   -3.047  1.00 34.07 ? 55  TRP A CA  1 
ATOM   513  C  C   . TRP A 1 74  ? 1.571   8.158   -1.783  1.00 34.25 ? 55  TRP A C   1 
ATOM   514  O  O   . TRP A 1 74  ? 1.229   7.295   -0.984  1.00 34.91 ? 55  TRP A O   1 
ATOM   515  C  CB  . TRP A 1 74  ? 1.294   7.455   -4.113  1.00 34.29 ? 55  TRP A CB  1 
ATOM   516  C  CG  . TRP A 1 74  ? 1.840   7.187   -5.496  1.00 35.64 ? 55  TRP A CG  1 
ATOM   517  C  CD1 . TRP A 1 74  ? 1.981   8.085   -6.510  1.00 36.48 ? 55  TRP A CD1 1 
ATOM   518  C  CD2 . TRP A 1 74  ? 2.307   5.928   -6.007  1.00 35.14 ? 55  TRP A CD2 1 
ATOM   519  N  NE1 . TRP A 1 74  ? 2.492   7.470   -7.617  1.00 36.19 ? 55  TRP A NE1 1 
ATOM   520  C  CE2 . TRP A 1 74  ? 2.700   6.147   -7.343  1.00 36.16 ? 55  TRP A CE2 1 
ATOM   521  C  CE3 . TRP A 1 74  ? 2.424   4.634   -5.465  1.00 31.66 ? 55  TRP A CE3 1 
ATOM   522  C  CZ2 . TRP A 1 74  ? 3.205   5.127   -8.151  1.00 33.82 ? 55  TRP A CZ2 1 
ATOM   523  C  CZ3 . TRP A 1 74  ? 2.906   3.625   -6.261  1.00 33.64 ? 55  TRP A CZ3 1 
ATOM   524  C  CH2 . TRP A 1 74  ? 3.299   3.876   -7.598  1.00 36.34 ? 55  TRP A CH2 1 
ATOM   525  N  N   . ILE A 1 75  ? 1.263   9.436   -1.649  1.00 33.66 ? 56  ILE A N   1 
ATOM   526  C  CA  . ILE A 1 75  ? 0.409   9.900   -0.572  1.00 34.73 ? 56  ILE A CA  1 
ATOM   527  C  C   . ILE A 1 75  ? -0.820  10.629  -1.146  1.00 33.15 ? 56  ILE A C   1 
ATOM   528  O  O   . ILE A 1 75  ? -0.723  11.354  -2.134  1.00 31.77 ? 56  ILE A O   1 
ATOM   529  C  CB  . ILE A 1 75  ? 1.152   10.813  0.458   1.00 33.05 ? 56  ILE A CB  1 
ATOM   530  C  CG1 . ILE A 1 75  ? 1.869   11.974  -0.266  1.00 34.47 ? 56  ILE A CG1 1 
ATOM   531  C  CG2 . ILE A 1 75  ? 2.096   9.981   1.333   1.00 34.16 ? 56  ILE A CG2 1 
ATOM   532  C  CD1 . ILE A 1 75  ? 2.553   12.963  0.658   1.00 40.24 ? 56  ILE A CD1 1 
ATOM   533  N  N   . ALA A 1 76  ? -1.977  10.394  -0.526  1.00 34.31 ? 57  ALA A N   1 
ATOM   534  C  CA  . ALA A 1 76  ? -3.198  11.118  -0.856  1.00 34.01 ? 57  ALA A CA  1 
ATOM   535  C  C   . ALA A 1 76  ? -3.297  12.230  0.154   1.00 34.71 ? 57  ALA A C   1 
ATOM   536  O  O   . ALA A 1 76  ? -3.174  11.996  1.366   1.00 35.17 ? 57  ALA A O   1 
ATOM   537  C  CB  . ALA A 1 76  ? -4.415  10.236  -0.749  1.00 33.50 ? 57  ALA A CB  1 
ATOM   538  N  N   . LEU A 1 77  ? -3.560  13.431  -0.336  1.00 36.53 ? 58  LEU A N   1 
ATOM   539  C  CA  . LEU A 1 77  ? -3.681  14.603  0.502   1.00 38.48 ? 58  LEU A CA  1 
ATOM   540  C  C   . LEU A 1 77  ? -5.062  15.233  0.374   1.00 40.58 ? 58  LEU A C   1 
ATOM   541  O  O   . LEU A 1 77  ? -5.558  15.396  -0.732  1.00 41.19 ? 58  LEU A O   1 
ATOM   542  C  CB  . LEU A 1 77  ? -2.641  15.625  0.065   1.00 40.65 ? 58  LEU A CB  1 
ATOM   543  C  CG  . LEU A 1 77  ? -1.189  15.153  0.118   1.00 39.15 ? 58  LEU A CG  1 
ATOM   544  C  CD1 . LEU A 1 77  ? -0.312  15.976  -0.768  1.00 41.03 ? 58  LEU A CD1 1 
ATOM   545  C  CD2 . LEU A 1 77  ? -0.696  15.193  1.532   1.00 42.08 ? 58  LEU A CD2 1 
ATOM   546  N  N   . GLU A 1 78  ? -5.711  15.499  1.497   1.00 42.00 ? 59  GLU A N   1 
ATOM   547  C  CA  . GLU A 1 78  ? -6.929  16.287  1.497   1.00 43.23 ? 59  GLU A CA  1 
ATOM   548  C  C   . GLU A 1 78  ? -6.581  17.526  2.295   1.00 44.17 ? 59  GLU A C   1 
ATOM   549  O  O   . GLU A 1 78  ? -6.272  17.440  3.498   1.00 42.12 ? 59  GLU A O   1 
ATOM   550  C  CB  . GLU A 1 78  ? -8.120  15.607  2.129   1.00 43.46 ? 59  GLU A CB  1 
ATOM   551  C  CG  . GLU A 1 78  ? -9.395  16.406  1.790   1.00 52.15 ? 59  GLU A CG  1 
ATOM   552  C  CD  . GLU A 1 78  ? -10.570 16.049  2.644   1.00 61.17 ? 59  GLU A CD  1 
ATOM   553  O  OE1 . GLU A 1 78  ? -10.367 15.636  3.806   1.00 62.77 ? 59  GLU A OE1 1 
ATOM   554  O  OE2 . GLU A 1 78  ? -11.704 16.216  2.155   1.00 72.69 ? 59  GLU A OE2 1 
ATOM   555  N  N   . ASN A 1 79  ? -6.614  18.669  1.607   1.00 48.08 ? 60  ASN A N   1 
ATOM   556  C  CA  . ASN A 1 79  ? -6.254  19.949  2.192   1.00 50.08 ? 60  ASN A CA  1 
ATOM   557  C  C   . ASN A 1 79  ? -4.847  19.879  2.760   1.00 49.86 ? 60  ASN A C   1 
ATOM   558  O  O   . ASN A 1 79  ? -4.587  20.298  3.883   1.00 49.39 ? 60  ASN A O   1 
ATOM   559  C  CB  . ASN A 1 79  ? -7.294  20.372  3.230   1.00 50.40 ? 60  ASN A CB  1 
ATOM   560  C  CG  . ASN A 1 79  ? -8.686  20.495  2.626   1.00 56.71 ? 60  ASN A CG  1 
ATOM   561  O  OD1 . ASN A 1 79  ? -8.841  20.769  1.426   1.00 56.69 ? 60  ASN A OD1 1 
ATOM   562  N  ND2 . ASN A 1 79  ? -9.705  20.301  3.455   1.00 62.90 ? 60  ASN A ND2 1 
ATOM   563  N  N   . GLU A 1 80  ? -3.951  19.317  1.953   1.00 51.84 ? 61  GLU A N   1 
ATOM   564  C  CA  . GLU A 1 80  ? -2.535  19.146  2.303   1.00 54.66 ? 61  GLU A CA  1 
ATOM   565  C  C   . GLU A 1 80  ? -2.221  18.306  3.562   1.00 53.54 ? 61  GLU A C   1 
ATOM   566  O  O   . GLU A 1 80  ? -1.110  18.386  4.109   1.00 57.82 ? 61  GLU A O   1 
ATOM   567  C  CB  . GLU A 1 80  ? -1.832  20.509  2.327   1.00 55.50 ? 61  GLU A CB  1 
ATOM   568  C  CG  . GLU A 1 80  ? -1.758  21.171  0.934   1.00 62.23 ? 61  GLU A CG  1 
ATOM   569  C  CD  . GLU A 1 80  ? -0.838  20.423  -0.041  1.00 71.11 ? 61  GLU A CD  1 
ATOM   570  O  OE1 . GLU A 1 80  ? 0.119   19.740  0.421   1.00 73.35 ? 61  GLU A OE1 1 
ATOM   571  O  OE2 . GLU A 1 80  ? -1.074  20.539  -1.266  1.00 73.43 ? 61  GLU A OE2 1 
ATOM   572  N  N   . LYS A 1 81  ? -3.183  17.479  3.978   1.00 49.70 ? 62  LYS A N   1 
ATOM   573  C  CA  . LYS A 1 81  ? -3.005  16.532  5.071   1.00 45.29 ? 62  LYS A CA  1 
ATOM   574  C  C   . LYS A 1 81  ? -3.090  15.108  4.494   1.00 39.51 ? 62  LYS A C   1 
ATOM   575  O  O   . LYS A 1 81  ? -3.953  14.798  3.674   1.00 37.02 ? 62  LYS A O   1 
ATOM   576  C  CB  . LYS A 1 81  ? -4.011  16.784  6.206   1.00 45.59 ? 62  LYS A CB  1 
ATOM   577  C  CG  . LYS A 1 81  ? -3.889  18.214  6.792   1.00 51.78 ? 62  LYS A CG  1 
ATOM   578  C  CD  . LYS A 1 81  ? -4.561  18.404  8.160   1.00 51.83 ? 62  LYS A CD  1 
ATOM   579  N  N   . VAL A 1 82  ? -2.155  14.259  4.902   1.00 38.88 ? 63  VAL A N   1 
ATOM   580  C  CA  . VAL A 1 82  ? -2.066  12.883  4.407   1.00 38.00 ? 63  VAL A CA  1 
ATOM   581  C  C   . VAL A 1 82  ? -3.252  12.080  4.949   1.00 36.01 ? 63  VAL A C   1 
ATOM   582  O  O   . VAL A 1 82  ? -3.451  11.994  6.150   1.00 36.82 ? 63  VAL A O   1 
ATOM   583  C  CB  . VAL A 1 82  ? -0.760  12.196  4.825   1.00 36.42 ? 63  VAL A CB  1 
ATOM   584  C  CG1 . VAL A 1 82  ? -0.762  10.719  4.423   1.00 35.55 ? 63  VAL A CG1 1 
ATOM   585  C  CG2 . VAL A 1 82  ? 0.453   12.899  4.226   1.00 38.42 ? 63  VAL A CG2 1 
ATOM   586  N  N   . VAL A 1 83  ? -4.032  11.522  4.034   1.00 35.51 ? 64  VAL A N   1 
ATOM   587  C  CA  . VAL A 1 83  ? -5.198  10.716  4.376   1.00 33.56 ? 64  VAL A CA  1 
ATOM   588  C  C   . VAL A 1 83  ? -5.196  9.319   3.731   1.00 33.93 ? 64  VAL A C   1 
ATOM   589  O  O   . VAL A 1 83  ? -6.067  8.500   4.030   1.00 33.49 ? 64  VAL A O   1 
ATOM   590  C  CB  . VAL A 1 83  ? -6.522  11.467  4.101   1.00 33.18 ? 64  VAL A CB  1 
ATOM   591  C  CG1 . VAL A 1 83  ? -6.634  12.680  5.014   1.00 33.53 ? 64  VAL A CG1 1 
ATOM   592  C  CG2 . VAL A 1 83  ? -6.668  11.874  2.637   1.00 34.35 ? 64  VAL A CG2 1 
ATOM   593  N  N   . GLY A 1 84  ? -4.187  9.026   2.914   1.00 35.20 ? 65  GLY A N   1 
ATOM   594  C  CA  . GLY A 1 84  ? -4.047  7.735   2.285   1.00 35.78 ? 65  GLY A CA  1 
ATOM   595  C  C   . GLY A 1 84  ? -2.634  7.556   1.787   1.00 36.63 ? 65  GLY A C   1 
ATOM   596  O  O   . GLY A 1 84  ? -1.891  8.542   1.634   1.00 33.37 ? 65  GLY A O   1 
ATOM   597  N  N   . SER A 1 85  ? -2.252  6.300   1.572   1.00 36.09 ? 66  SER A N   1 
ATOM   598  C  CA  . SER A 1 85  ? -0.938  5.979   1.050   1.00 33.50 ? 66  SER A CA  1 
ATOM   599  C  C   . SER A 1 85  ? -0.967  4.665   0.291   1.00 33.09 ? 66  SER A C   1 
ATOM   600  O  O   . SER A 1 85  ? -1.841  3.820   0.515   1.00 32.43 ? 66  SER A O   1 
ATOM   601  C  CB  . SER A 1 85  ? 0.099   5.905   2.196   1.00 34.95 ? 66  SER A CB  1 
ATOM   602  O  OG  . SER A 1 85  ? -0.117  4.817   3.085   1.00 33.74 ? 66  SER A OG  1 
ATOM   603  N  N   . ILE A 1 86  ? -0.024  4.510   -0.636  1.00 35.02 ? 67  ILE A N   1 
ATOM   604  C  CA  . ILE A 1 86  ? 0.225   3.238   -1.294  1.00 32.66 ? 67  ILE A CA  1 
ATOM   605  C  C   . ILE A 1 86  ? 1.679   3.258   -1.808  1.00 34.13 ? 67  ILE A C   1 
ATOM   606  O  O   . ILE A 1 86  ? 2.214   4.309   -2.107  1.00 33.42 ? 67  ILE A O   1 
ATOM   607  C  CB  . ILE A 1 86  ? -0.779  2.920   -2.411  1.00 34.36 ? 67  ILE A CB  1 
ATOM   608  C  CG1 . ILE A 1 86  ? -0.772  1.414   -2.711  1.00 34.17 ? 67  ILE A CG1 1 
ATOM   609  C  CG2 . ILE A 1 86  ? -0.501  3.740   -3.666  1.00 35.28 ? 67  ILE A CG2 1 
ATOM   610  C  CD1 . ILE A 1 86  ? -1.930  0.967   -3.609  1.00 35.71 ? 67  ILE A CD1 1 
ATOM   611  N  N   . ALA A 1 87  ? 2.306   2.090   -1.893  1.00 33.01 ? 68  ALA A N   1 
ATOM   612  C  CA  . ALA A 1 87  ? 3.690   1.993   -2.327  1.00 33.74 ? 68  ALA A CA  1 
ATOM   613  C  C   . ALA A 1 87  ? 3.876   0.794   -3.211  1.00 32.77 ? 68  ALA A C   1 
ATOM   614  O  O   . ALA A 1 87  ? 3.166   -0.207  -3.081  1.00 32.85 ? 68  ALA A O   1 
ATOM   615  C  CB  . ALA A 1 87  ? 4.610   1.858   -1.116  1.00 34.62 ? 68  ALA A CB  1 
ATOM   616  N  N   . LEU A 1 88  ? 4.838   0.916   -4.110  1.00 32.81 ? 69  LEU A N   1 
ATOM   617  C  CA  . LEU A 1 88  ? 5.246   -0.161  -4.983  1.00 34.07 ? 69  LEU A CA  1 
ATOM   618  C  C   . LEU A 1 88  ? 6.710   -0.429  -4.698  1.00 32.69 ? 69  LEU A C   1 
ATOM   619  O  O   . LEU A 1 88  ? 7.526   0.494   -4.726  1.00 32.84 ? 69  LEU A O   1 
ATOM   620  C  CB  . LEU A 1 88  ? 5.031   0.198   -6.466  1.00 33.34 ? 69  LEU A CB  1 
ATOM   621  C  CG  . LEU A 1 88  ? 5.389   -0.874  -7.499  1.00 35.23 ? 69  LEU A CG  1 
ATOM   622  C  CD1 . LEU A 1 88  ? 4.565   -0.734  -8.756  1.00 39.66 ? 69  LEU A CD1 1 
ATOM   623  C  CD2 . LEU A 1 88  ? 6.891   -0.909  -7.844  1.00 38.80 ? 69  LEU A CD2 1 
ATOM   624  N  N   . LEU A 1 89  ? 7.030   -1.700  -4.424  1.00 33.24 ? 70  LEU A N   1 
ATOM   625  C  CA  . LEU A 1 89  ? 8.400   -2.158  -4.200  1.00 34.08 ? 70  LEU A CA  1 
ATOM   626  C  C   . LEU A 1 89  ? 8.763   -3.100  -5.329  1.00 32.87 ? 70  LEU A C   1 
ATOM   627  O  O   . LEU A 1 89  ? 8.103   -4.107  -5.522  1.00 33.63 ? 70  LEU A O   1 
ATOM   628  C  CB  . LEU A 1 89  ? 8.522   -2.899  -2.849  1.00 33.36 ? 70  LEU A CB  1 
ATOM   629  C  CG  . LEU A 1 89  ? 9.901   -3.466  -2.487  1.00 34.79 ? 70  LEU A CG  1 
ATOM   630  C  CD1 . LEU A 1 89  ? 10.914  -2.342  -2.230  1.00 33.90 ? 70  LEU A CD1 1 
ATOM   631  C  CD2 . LEU A 1 89  ? 9.828   -4.383  -1.254  1.00 35.71 ? 70  LEU A CD2 1 
ATOM   632  N  N   . ARG A 1 90  ? 9.810   -2.777  -6.084  1.00 34.51 ? 71  ARG A N   1 
ATOM   633  C  CA  . ARG A 1 90  ? 10.267  -3.655  -7.156  1.00 33.59 ? 71  ARG A CA  1 
ATOM   634  C  C   . ARG A 1 90  ? 11.050  -4.833  -6.563  1.00 35.54 ? 71  ARG A C   1 
ATOM   635  O  O   . ARG A 1 90  ? 11.956  -4.640  -5.750  1.00 35.99 ? 71  ARG A O   1 
ATOM   636  C  CB  . ARG A 1 90  ? 11.164  -2.902  -8.151  1.00 33.27 ? 71  ARG A CB  1 
ATOM   637  C  CG  . ARG A 1 90  ? 11.824  -3.804  -9.177  1.00 34.32 ? 71  ARG A CG  1 
ATOM   638  C  CD  . ARG A 1 90  ? 12.753  -3.072  -10.101 1.00 36.24 ? 71  ARG A CD  1 
ATOM   639  N  NE  . ARG A 1 90  ? 13.390  -4.029  -11.001 1.00 41.14 ? 71  ARG A NE  1 
ATOM   640  C  CZ  . ARG A 1 90  ? 14.496  -4.726  -10.730 1.00 36.13 ? 71  ARG A CZ  1 
ATOM   641  N  NH1 . ARG A 1 90  ? 15.128  -4.615  -9.572  1.00 38.99 ? 71  ARG A NH1 1 
ATOM   642  N  NH2 . ARG A 1 90  ? 14.961  -5.573  -11.626 1.00 38.48 ? 71  ARG A NH2 1 
ATOM   643  N  N   . ILE A 1 91  ? 10.661  -6.046  -6.957  1.00 35.25 ? 72  ILE A N   1 
ATOM   644  C  CA  . ILE A 1 91  ? 11.372  -7.273  -6.588  1.00 35.85 ? 72  ILE A CA  1 
ATOM   645  C  C   . ILE A 1 91  ? 12.324  -7.619  -7.728  1.00 35.43 ? 72  ILE A C   1 
ATOM   646  O  O   . ILE A 1 91  ? 13.503  -7.875  -7.502  1.00 35.13 ? 72  ILE A O   1 
ATOM   647  C  CB  . ILE A 1 91  ? 10.403  -8.446  -6.308  1.00 35.54 ? 72  ILE A CB  1 
ATOM   648  C  CG1 . ILE A 1 91  ? 9.479   -8.091  -5.141  1.00 33.41 ? 72  ILE A CG1 1 
ATOM   649  C  CG2 . ILE A 1 91  ? 11.179  -9.734  -6.032  1.00 39.31 ? 72  ILE A CG2 1 
ATOM   650  C  CD1 . ILE A 1 91  ? 10.214  -7.610  -3.877  1.00 35.43 ? 72  ILE A CD1 1 
ATOM   651  N  N   . ASP A 1 92  ? 11.803  -7.603  -8.949  1.00 35.98 ? 73  ASP A N   1 
ATOM   652  C  CA  . ASP A 1 92  ? 12.595  -7.857  -10.158 1.00 35.75 ? 73  ASP A CA  1 
ATOM   653  C  C   . ASP A 1 92  ? 11.859  -7.233  -11.338 1.00 34.96 ? 73  ASP A C   1 
ATOM   654  O  O   . ASP A 1 92  ? 10.843  -6.589  -11.122 1.00 35.51 ? 73  ASP A O   1 
ATOM   655  C  CB  . ASP A 1 92  ? 12.883  -9.357  -10.326 1.00 36.38 ? 73  ASP A CB  1 
ATOM   656  C  CG  . ASP A 1 92  ? 11.628  -10.218 -10.367 1.00 36.82 ? 73  ASP A CG  1 
ATOM   657  O  OD1 . ASP A 1 92  ? 10.656  -9.892  -11.077 1.00 44.64 ? 73  ASP A OD1 1 
ATOM   658  O  OD2 . ASP A 1 92  ? 11.634  -11.270 -9.703  1.00 42.42 ? 73  ASP A OD2 1 
ATOM   659  N  N   . ASP A 1 93  ? 12.355  -7.403  -12.570 1.00 35.95 ? 74  ASP A N   1 
ATOM   660  C  CA  . ASP A 1 93  ? 11.713  -6.808  -13.766 1.00 34.94 ? 74  ASP A CA  1 
ATOM   661  C  C   . ASP A 1 93  ? 10.240  -7.176  -13.961 1.00 34.86 ? 74  ASP A C   1 
ATOM   662  O  O   . ASP A 1 93  ? 9.479   -6.405  -14.574 1.00 34.50 ? 74  ASP A O   1 
ATOM   663  C  CB  . ASP A 1 93  ? 12.458  -7.213  -15.042 1.00 36.08 ? 74  ASP A CB  1 
ATOM   664  C  CG  . ASP A 1 93  ? 13.821  -6.550  -15.186 1.00 38.77 ? 74  ASP A CG  1 
ATOM   665  O  OD1 . ASP A 1 93  ? 14.114  -5.555  -14.491 1.00 39.73 ? 74  ASP A OD1 1 
ATOM   666  O  OD2 . ASP A 1 93  ? 14.590  -7.017  -16.051 1.00 47.13 ? 74  ASP A OD2 1 
ATOM   667  N  N   . LYS A 1 94  ? 9.857   -8.349  -13.447 1.00 34.56 ? 75  LYS A N   1 
ATOM   668  C  CA  . LYS A 1 94  ? 8.509   -8.893  -13.582 1.00 34.01 ? 75  LYS A CA  1 
ATOM   669  C  C   . LYS A 1 94  ? 7.595   -8.731  -12.383 1.00 34.80 ? 75  LYS A C   1 
ATOM   670  O  O   . LYS A 1 94  ? 6.392   -8.603  -12.554 1.00 35.72 ? 75  LYS A O   1 
ATOM   671  C  CB  . LYS A 1 94  ? 8.608   -10.390 -13.888 1.00 37.58 ? 75  LYS A CB  1 
ATOM   672  N  N   . THR A 1 95  ? 8.156   -8.713  -11.179 1.00 34.89 ? 76  THR A N   1 
ATOM   673  C  CA  . THR A 1 95  ? 7.362   -8.698  -9.953  1.00 34.48 ? 76  THR A CA  1 
ATOM   674  C  C   . THR A 1 95  ? 7.545   -7.478  -9.061  1.00 32.31 ? 76  THR A C   1 
ATOM   675  O  O   . THR A 1 95  ? 8.656   -7.018  -8.839  1.00 32.59 ? 76  THR A O   1 
ATOM   676  C  CB  . THR A 1 95  ? 7.701   -9.956  -9.120  1.00 36.19 ? 76  THR A CB  1 
ATOM   677  O  OG1 . THR A 1 95  ? 7.396   -11.111 -9.902  1.00 40.97 ? 76  THR A OG1 1 
ATOM   678  C  CG2 . THR A 1 95  ? 6.909   -10.019 -7.813  1.00 36.87 ? 76  THR A CG2 1 
ATOM   679  N  N   . ALA A 1 96  ? 6.427   -6.966  -8.566  1.00 32.41 ? 77  ALA A N   1 
ATOM   680  C  CA  . ALA A 1 96  ? 6.410   -5.870  -7.607  1.00 33.40 ? 77  ALA A CA  1 
ATOM   681  C  C   . ALA A 1 96  ? 5.461   -6.228  -6.474  1.00 33.22 ? 77  ALA A C   1 
ATOM   682  O  O   . ALA A 1 96  ? 4.534   -7.016  -6.656  1.00 33.14 ? 77  ALA A O   1 
ATOM   683  C  CB  . ALA A 1 96  ? 5.986   -4.594  -8.269  1.00 33.87 ? 77  ALA A CB  1 
ATOM   684  N  N   . VAL A 1 97  ? 5.718   -5.668  -5.300  1.00 32.12 ? 78  VAL A N   1 
ATOM   685  C  CA  . VAL A 1 97  ? 4.884   -5.859  -4.132  1.00 33.17 ? 78  VAL A CA  1 
ATOM   686  C  C   . VAL A 1 97  ? 4.110   -4.561  -3.894  1.00 34.36 ? 78  VAL A C   1 
ATOM   687  O  O   . VAL A 1 97  ? 4.663   -3.478  -4.008  1.00 33.01 ? 78  VAL A O   1 
ATOM   688  C  CB  . VAL A 1 97  ? 5.739   -6.153  -2.854  1.00 34.61 ? 78  VAL A CB  1 
ATOM   689  C  CG1 . VAL A 1 97  ? 4.850   -6.455  -1.637  1.00 34.64 ? 78  VAL A CG1 1 
ATOM   690  C  CG2 . VAL A 1 97  ? 6.683   -7.316  -3.102  1.00 33.88 ? 78  VAL A CG2 1 
ATOM   691  N  N   . LEU A 1 98  ? 2.823   -4.696  -3.581  1.00 35.31 ? 79  LEU A N   1 
ATOM   692  C  CA  . LEU A 1 98  ? 1.962   -3.577  -3.211  1.00 34.39 ? 79  LEU A CA  1 
ATOM   693  C  C   . LEU A 1 98  ? 2.030   -3.526  -1.678  1.00 33.31 ? 79  LEU A C   1 
ATOM   694  O  O   . LEU A 1 98  ? 1.686   -4.500  -1.007  1.00 33.95 ? 79  LEU A O   1 
ATOM   695  C  CB  . LEU A 1 98  ? 0.542   -3.818  -3.733  1.00 36.01 ? 79  LEU A CB  1 
ATOM   696  C  CG  . LEU A 1 98  ? -0.486  -2.683  -3.603  1.00 36.02 ? 79  LEU A CG  1 
ATOM   697  C  CD1 . LEU A 1 98  ? -1.597  -2.850  -4.634  1.00 40.52 ? 79  LEU A CD1 1 
ATOM   698  C  CD2 . LEU A 1 98  ? -1.040  -2.585  -2.203  1.00 35.94 ? 79  LEU A CD2 1 
ATOM   699  N  N   . LYS A 1 99  ? 2.524   -2.407  -1.144  1.00 33.21 ? 80  LYS A N   1 
ATOM   700  C  CA  . LYS A 1 99  ? 2.750   -2.229  0.283   1.00 36.07 ? 80  LYS A CA  1 
ATOM   701  C  C   . LYS A 1 99  ? 2.200   -0.907  0.769   1.00 33.30 ? 80  LYS A C   1 
ATOM   702  O  O   . LYS A 1 99  ? 1.867   -0.032  -0.025  1.00 34.35 ? 80  LYS A O   1 
ATOM   703  C  CB  . LYS A 1 99  ? 4.265   -2.174  0.569   1.00 37.72 ? 80  LYS A CB  1 
ATOM   704  C  CG  . LYS A 1 99  ? 5.041   -3.452  0.363   1.00 42.86 ? 80  LYS A CG  1 
ATOM   705  C  CD  . LYS A 1 99  ? 6.536   -3.241  0.574   1.00 42.12 ? 80  LYS A CD  1 
ATOM   706  C  CE  . LYS A 1 99  ? 6.937   -2.932  2.018   1.00 42.20 ? 80  LYS A CE  1 
ATOM   707  N  NZ  . LYS A 1 99  ? 6.571   -4.028  2.919   1.00 51.33 ? 80  LYS A NZ  1 
ATOM   708  N  N   . LYS A 1 100 ? 2.147   -0.782  2.093   1.00 32.86 ? 81  LYS A N   1 
ATOM   709  C  CA  . LYS A 1 100 ? 1.749   0.421   2.790   1.00 33.34 ? 81  LYS A CA  1 
ATOM   710  C  C   . LYS A 1 100 ? 0.493   1.062   2.223   1.00 35.03 ? 81  LYS A C   1 
ATOM   711  O  O   . LYS A 1 100 ? 0.445   2.268   2.021   1.00 33.73 ? 81  LYS A O   1 
ATOM   712  C  CB  . LYS A 1 100 ? 2.907   1.404   2.817   1.00 34.56 ? 81  LYS A CB  1 
ATOM   713  C  CG  . LYS A 1 100 ? 4.197   0.830   3.432   1.00 35.97 ? 81  LYS A CG  1 
ATOM   714  C  CD  . LYS A 1 100 ? 4.006   0.295   4.848   1.00 41.04 ? 81  LYS A CD  1 
ATOM   715  C  CE  . LYS A 1 100 ? 5.266   -0.366  5.374   1.00 37.92 ? 81  LYS A CE  1 
ATOM   716  N  NZ  . LYS A 1 100 ? 4.932   -1.567  6.188   1.00 40.41 ? 81  LYS A NZ  1 
ATOM   717  N  N   . PHE A 1 101 ? -0.526  0.227   2.017   1.00 35.15 ? 82  PHE A N   1 
ATOM   718  C  CA  . PHE A 1 101 ? -1.789  0.673   1.462   1.00 34.85 ? 82  PHE A CA  1 
ATOM   719  C  C   . PHE A 1 101 ? -2.766  1.006   2.592   1.00 34.32 ? 82  PHE A C   1 
ATOM   720  O  O   . PHE A 1 101 ? -3.322  0.118   3.216   1.00 35.34 ? 82  PHE A O   1 
ATOM   721  C  CB  . PHE A 1 101 ? -2.312  -0.395  0.520   1.00 35.49 ? 82  PHE A CB  1 
ATOM   722  C  CG  . PHE A 1 101 ? -3.607  -0.048  -0.164  1.00 35.53 ? 82  PHE A CG  1 
ATOM   723  C  CD1 . PHE A 1 101 ? -3.996  1.262   -0.425  1.00 36.78 ? 82  PHE A CD1 1 
ATOM   724  C  CD2 . PHE A 1 101 ? -4.368  -1.064  -0.683  1.00 50.87 ? 82  PHE A CD2 1 
ATOM   725  C  CE1 . PHE A 1 101 ? -5.164  1.526   -1.083  1.00 38.53 ? 82  PHE A CE1 1 
ATOM   726  C  CE2 . PHE A 1 101 ? -5.510  -0.803  -1.360  1.00 49.75 ? 82  PHE A CE2 1 
ATOM   727  C  CZ  . PHE A 1 101 ? -5.919  0.499   -1.551  1.00 44.81 ? 82  PHE A CZ  1 
ATOM   728  N  N   . PHE A 1 102 ? -2.968  2.290   2.839   1.00 32.58 ? 83  PHE A N   1 
ATOM   729  C  CA  . PHE A 1 102 ? -3.813  2.744   3.945   1.00 33.82 ? 83  PHE A CA  1 
ATOM   730  C  C   . PHE A 1 102 ? -4.671  3.921   3.541   1.00 33.47 ? 83  PHE A C   1 
ATOM   731  O  O   . PHE A 1 102 ? -4.256  4.719   2.703   1.00 32.83 ? 83  PHE A O   1 
ATOM   732  C  CB  . PHE A 1 102 ? -2.942  3.185   5.127   1.00 34.10 ? 83  PHE A CB  1 
ATOM   733  C  CG  . PHE A 1 102 ? -2.020  2.109   5.640   1.00 30.13 ? 83  PHE A CG  1 
ATOM   734  C  CD1 . PHE A 1 102 ? -2.524  1.027   6.340   1.00 36.39 ? 83  PHE A CD1 1 
ATOM   735  C  CD2 . PHE A 1 102 ? -0.635  2.191   5.439   1.00 33.72 ? 83  PHE A CD2 1 
ATOM   736  C  CE1 . PHE A 1 102 ? -1.686  0.033   6.810   1.00 37.70 ? 83  PHE A CE1 1 
ATOM   737  C  CE2 . PHE A 1 102 ? 0.198   1.199   5.915   1.00 38.05 ? 83  PHE A CE2 1 
ATOM   738  C  CZ  . PHE A 1 102 ? -0.331  0.117   6.593   1.00 35.90 ? 83  PHE A CZ  1 
ATOM   739  N  N   . THR A 1 103 ? -5.863  4.005   4.132   1.00 32.35 ? 84  THR A N   1 
ATOM   740  C  CA  . THR A 1 103 ? -6.768  5.125   3.922   1.00 35.34 ? 84  THR A CA  1 
ATOM   741  C  C   . THR A 1 103 ? -7.532  5.383   5.205   1.00 32.76 ? 84  THR A C   1 
ATOM   742  O  O   . THR A 1 103 ? -7.839  4.447   5.911   1.00 33.93 ? 84  THR A O   1 
ATOM   743  C  CB  . THR A 1 103 ? -7.826  4.847   2.798   1.00 34.62 ? 84  THR A CB  1 
ATOM   744  O  OG1 . THR A 1 103 ? -8.560  3.668   3.117   1.00 37.11 ? 84  THR A OG1 1 
ATOM   745  C  CG2 . THR A 1 103 ? -7.190  4.647   1.448   1.00 34.71 ? 84  THR A CG2 1 
ATOM   746  N  N   . TYR A 1 104 ? -7.816  6.639   5.530   1.00 33.67 ? 85  TYR A N   1 
ATOM   747  C  CA  . TYR A 1 104 ? -8.687  6.907   6.678   1.00 34.94 ? 85  TYR A CA  1 
ATOM   748  C  C   . TYR A 1 104 ? -10.111 6.447   6.262   1.00 32.98 ? 85  TYR A C   1 
ATOM   749  O  O   . TYR A 1 104 ? -10.474 6.567   5.097   1.00 33.92 ? 85  TYR A O   1 
ATOM   750  C  CB  . TYR A 1 104 ? -8.647  8.378   7.151   1.00 34.58 ? 85  TYR A CB  1 
ATOM   751  C  CG  . TYR A 1 104 ? -7.449  8.717   8.030   1.00 36.31 ? 85  TYR A CG  1 
ATOM   752  C  CD1 . TYR A 1 104 ? -7.191  8.007   9.211   1.00 38.53 ? 85  TYR A CD1 1 
ATOM   753  C  CD2 . TYR A 1 104 ? -6.591  9.777   7.703   1.00 32.45 ? 85  TYR A CD2 1 
ATOM   754  C  CE1 . TYR A 1 104 ? -6.082  8.326   10.018  1.00 36.68 ? 85  TYR A CE1 1 
ATOM   755  C  CE2 . TYR A 1 104 ? -5.497  10.085  8.489   1.00 35.23 ? 85  TYR A CE2 1 
ATOM   756  C  CZ  . TYR A 1 104 ? -5.247  9.365   9.642   1.00 29.59 ? 85  TYR A CZ  1 
ATOM   757  O  OH  . TYR A 1 104 ? -4.165  9.729   10.408  1.00 36.71 ? 85  TYR A OH  1 
ATOM   758  N  N   . PRO A 1 105 ? -10.882 5.850   7.192   1.00 34.31 ? 86  PRO A N   1 
ATOM   759  C  CA  . PRO A 1 105 ? -12.205 5.280   6.875   1.00 34.24 ? 86  PRO A CA  1 
ATOM   760  C  C   . PRO A 1 105 ? -13.178 6.092   6.060   1.00 34.20 ? 86  PRO A C   1 
ATOM   761  O  O   . PRO A 1 105 ? -13.828 5.540   5.167   1.00 32.77 ? 86  PRO A O   1 
ATOM   762  C  CB  . PRO A 1 105 ? -12.799 4.998   8.259   1.00 37.61 ? 86  PRO A CB  1 
ATOM   763  C  CG  . PRO A 1 105 ? -11.593 4.673   9.103   1.00 34.61 ? 86  PRO A CG  1 
ATOM   764  C  CD  . PRO A 1 105 ? -10.505 5.585   8.596   1.00 35.07 ? 86  PRO A CD  1 
ATOM   765  N  N   . LYS A 1 106 ? -13.294 7.386   6.326   1.00 33.64 ? 87  LYS A N   1 
ATOM   766  C  CA  . LYS A 1 106 ? -14.312 8.181   5.625   1.00 33.87 ? 87  LYS A CA  1 
ATOM   767  C  C   . LYS A 1 106 ? -14.063 8.371   4.117   1.00 32.03 ? 87  LYS A C   1 
ATOM   768  O  O   . LYS A 1 106 ? -14.961 8.803   3.393   1.00 32.49 ? 87  LYS A O   1 
ATOM   769  C  CB  . LYS A 1 106 ? -14.533 9.535   6.325   1.00 33.73 ? 87  LYS A CB  1 
ATOM   770  C  CG  . LYS A 1 106 ? -13.329 10.470  6.353   1.00 33.73 ? 87  LYS A CG  1 
ATOM   771  C  CD  . LYS A 1 106 ? -13.734 11.810  6.918   1.00 37.53 ? 87  LYS A CD  1 
ATOM   772  C  CE  . LYS A 1 106 ? -12.553 12.735  7.155   1.00 40.73 ? 87  LYS A CE  1 
ATOM   773  N  NZ  . LYS A 1 106 ? -13.019 14.047  7.668   1.00 44.19 ? 87  LYS A NZ  1 
ATOM   774  N  N   . TYR A 1 107 ? -12.853 8.044   3.669   1.00 30.64 ? 88  TYR A N   1 
ATOM   775  C  CA  . TYR A 1 107 ? -12.431 8.168   2.274   1.00 31.57 ? 88  TYR A CA  1 
ATOM   776  C  C   . TYR A 1 107 ? -12.599 6.869   1.509   1.00 30.62 ? 88  TYR A C   1 
ATOM   777  O  O   . TYR A 1 107 ? -12.379 6.833   0.311   1.00 32.07 ? 88  TYR A O   1 
ATOM   778  C  CB  . TYR A 1 107 ? -10.964 8.617   2.210   1.00 31.38 ? 88  TYR A CB  1 
ATOM   779  C  CG  . TYR A 1 107 ? -10.728 9.945   2.900   1.00 34.17 ? 88  TYR A CG  1 
ATOM   780  C  CD1 . TYR A 1 107 ? -11.032 11.131  2.271   1.00 32.57 ? 88  TYR A CD1 1 
ATOM   781  C  CD2 . TYR A 1 107 ? -10.184 10.010  4.174   1.00 33.30 ? 88  TYR A CD2 1 
ATOM   782  C  CE1 . TYR A 1 107 ? -10.837 12.342  2.888   1.00 36.69 ? 88  TYR A CE1 1 
ATOM   783  C  CE2 . TYR A 1 107 ? -9.989  11.235  4.804   1.00 32.98 ? 88  TYR A CE2 1 
ATOM   784  C  CZ  . TYR A 1 107 ? -10.304 12.385  4.147   1.00 34.49 ? 88  TYR A CZ  1 
ATOM   785  O  OH  . TYR A 1 107 ? -10.103 13.602  4.750   1.00 36.58 ? 88  TYR A OH  1 
ATOM   786  N  N   . ARG A 1 108 ? -12.999 5.805   2.210   1.00 33.78 ? 89  ARG A N   1 
ATOM   787  C  CA  . ARG A 1 108 ? -13.211 4.473   1.614   1.00 33.21 ? 89  ARG A CA  1 
ATOM   788  C  C   . ARG A 1 108 ? -14.567 4.366   0.978   1.00 31.56 ? 89  ARG A C   1 
ATOM   789  O  O   . ARG A 1 108 ? -15.550 4.883   1.505   1.00 31.61 ? 89  ARG A O   1 
ATOM   790  C  CB  . ARG A 1 108 ? -13.096 3.395   2.688   1.00 33.02 ? 89  ARG A CB  1 
ATOM   791  C  CG  . ARG A 1 108 ? -11.744 3.401   3.382   1.00 33.79 ? 89  ARG A CG  1 
ATOM   792  C  CD  . ARG A 1 108 ? -11.678 2.392   4.495   1.00 37.42 ? 89  ARG A CD  1 
ATOM   793  N  NE  . ARG A 1 108 ? -10.458 2.537   5.308   1.00 33.68 ? 89  ARG A NE  1 
ATOM   794  C  CZ  . ARG A 1 108 ? -10.307 2.056   6.542   1.00 38.59 ? 89  ARG A CZ  1 
ATOM   795  N  NH1 . ARG A 1 108 ? -11.283 1.402   7.139   1.00 37.05 ? 89  ARG A NH1 1 
ATOM   796  N  NH2 . ARG A 1 108 ? -9.179  2.259   7.210   1.00 36.09 ? 89  ARG A NH2 1 
ATOM   797  N  N   . GLY A 1 109 ? -14.644 3.695   -0.163  1.00 31.40 ? 90  GLY A N   1 
ATOM   798  C  CA  . GLY A 1 109 ? -15.920 3.516   -0.832  1.00 31.44 ? 90  GLY A CA  1 
ATOM   799  C  C   . GLY A 1 109 ? -16.559 4.832   -1.227  1.00 30.46 ? 90  GLY A C   1 
ATOM   800  O  O   . GLY A 1 109 ? -15.905 5.870   -1.260  1.00 29.98 ? 90  GLY A O   1 
ATOM   801  N  N   . ASN A 1 110 ? -17.845 4.794   -1.511  1.00 29.27 ? 91  ASN A N   1 
ATOM   802  C  CA  . ASN A 1 110 ? -18.546 6.010   -1.899  1.00 30.13 ? 91  ASN A CA  1 
ATOM   803  C  C   . ASN A 1 110 ? -18.493 7.054   -0.774  1.00 29.89 ? 91  ASN A C   1 
ATOM   804  O  O   . ASN A 1 110 ? -18.576 6.677   0.390   1.00 30.91 ? 91  ASN A O   1 
ATOM   805  C  CB  . ASN A 1 110 ? -19.977 5.709   -2.234  1.00 28.01 ? 91  ASN A CB  1 
ATOM   806  C  CG  . ASN A 1 110 ? -20.113 4.835   -3.451  1.00 36.49 ? 91  ASN A CG  1 
ATOM   807  O  OD1 . ASN A 1 110 ? -19.518 5.113   -4.494  1.00 32.90 ? 91  ASN A OD1 1 
ATOM   808  N  ND2 . ASN A 1 110 ? -20.944 3.797   -3.344  1.00 30.45 ? 91  ASN A ND2 1 
ATOM   809  N  N   . PRO A 1 111 ? -18.322 8.353   -1.118  1.00 28.04 ? 92  PRO A N   1 
ATOM   810  C  CA  . PRO A 1 111 ? -18.169 8.889   -2.462  1.00 29.45 ? 92  PRO A CA  1 
ATOM   811  C  C   . PRO A 1 111 ? -16.741 9.024   -2.969  1.00 29.56 ? 92  PRO A C   1 
ATOM   812  O  O   . PRO A 1 111 ? -16.550 9.126   -4.165  1.00 30.92 ? 92  PRO A O   1 
ATOM   813  C  CB  . PRO A 1 111 ? -18.803 10.281  -2.346  1.00 31.73 ? 92  PRO A CB  1 
ATOM   814  C  CG  . PRO A 1 111 ? -18.525 10.698  -0.930  1.00 28.55 ? 92  PRO A CG  1 
ATOM   815  C  CD  . PRO A 1 111 ? -18.331 9.437   -0.112  1.00 29.73 ? 92  PRO A CD  1 
ATOM   816  N  N   . VAL A 1 112 ? -15.747 8.990   -2.094  1.00 31.17 ? 93  VAL A N   1 
ATOM   817  C  CA  . VAL A 1 112 ? -14.383 9.307   -2.512  1.00 31.97 ? 93  VAL A CA  1 
ATOM   818  C  C   . VAL A 1 112 ? -13.659 8.167   -3.228  1.00 32.03 ? 93  VAL A C   1 
ATOM   819  O  O   . VAL A 1 112 ? -12.925 8.411   -4.168  1.00 31.85 ? 93  VAL A O   1 
ATOM   820  C  CB  . VAL A 1 112 ? -13.507 9.787   -1.311  1.00 33.35 ? 93  VAL A CB  1 
ATOM   821  C  CG1 . VAL A 1 112 ? -12.165 10.305  -1.808  1.00 35.96 ? 93  VAL A CG1 1 
ATOM   822  C  CG2 . VAL A 1 112 ? -14.196 10.871  -0.515  1.00 31.41 ? 93  VAL A CG2 1 
ATOM   823  N  N   A ARG A 1 113 ? -13.876 6.931   -2.785  0.50 31.49 ? 94  ARG A N   1 
ATOM   824  N  N   B ARG A 1 113 ? -13.881 6.943   -2.759  0.50 32.50 ? 94  ARG A N   1 
ATOM   825  C  CA  A ARG A 1 113 ? -13.234 5.750   -3.383  0.50 31.12 ? 94  ARG A CA  1 
ATOM   826  C  CA  B ARG A 1 113 ? -13.255 5.725   -3.295  0.50 33.23 ? 94  ARG A CA  1 
ATOM   827  C  C   A ARG A 1 113 ? -11.714 5.894   -3.400  0.50 31.52 ? 94  ARG A C   1 
ATOM   828  C  C   B ARG A 1 113 ? -11.735 5.869   -3.377  0.50 32.56 ? 94  ARG A C   1 
ATOM   829  O  O   A ARG A 1 113 ? -11.065 5.560   -4.393  0.50 31.11 ? 94  ARG A O   1 
ATOM   830  O  O   B ARG A 1 113 ? -11.114 5.509   -4.380  0.50 32.16 ? 94  ARG A O   1 
ATOM   831  C  CB  A ARG A 1 113 ? -13.747 5.487   -4.812  0.50 30.81 ? 94  ARG A CB  1 
ATOM   832  C  CB  B ARG A 1 113 ? -13.845 5.304   -4.656  0.50 32.98 ? 94  ARG A CB  1 
ATOM   833  C  CG  A ARG A 1 113 ? -15.212 5.212   -4.921  0.50 28.88 ? 94  ARG A CG  1 
ATOM   834  C  CG  B ARG A 1 113 ? -15.336 5.467   -4.764  0.50 36.27 ? 94  ARG A CG  1 
ATOM   835  C  CD  A ARG A 1 113 ? -15.673 5.197   -6.381  0.50 29.02 ? 94  ARG A CD  1 
ATOM   836  C  CD  B ARG A 1 113 ? -16.028 4.369   -5.565  0.50 39.38 ? 94  ARG A CD  1 
ATOM   837  N  NE  A ARG A 1 113 ? -17.113 4.950   -6.484  0.50 29.72 ? 94  ARG A NE  1 
ATOM   838  N  NE  B ARG A 1 113 ? -16.203 3.181   -4.722  0.50 42.50 ? 94  ARG A NE  1 
ATOM   839  C  CZ  A ARG A 1 113 ? -17.794 4.864   -7.624  0.50 21.31 ? 94  ARG A CZ  1 
ATOM   840  C  CZ  B ARG A 1 113 ? -17.141 2.245   -4.864  0.50 34.44 ? 94  ARG A CZ  1 
ATOM   841  N  NH1 A ARG A 1 113 ? -17.196 4.996   -8.805  0.50 22.87 ? 94  ARG A NH1 1 
ATOM   842  N  NH1 B ARG A 1 113 ? -17.169 1.236   -4.002  0.50 38.48 ? 94  ARG A NH1 1 
ATOM   843  N  NH2 A ARG A 1 113 ? -19.088 4.634   -7.579  0.50 21.89 ? 94  ARG A NH2 1 
ATOM   844  N  NH2 B ARG A 1 113 ? -18.065 2.307   -5.825  0.50 41.80 ? 94  ARG A NH2 1 
ATOM   845  N  N   . LEU A 1 114 ? -11.150 6.382   -2.298  1.00 32.17 ? 95  LEU A N   1 
ATOM   846  C  CA  . LEU A 1 114 ? -9.722  6.638   -2.243  1.00 32.74 ? 95  LEU A CA  1 
ATOM   847  C  C   . LEU A 1 114 ? -8.860  5.401   -2.438  1.00 32.14 ? 95  LEU A C   1 
ATOM   848  O  O   . LEU A 1 114 ? -7.797  5.483   -3.047  1.00 32.92 ? 95  LEU A O   1 
ATOM   849  C  CB  . LEU A 1 114 ? -9.354  7.368   -0.941  1.00 33.88 ? 95  LEU A CB  1 
ATOM   850  C  CG  . LEU A 1 114 ? -7.916  7.891   -0.861  1.00 36.06 ? 95  LEU A CG  1 
ATOM   851  C  CD1 . LEU A 1 114 ? -7.655  8.879   -1.987  1.00 32.65 ? 95  LEU A CD1 1 
ATOM   852  C  CD2 . LEU A 1 114 ? -7.665  8.503   0.509   1.00 33.89 ? 95  LEU A CD2 1 
ATOM   853  N  N   . GLY A 1 115 ? -9.297  4.258   -1.924  1.00 34.23 ? 96  GLY A N   1 
ATOM   854  C  CA  . GLY A 1 115 ? -8.527  3.021   -2.112  1.00 34.54 ? 96  GLY A CA  1 
ATOM   855  C  C   . GLY A 1 115 ? -8.398  2.681   -3.586  1.00 33.92 ? 96  GLY A C   1 
ATOM   856  O  O   . GLY A 1 115 ? -7.331  2.283   -4.056  1.00 34.88 ? 96  GLY A O   1 
ATOM   857  N  N   . ARG A 1 116 ? -9.496  2.826   -4.322  1.00 32.97 ? 97  ARG A N   1 
ATOM   858  C  CA  . ARG A 1 116 ? -9.501  2.583   -5.760  1.00 34.02 ? 97  ARG A CA  1 
ATOM   859  C  C   . ARG A 1 116 ? -8.611  3.584   -6.483  1.00 33.54 ? 97  ARG A C   1 
ATOM   860  O  O   . ARG A 1 116 ? -7.891  3.217   -7.389  1.00 32.38 ? 97  ARG A O   1 
ATOM   861  C  CB  . ARG A 1 116 ? -10.913 2.715   -6.351  1.00 34.93 ? 97  ARG A CB  1 
ATOM   862  C  CG  . ARG A 1 116 ? -11.929 1.745   -5.794  1.00 47.26 ? 97  ARG A CG  1 
ATOM   863  N  N   . LYS A 1 117 ? -8.689  4.855   -6.097  1.00 34.24 ? 98  LYS A N   1 
ATOM   864  C  CA  . LYS A 1 117 ? -7.888  5.900   -6.732  1.00 34.88 ? 98  LYS A CA  1 
ATOM   865  C  C   . LYS A 1 117 ? -6.396  5.688   -6.485  1.00 35.83 ? 98  LYS A C   1 
ATOM   866  O  O   . LYS A 1 117 ? -5.581  5.957   -7.359  1.00 36.10 ? 98  LYS A O   1 
ATOM   867  C  CB  . LYS A 1 117 ? -8.320  7.276   -6.240  1.00 35.45 ? 98  LYS A CB  1 
ATOM   868  C  CG  . LYS A 1 117 ? -9.687  7.669   -6.750  1.00 43.06 ? 98  LYS A CG  1 
ATOM   869  C  CD  . LYS A 1 117 ? -10.209 8.920   -6.094  1.00 45.72 ? 98  LYS A CD  1 
ATOM   870  C  CE  . LYS A 1 117 ? -11.519 9.372   -6.755  1.00 47.73 ? 98  LYS A CE  1 
ATOM   871  N  NZ  . LYS A 1 117 ? -12.132 10.423  -5.910  1.00 49.92 ? 98  LYS A NZ  1 
ATOM   872  N  N   . LEU A 1 118 ? -6.046  5.220   -5.288  1.00 36.15 ? 99  LEU A N   1 
ATOM   873  C  CA  . LEU A 1 118 ? -4.650  4.921   -4.948  1.00 35.72 ? 99  LEU A CA  1 
ATOM   874  C  C   . LEU A 1 118 ? -4.187  3.703   -5.750  1.00 37.50 ? 99  LEU A C   1 
ATOM   875  O  O   . LEU A 1 118 ? -3.123  3.717   -6.368  1.00 37.50 ? 99  LEU A O   1 
ATOM   876  C  CB  . LEU A 1 118 ? -4.490  4.673   -3.442  1.00 34.26 ? 99  LEU A CB  1 
ATOM   877  C  CG  . LEU A 1 118 ? -4.484  5.917   -2.567  1.00 35.06 ? 99  LEU A CG  1 
ATOM   878  C  CD1 . LEU A 1 118 ? -4.742  5.570   -1.126  1.00 36.33 ? 99  LEU A CD1 1 
ATOM   879  C  CD2 . LEU A 1 118 ? -3.166  6.676   -2.722  1.00 38.00 ? 99  LEU A CD2 1 
ATOM   880  N  N   . PHE A 1 119 ? -5.016  2.666   -5.738  1.00 40.33 ? 100 PHE A N   1 
ATOM   881  C  CA  . PHE A 1 119 ? -4.758  1.448   -6.483  1.00 42.17 ? 100 PHE A CA  1 
ATOM   882  C  C   . PHE A 1 119 ? -4.607  1.704   -8.006  1.00 41.62 ? 100 PHE A C   1 
ATOM   883  O  O   . PHE A 1 119 ? -3.773  1.078   -8.661  1.00 39.82 ? 100 PHE A O   1 
ATOM   884  C  CB  . PHE A 1 119 ? -5.856  0.421   -6.219  1.00 43.81 ? 100 PHE A CB  1 
ATOM   885  C  CG  . PHE A 1 119 ? -5.602  -0.850  -6.893  1.00 47.25 ? 100 PHE A CG  1 
ATOM   886  C  CD1 . PHE A 1 119 ? -4.653  -1.704  -6.381  1.00 46.27 ? 100 PHE A CD1 1 
ATOM   887  C  CD2 . PHE A 1 119 ? -6.251  -1.172  -8.094  1.00 50.51 ? 100 PHE A CD2 1 
ATOM   888  C  CE1 . PHE A 1 119 ? -4.346  -2.873  -7.041  1.00 56.62 ? 100 PHE A CE1 1 
ATOM   889  C  CE2 . PHE A 1 119 ? -5.967  -2.348  -8.765  1.00 51.18 ? 100 PHE A CE2 1 
ATOM   890  C  CZ  . PHE A 1 119 ? -5.020  -3.209  -8.237  1.00 53.72 ? 100 PHE A CZ  1 
ATOM   891  N  N   . GLU A 1 120 ? -5.395  2.629   -8.552  1.00 40.33 ? 101 GLU A N   1 
ATOM   892  C  CA  . GLU A 1 120 ? -5.274  3.025   -9.954  1.00 41.70 ? 101 GLU A CA  1 
ATOM   893  C  C   . GLU A 1 120 ? -3.948  3.713   -10.255 1.00 40.63 ? 101 GLU A C   1 
ATOM   894  O  O   . GLU A 1 120 ? -3.359  3.476   -11.308 1.00 37.85 ? 101 GLU A O   1 
ATOM   895  C  CB  . GLU A 1 120 ? -6.429  3.946   -10.378 1.00 42.43 ? 101 GLU A CB  1 
ATOM   896  C  CG  . GLU A 1 120 ? -7.728  3.209   -10.650 1.00 45.59 ? 101 GLU A CG  1 
ATOM   897  C  CD  . GLU A 1 120 ? -8.942  4.141   -10.788 1.00 47.91 ? 101 GLU A CD  1 
ATOM   898  O  OE1 . GLU A 1 120 ? -8.775  5.389   -10.778 1.00 55.19 ? 101 GLU A OE1 1 
ATOM   899  O  OE2 . GLU A 1 120 ? -10.073 3.613   -10.887 1.00 53.25 ? 101 GLU A OE2 1 
ATOM   900  N  N   . ARG A 1 121 ? -3.483  4.574   -9.350  1.00 39.62 ? 102 ARG A N   1 
ATOM   901  C  CA  . ARG A 1 121 ? -2.217  5.269   -9.552  1.00 41.28 ? 102 ARG A CA  1 
ATOM   902  C  C   . ARG A 1 121 ? -1.040  4.278   -9.496  1.00 42.27 ? 102 ARG A C   1 
ATOM   903  O  O   . ARG A 1 121 ? -0.094  4.365   -10.311 1.00 42.16 ? 102 ARG A O   1 
ATOM   904  C  CB  . ARG A 1 121 ? -2.047  6.396   -8.535  1.00 42.58 ? 102 ARG A CB  1 
ATOM   905  C  CG  . ARG A 1 121 ? -0.705  7.098   -8.644  1.00 48.81 ? 102 ARG A CG  1 
ATOM   906  C  CD  . ARG A 1 121 ? -0.609  7.950   -9.886  1.00 49.29 ? 102 ARG A CD  1 
ATOM   907  N  NE  . ARG A 1 121 ? -1.226  9.231   -9.596  1.00 50.40 ? 102 ARG A NE  1 
ATOM   908  C  CZ  . ARG A 1 121 ? -0.575  10.351  -9.267  1.00 51.44 ? 102 ARG A CZ  1 
ATOM   909  N  NH1 . ARG A 1 121 ? 0.766   10.433  -9.245  1.00 42.85 ? 102 ARG A NH1 1 
ATOM   910  N  NH2 . ARG A 1 121 ? -1.295  11.433  -9.005  1.00 52.25 ? 102 ARG A NH2 1 
ATOM   911  N  N   . PHE A 1 122 ? -1.097  3.365   -8.517  1.00 40.43 ? 103 PHE A N   1 
ATOM   912  C  CA  . PHE A 1 122 ? -0.143  2.273   -8.383  1.00 39.24 ? 103 PHE A CA  1 
ATOM   913  C  C   . PHE A 1 122 ? -0.039  1.555   -9.712  1.00 40.64 ? 103 PHE A C   1 
ATOM   914  O  O   . PHE A 1 122 ? 1.059   1.273   -10.199 1.00 38.50 ? 103 PHE A O   1 
ATOM   915  C  CB  . PHE A 1 122 ? -0.626  1.293   -7.303  1.00 41.67 ? 103 PHE A CB  1 
ATOM   916  C  CG  . PHE A 1 122 ? 0.215   0.047   -7.150  1.00 38.73 ? 103 PHE A CG  1 
ATOM   917  C  CD1 . PHE A 1 122 ? -0.012  -1.062  -7.953  1.00 44.49 ? 103 PHE A CD1 1 
ATOM   918  C  CD2 . PHE A 1 122 ? 1.194   -0.033  -6.189  1.00 40.92 ? 103 PHE A CD2 1 
ATOM   919  C  CE1 . PHE A 1 122 ? 0.746   -2.216  -7.827  1.00 42.07 ? 103 PHE A CE1 1 
ATOM   920  C  CE2 . PHE A 1 122 ? 1.942   -1.189  -6.047  1.00 41.12 ? 103 PHE A CE2 1 
ATOM   921  C  CZ  . PHE A 1 122 ? 1.716   -2.285  -6.874  1.00 38.66 ? 103 PHE A CZ  1 
HETATM 922  N  N   . MSE A 1 123 ? -1.185  1.261   -10.313 1.00 41.25 ? 104 MSE A N   1 
HETATM 923  C  CA  . MSE A 1 123 ? -1.146  0.551   -11.579 1.00 43.40 ? 104 MSE A CA  1 
HETATM 924  C  C   . MSE A 1 123 ? -0.698  1.199   -12.836 1.00 40.56 ? 104 MSE A C   1 
HETATM 925  O  O   . MSE A 1 123 ? -0.169  0.510   -13.698 1.00 40.29 ? 104 MSE A O   1 
HETATM 926  C  CB  . MSE A 1 123 ? -2.215  -0.492  -11.721 1.00 44.91 ? 104 MSE A CB  1 
HETATM 927  C  CG  . MSE A 1 123 ? -1.443  -1.730  -11.334 1.00 42.68 ? 104 MSE A CG  1 
HETATM 928  SE SE  . MSE A 1 123 ? -2.449  -2.965  -10.647 0.75 54.46 ? 104 MSE A SE  1 
HETATM 929  C  CE  . MSE A 1 123 ? -1.380  -4.036  -10.186 1.00 48.62 ? 104 MSE A CE  1 
ATOM   930  N  N   A LEU A 1 124 ? -0.880  2.510   -12.938 0.50 39.92 ? 105 LEU A N   1 
ATOM   931  N  N   B LEU A 1 124 ? -0.895  2.510   -12.947 0.50 40.11 ? 105 LEU A N   1 
ATOM   932  C  CA  A LEU A 1 124 ? -0.344  3.262   -14.062 0.50 38.94 ? 105 LEU A CA  1 
ATOM   933  C  CA  B LEU A 1 124 ? -0.353  3.262   -14.071 0.50 39.32 ? 105 LEU A CA  1 
ATOM   934  C  C   A LEU A 1 124 ? 1.183   3.108   -14.035 0.50 38.49 ? 105 LEU A C   1 
ATOM   935  C  C   B LEU A 1 124 ? 1.182   3.127   -14.037 0.50 38.74 ? 105 LEU A C   1 
ATOM   936  O  O   A LEU A 1 124 ? 1.822   2.924   -15.067 0.50 37.64 ? 105 LEU A O   1 
ATOM   937  O  O   B LEU A 1 124 ? 1.826   2.978   -15.071 0.50 38.00 ? 105 LEU A O   1 
ATOM   938  C  CB  A LEU A 1 124 ? -0.727  4.741   -13.956 0.50 39.10 ? 105 LEU A CB  1 
ATOM   939  C  CB  B LEU A 1 124 ? -0.778  4.737   -14.008 0.50 39.71 ? 105 LEU A CB  1 
ATOM   940  C  CG  A LEU A 1 124 ? -0.322  5.615   -15.146 0.50 38.89 ? 105 LEU A CG  1 
ATOM   941  C  CG  B LEU A 1 124 ? -2.268  5.048   -14.231 0.50 40.15 ? 105 LEU A CG  1 
ATOM   942  N  N   . PHE A 1 125 ? 1.758   3.163   -12.836 1.00 37.67 ? 106 PHE A N   1 
ATOM   943  C  CA  . PHE A 1 125 ? 3.195   3.023   -12.659 1.00 38.27 ? 106 PHE A CA  1 
ATOM   944  C  C   . PHE A 1 125 ? 3.638   1.574   -12.904 1.00 39.22 ? 106 PHE A C   1 
ATOM   945  O  O   . PHE A 1 125 ? 4.628   1.340   -13.583 1.00 39.30 ? 106 PHE A O   1 
ATOM   946  C  CB  . PHE A 1 125 ? 3.588   3.457   -11.243 1.00 38.72 ? 106 PHE A CB  1 
ATOM   947  C  CG  . PHE A 1 125 ? 5.082   3.519   -11.000 1.00 39.22 ? 106 PHE A CG  1 
ATOM   948  C  CD1 . PHE A 1 125 ? 5.789   4.682   -11.264 1.00 39.16 ? 106 PHE A CD1 1 
ATOM   949  C  CD2 . PHE A 1 125 ? 5.769   2.430   -10.470 1.00 39.32 ? 106 PHE A CD2 1 
ATOM   950  C  CE1 . PHE A 1 125 ? 7.162   4.749   -11.030 1.00 41.56 ? 106 PHE A CE1 1 
ATOM   951  C  CE2 . PHE A 1 125 ? 7.119   2.495   -10.232 1.00 36.73 ? 106 PHE A CE2 1 
ATOM   952  C  CZ  . PHE A 1 125 ? 7.824   3.653   -10.515 1.00 39.80 ? 106 PHE A CZ  1 
ATOM   953  N  N   . ALA A 1 126 ? 2.896   0.617   -12.350 1.00 40.19 ? 107 ALA A N   1 
ATOM   954  C  CA  . ALA A 1 126 ? 3.222   -0.794  -12.488 1.00 40.46 ? 107 ALA A CA  1 
ATOM   955  C  C   . ALA A 1 126 ? 3.229   -1.228  -13.942 1.00 41.88 ? 107 ALA A C   1 
ATOM   956  O  O   . ALA A 1 126 ? 4.139   -1.941  -14.357 1.00 43.18 ? 107 ALA A O   1 
ATOM   957  C  CB  . ALA A 1 126 ? 2.260   -1.647  -11.696 1.00 40.84 ? 107 ALA A CB  1 
ATOM   958  N  N   . ARG A 1 127 ? 2.221   -0.808  -14.708 1.00 41.45 ? 108 ARG A N   1 
ATOM   959  C  CA  . ARG A 1 127 ? 2.160   -1.139  -16.132 1.00 43.05 ? 108 ARG A CA  1 
ATOM   960  C  C   . ARG A 1 127 ? 3.245   -0.443  -16.946 1.00 42.43 ? 108 ARG A C   1 
ATOM   961  O  O   . ARG A 1 127 ? 3.875   -1.073  -17.802 1.00 42.51 ? 108 ARG A O   1 
ATOM   962  C  CB  . ARG A 1 127 ? 0.790   -0.831  -16.723 1.00 43.75 ? 108 ARG A CB  1 
ATOM   963  C  CG  . ARG A 1 127 ? -0.273  -1.773  -16.233 1.00 49.23 ? 108 ARG A CG  1 
ATOM   964  C  CD  . ARG A 1 127 ? -1.634  -1.465  -16.834 1.00 58.84 ? 108 ARG A CD  1 
ATOM   965  N  NE  . ARG A 1 127 ? -2.646  -2.325  -16.222 1.00 62.82 ? 108 ARG A NE  1 
ATOM   966  C  CZ  . ARG A 1 127 ? -2.891  -3.593  -16.563 1.00 65.06 ? 108 ARG A CZ  1 
ATOM   967  N  NH1 . ARG A 1 127 ? -2.210  -4.209  -17.540 1.00 62.53 ? 108 ARG A NH1 1 
ATOM   968  N  NH2 . ARG A 1 127 ? -3.838  -4.261  -15.909 1.00 63.76 ? 108 ARG A NH2 1 
ATOM   969  N  N   . ALA A 1 128 ? 3.461   0.846   -16.693 1.00 41.53 ? 109 ALA A N   1 
ATOM   970  C  CA  . ALA A 1 128 ? 4.525   1.588   -17.381 1.00 40.94 ? 109 ALA A CA  1 
ATOM   971  C  C   . ALA A 1 128 ? 5.908   0.988   -17.105 1.00 41.32 ? 109 ALA A C   1 
ATOM   972  O  O   . ALA A 1 128 ? 6.784   1.073   -17.948 1.00 41.89 ? 109 ALA A O   1 
ATOM   973  C  CB  . ALA A 1 128 ? 4.505   3.042   -16.967 1.00 41.80 ? 109 ALA A CB  1 
ATOM   974  N  N   . SER A 1 129 ? 6.097   0.394   -15.919 1.00 40.62 ? 110 SER A N   1 
ATOM   975  C  CA  . SER A 1 129 ? 7.361   -0.264  -15.547 1.00 40.07 ? 110 SER A CA  1 
ATOM   976  C  C   . SER A 1 129 ? 7.487   -1.684  -16.111 1.00 39.15 ? 110 SER A C   1 
ATOM   977  O  O   . SER A 1 129 ? 8.499   -2.345  -15.905 1.00 38.55 ? 110 SER A O   1 
ATOM   978  C  CB  . SER A 1 129 ? 7.503   -0.314  -14.026 1.00 40.44 ? 110 SER A CB  1 
ATOM   979  O  OG  . SER A 1 129 ? 7.495   0.981   -13.470 1.00 43.41 ? 110 SER A OG  1 
ATOM   980  N  N   . LYS A 1 130 ? 6.447   -2.150  -16.797 1.00 38.91 ? 111 LYS A N   1 
ATOM   981  C  CA  . LYS A 1 130 ? 6.423   -3.462  -17.445 1.00 40.05 ? 111 LYS A CA  1 
ATOM   982  C  C   . LYS A 1 130 ? 6.429   -4.631  -16.453 1.00 39.73 ? 111 LYS A C   1 
ATOM   983  O  O   . LYS A 1 130 ? 6.949   -5.693  -16.757 1.00 38.46 ? 111 LYS A O   1 
ATOM   984  C  CB  . LYS A 1 130 ? 7.566   -3.611  -18.477 1.00 40.19 ? 111 LYS A CB  1 
ATOM   985  C  CG  . LYS A 1 130 ? 7.733   -2.449  -19.466 1.00 43.58 ? 111 LYS A CG  1 
ATOM   986  C  CD  . LYS A 1 130 ? 6.467   -2.212  -20.311 1.00 47.17 ? 111 LYS A CD  1 
ATOM   987  C  CE  . LYS A 1 130 ? 6.726   -1.257  -21.479 1.00 45.58 ? 111 LYS A CE  1 
ATOM   988  N  N   . PHE A 1 131 ? 5.874   -4.444  -15.256 1.00 39.97 ? 112 PHE A N   1 
ATOM   989  C  CA  . PHE A 1 131 ? 5.742   -5.565  -14.328 1.00 40.17 ? 112 PHE A CA  1 
ATOM   990  C  C   . PHE A 1 131 ? 4.589   -6.412  -14.837 1.00 41.36 ? 112 PHE A C   1 
ATOM   991  O  O   . PHE A 1 131 ? 3.664   -5.893  -15.441 1.00 42.90 ? 112 PHE A O   1 
ATOM   992  C  CB  . PHE A 1 131 ? 5.453   -5.107  -12.907 1.00 40.14 ? 112 PHE A CB  1 
ATOM   993  C  CG  . PHE A 1 131 ? 6.559   -4.309  -12.291 1.00 39.87 ? 112 PHE A CG  1 
ATOM   994  C  CD1 . PHE A 1 131 ? 7.805   -4.874  -12.086 1.00 44.89 ? 112 PHE A CD1 1 
ATOM   995  C  CD2 . PHE A 1 131 ? 6.350   -3.006  -11.870 1.00 42.84 ? 112 PHE A CD2 1 
ATOM   996  C  CE1 . PHE A 1 131 ? 8.820   -4.146  -11.500 1.00 41.94 ? 112 PHE A CE1 1 
ATOM   997  C  CE2 . PHE A 1 131 ? 7.371   -2.280  -11.279 1.00 37.52 ? 112 PHE A CE2 1 
ATOM   998  C  CZ  . PHE A 1 131 ? 8.598   -2.846  -11.100 1.00 41.17 ? 112 PHE A CZ  1 
ATOM   999  N  N   . THR A 1 132 ? 4.677   -7.718  -14.645 1.00 42.83 ? 113 THR A N   1 
ATOM   1000 C  CA  . THR A 1 132 ? 3.624   -8.639  -15.076 1.00 43.45 ? 113 THR A CA  1 
ATOM   1001 C  C   . THR A 1 132 ? 2.922   -9.320  -13.897 1.00 43.30 ? 113 THR A C   1 
ATOM   1002 O  O   . THR A 1 132 ? 1.943   -10.031 -14.099 1.00 43.58 ? 113 THR A O   1 
ATOM   1003 C  CB  . THR A 1 132 ? 4.202   -9.750  -15.978 1.00 42.08 ? 113 THR A CB  1 
ATOM   1004 O  OG1 . THR A 1 132 ? 5.234   -10.452 -15.274 1.00 43.42 ? 113 THR A OG1 1 
ATOM   1005 C  CG2 . THR A 1 132 ? 4.770   -9.159  -17.250 1.00 45.75 ? 113 THR A CG2 1 
ATOM   1006 N  N   . ARG A 1 133 ? 3.418   -9.099  -12.679 1.00 43.72 ? 114 ARG A N   1 
ATOM   1007 C  CA  . ARG A 1 133 ? 2.883   -9.743  -11.491 1.00 44.24 ? 114 ARG A CA  1 
ATOM   1008 C  C   . ARG A 1 133 ? 2.960   -8.795  -10.295 1.00 42.55 ? 114 ARG A C   1 
ATOM   1009 O  O   . ARG A 1 133 ? 4.003   -8.194  -10.039 1.00 40.62 ? 114 ARG A O   1 
ATOM   1010 C  CB  . ARG A 1 133 ? 3.696   -11.022 -11.193 1.00 44.14 ? 114 ARG A CB  1 
ATOM   1011 C  CG  . ARG A 1 133 ? 3.148   -11.859 -10.030 1.00 47.55 ? 114 ARG A CG  1 
ATOM   1012 C  CD  . ARG A 1 133 ? 3.853   -13.211 -9.857  1.00 47.56 ? 114 ARG A CD  1 
ATOM   1013 N  NE  . ARG A 1 133 ? 5.224   -13.103 -9.353  1.00 50.29 ? 114 ARG A NE  1 
ATOM   1014 C  CZ  . ARG A 1 133 ? 5.980   -14.142 -8.980  1.00 50.10 ? 114 ARG A CZ  1 
ATOM   1015 N  NH1 . ARG A 1 133 ? 5.512   -15.386 -9.012  1.00 55.48 ? 114 ARG A NH1 1 
ATOM   1016 N  NH2 . ARG A 1 133 ? 7.218   -13.933 -8.543  1.00 52.47 ? 114 ARG A NH2 1 
ATOM   1017 N  N   . ILE A 1 134 ? 1.846   -8.656  -9.579  1.00 41.92 ? 115 ILE A N   1 
ATOM   1018 C  CA  . ILE A 1 134 ? 1.799   -7.848  -8.361  1.00 41.68 ? 115 ILE A CA  1 
ATOM   1019 C  C   . ILE A 1 134 ? 1.335   -8.720  -7.219  1.00 41.75 ? 115 ILE A C   1 
ATOM   1020 O  O   . ILE A 1 134 ? 0.284   -9.348  -7.325  1.00 39.99 ? 115 ILE A O   1 
ATOM   1021 C  CB  . ILE A 1 134 ? 0.831   -6.660  -8.474  1.00 42.51 ? 115 ILE A CB  1 
ATOM   1022 C  CG1 . ILE A 1 134 ? 1.226   -5.756  -9.654  1.00 43.84 ? 115 ILE A CG1 1 
ATOM   1023 C  CG2 . ILE A 1 134 ? 0.745   -5.898  -7.136  1.00 43.38 ? 115 ILE A CG2 1 
ATOM   1024 C  CD1 . ILE A 1 134 ? 2.622   -5.230  -9.681  1.00 47.75 ? 115 ILE A CD1 1 
ATOM   1025 N  N   . VAL A 1 135 ? 2.102   -8.724  -6.126  1.00 41.88 ? 116 VAL A N   1 
ATOM   1026 C  CA  . VAL A 1 135 ? 1.795   -9.524  -4.949  1.00 40.87 ? 116 VAL A CA  1 
ATOM   1027 C  C   . VAL A 1 135 ? 1.592   -8.629  -3.738  1.00 40.87 ? 116 VAL A C   1 
ATOM   1028 O  O   . VAL A 1 135 ? 2.063   -7.495  -3.694  1.00 39.90 ? 116 VAL A O   1 
ATOM   1029 C  CB  . VAL A 1 135 ? 2.904   -10.572 -4.650  1.00 41.78 ? 116 VAL A CB  1 
ATOM   1030 C  CG1 . VAL A 1 135 ? 3.151   -11.465 -5.873  1.00 43.16 ? 116 VAL A CG1 1 
ATOM   1031 C  CG2 . VAL A 1 135 ? 4.206   -9.917  -4.222  1.00 47.00 ? 116 VAL A CG2 1 
ATOM   1032 N  N   . LEU A 1 136 ? 0.868   -9.134  -2.749  1.00 41.13 ? 117 LEU A N   1 
ATOM   1033 C  CA  . LEU A 1 136 ? 0.649   -8.385  -1.523  1.00 40.85 ? 117 LEU A CA  1 
ATOM   1034 C  C   . LEU A 1 136 ? 0.177   -9.324  -0.457  1.00 39.65 ? 117 LEU A C   1 
ATOM   1035 O  O   . LEU A 1 136 ? -0.271  -10.436 -0.757  1.00 38.82 ? 117 LEU A O   1 
ATOM   1036 C  CB  . LEU A 1 136 ? -0.383  -7.278  -1.746  1.00 42.88 ? 117 LEU A CB  1 
ATOM   1037 C  CG  . LEU A 1 136 ? -1.825  -7.650  -2.130  1.00 44.36 ? 117 LEU A CG  1 
ATOM   1038 C  CD1 . LEU A 1 136 ? -2.701  -7.996  -0.908  1.00 42.20 ? 117 LEU A CD1 1 
ATOM   1039 C  CD2 . LEU A 1 136 ? -2.461  -6.485  -2.867  1.00 46.33 ? 117 LEU A CD2 1 
ATOM   1040 N  N   . ASP A 1 137 ? 0.274   -8.898  0.793   1.00 38.40 ? 118 ASP A N   1 
ATOM   1041 C  CA  . ASP A 1 137 ? -0.314  -9.695  1.846   1.00 40.34 ? 118 ASP A CA  1 
ATOM   1042 C  C   . ASP A 1 137 ? -1.277  -8.817  2.623   1.00 39.64 ? 118 ASP A C   1 
ATOM   1043 O  O   . ASP A 1 137 ? -1.185  -7.590  2.600   1.00 38.11 ? 118 ASP A O   1 
ATOM   1044 C  CB  . ASP A 1 137 ? 0.709   -10.376 2.762   1.00 43.97 ? 118 ASP A CB  1 
ATOM   1045 C  CG  . ASP A 1 137 ? 1.345   -9.427  3.705   1.00 48.77 ? 118 ASP A CG  1 
ATOM   1046 O  OD1 . ASP A 1 137 ? 1.745   -8.372  3.208   1.00 65.48 ? 118 ASP A OD1 1 
ATOM   1047 O  OD2 . ASP A 1 137 ? 1.455   -9.736  4.909   1.00 60.79 ? 118 ASP A OD2 1 
ATOM   1048 N  N   . THR A 1 138 ? -2.211  -9.469  3.293   1.00 39.89 ? 119 THR A N   1 
ATOM   1049 C  CA  . THR A 1 138 ? -3.240  -8.792  4.044   1.00 41.81 ? 119 THR A CA  1 
ATOM   1050 C  C   . THR A 1 138 ? -3.616  -9.678  5.231   1.00 42.10 ? 119 THR A C   1 
ATOM   1051 O  O   . THR A 1 138 ? -3.673  -10.891 5.072   1.00 44.52 ? 119 THR A O   1 
ATOM   1052 C  CB  . THR A 1 138 ? -4.479  -8.502  3.121   1.00 41.86 ? 119 THR A CB  1 
ATOM   1053 O  OG1 . THR A 1 138 ? -5.574  -8.039  3.910   1.00 47.39 ? 119 THR A OG1 1 
ATOM   1054 C  CG2 . THR A 1 138 ? -4.921  -9.734  2.348   1.00 38.73 ? 119 THR A CG2 1 
ATOM   1055 N  N   . PRO A 1 139 ? -3.854  -9.089  6.421   1.00 43.89 ? 120 PRO A N   1 
ATOM   1056 C  CA  . PRO A 1 139 ? -4.259  -9.919  7.571   1.00 43.98 ? 120 PRO A CA  1 
ATOM   1057 C  C   . PRO A 1 139 ? -5.502  -10.779 7.288   1.00 44.55 ? 120 PRO A C   1 
ATOM   1058 O  O   . PRO A 1 139 ? -6.446  -10.316 6.636   1.00 42.19 ? 120 PRO A O   1 
ATOM   1059 C  CB  . PRO A 1 139 ? -4.549  -8.894  8.664   1.00 44.62 ? 120 PRO A CB  1 
ATOM   1060 C  CG  . PRO A 1 139 ? -3.768  -7.685  8.282   1.00 44.79 ? 120 PRO A CG  1 
ATOM   1061 C  CD  . PRO A 1 139 ? -3.738  -7.663  6.787   1.00 44.33 ? 120 PRO A CD  1 
ATOM   1062 N  N   . GLU A 1 140 ? -5.513  -12.006 7.815   1.00 46.77 ? 121 GLU A N   1 
ATOM   1063 C  CA  . GLU A 1 140 ? -6.604  -12.949 7.569   1.00 46.22 ? 121 GLU A CA  1 
ATOM   1064 C  C   . GLU A 1 140 ? -7.923  -12.431 8.134   1.00 47.86 ? 121 GLU A C   1 
ATOM   1065 O  O   . GLU A 1 140 ? -8.981  -12.832 7.659   1.00 46.40 ? 121 GLU A O   1 
ATOM   1066 C  CB  . GLU A 1 140 ? -6.283  -14.348 8.132   1.00 46.90 ? 121 GLU A CB  1 
ATOM   1067 C  CG  . GLU A 1 140 ? -6.882  -15.559 7.336   1.00 43.44 ? 121 GLU A CG  1 
ATOM   1068 C  CD  . GLU A 1 140 ? -8.387  -15.728 7.458   1.00 42.48 ? 121 GLU A CD  1 
ATOM   1069 N  N   . LYS A 1 141 ? -7.877  -11.528 9.116   1.00 49.42 ? 122 LYS A N   1 
ATOM   1070 C  CA  . LYS A 1 141 ? -9.104  -10.983 9.700   1.00 52.13 ? 122 LYS A CA  1 
ATOM   1071 C  C   . LYS A 1 141 ? -9.661  -9.769  8.964   1.00 52.29 ? 122 LYS A C   1 
ATOM   1072 O  O   . LYS A 1 141 ? -10.734 -9.286  9.315   1.00 52.01 ? 122 LYS A O   1 
ATOM   1073 C  CB  . LYS A 1 141 ? -8.880  -10.588 11.159  1.00 52.27 ? 122 LYS A CB  1 
ATOM   1074 C  CG  . LYS A 1 141 ? -8.121  -9.277  11.356  1.00 56.69 ? 122 LYS A CG  1 
ATOM   1075 C  CD  . LYS A 1 141 ? -7.965  -8.984  12.827  1.00 55.76 ? 122 LYS A CD  1 
ATOM   1076 C  CE  . LYS A 1 141 ? -7.418  -7.600  13.064  1.00 57.43 ? 122 LYS A CE  1 
ATOM   1077 N  NZ  . LYS A 1 141 ? -7.407  -7.334  14.530  1.00 60.51 ? 122 LYS A NZ  1 
ATOM   1078 N  N   . GLU A 1 142 ? -8.963  -9.280  7.947   1.00 53.39 ? 123 GLU A N   1 
ATOM   1079 C  CA  . GLU A 1 142 ? -9.387  -8.060  7.268   1.00 55.23 ? 123 GLU A CA  1 
ATOM   1080 C  C   . GLU A 1 142 ? -10.261 -8.417  6.058   1.00 53.34 ? 123 GLU A C   1 
ATOM   1081 O  O   . GLU A 1 142 ? -9.818  -8.386  4.910   1.00 52.90 ? 123 GLU A O   1 
ATOM   1082 C  CB  . GLU A 1 142 ? -8.150  -7.230  6.907   1.00 54.98 ? 123 GLU A CB  1 
ATOM   1083 C  CG  . GLU A 1 142 ? -8.249  -5.787  7.394   1.00 62.50 ? 123 GLU A CG  1 
ATOM   1084 C  CD  . GLU A 1 142 ? -6.898  -5.083  7.422   1.00 61.82 ? 123 GLU A CD  1 
ATOM   1085 O  OE1 . GLU A 1 142 ? -6.359  -4.794  6.321   1.00 69.57 ? 123 GLU A OE1 1 
ATOM   1086 O  OE2 . GLU A 1 142 ? -6.401  -4.797  8.546   1.00 72.71 ? 123 GLU A OE2 1 
ATOM   1087 N  N   . LYS A 1 143 ? -11.513 -8.763  6.352   1.00 50.44 ? 124 LYS A N   1 
ATOM   1088 C  CA  . LYS A 1 143 ? -12.496 -9.173  5.349   1.00 50.84 ? 124 LYS A CA  1 
ATOM   1089 C  C   . LYS A 1 143 ? -12.804 -8.053  4.335   1.00 50.67 ? 124 LYS A C   1 
ATOM   1090 O  O   . LYS A 1 143 ? -12.901 -8.312  3.122   1.00 48.35 ? 124 LYS A O   1 
ATOM   1091 C  CB  . LYS A 1 143 ? -13.786 -9.652  6.052   1.00 49.73 ? 124 LYS A CB  1 
ATOM   1092 C  CG  . LYS A 1 143 ? -14.870 -10.183 5.125   1.00 49.72 ? 124 LYS A CG  1 
ATOM   1093 N  N   . ARG A 1 144 ? -12.962 -6.823  4.841   1.00 51.27 ? 125 ARG A N   1 
ATOM   1094 C  CA  . ARG A 1 144 ? -13.227 -5.645  4.000   1.00 50.58 ? 125 ARG A CA  1 
ATOM   1095 C  C   . ARG A 1 144 ? -12.141 -5.490  2.939   1.00 49.36 ? 125 ARG A C   1 
ATOM   1096 O  O   . ARG A 1 144 ? -12.446 -5.298  1.760   1.00 48.33 ? 125 ARG A O   1 
ATOM   1097 C  CB  . ARG A 1 144 ? -13.310 -4.371  4.852   1.00 51.85 ? 125 ARG A CB  1 
ATOM   1098 N  N   . SER A 1 145 ? -10.880 -5.594  3.357   1.00 47.70 ? 126 SER A N   1 
ATOM   1099 C  CA  . SER A 1 145 ? -9.757  -5.488  2.432   1.00 47.82 ? 126 SER A CA  1 
ATOM   1100 C  C   . SER A 1 145 ? -9.724  -6.636  1.434   1.00 45.71 ? 126 SER A C   1 
ATOM   1101 O  O   . SER A 1 145 ? -9.409  -6.417  0.278   1.00 44.87 ? 126 SER A O   1 
ATOM   1102 C  CB  . SER A 1 145 ? -8.428  -5.437  3.177   1.00 49.01 ? 126 SER A CB  1 
ATOM   1103 O  OG  . SER A 1 145 ? -8.431  -4.372  4.103   1.00 55.61 ? 126 SER A OG  1 
ATOM   1104 N  N   . HIS A 1 146 ? -10.047 -7.850  1.874   1.00 46.24 ? 127 HIS A N   1 
ATOM   1105 C  CA  . HIS A 1 146 ? -10.064 -9.008  0.962   1.00 46.71 ? 127 HIS A CA  1 
ATOM   1106 C  C   . HIS A 1 146 ? -11.081 -8.852  -0.176  1.00 48.38 ? 127 HIS A C   1 
ATOM   1107 O  O   . HIS A 1 146 ? -10.812 -9.282  -1.300  1.00 50.29 ? 127 HIS A O   1 
ATOM   1108 C  CB  . HIS A 1 146 ? -10.399 -10.321 1.683   1.00 46.70 ? 127 HIS A CB  1 
ATOM   1109 C  CG  . HIS A 1 146 ? -9.470  -10.661 2.800   1.00 46.13 ? 127 HIS A CG  1 
ATOM   1110 N  ND1 . HIS A 1 146 ? -9.849  -11.455 3.860   1.00 43.83 ? 127 HIS A ND1 1 
ATOM   1111 C  CD2 . HIS A 1 146 ? -8.202  -10.267 3.058   1.00 42.88 ? 127 HIS A CD2 1 
ATOM   1112 C  CE1 . HIS A 1 146 ? -8.837  -11.571 4.700   1.00 42.32 ? 127 HIS A CE1 1 
ATOM   1113 N  NE2 . HIS A 1 146 ? -7.829  -10.852 4.241   1.00 40.85 ? 127 HIS A NE2 1 
ATOM   1114 N  N   . PHE A 1 147 ? -12.250 -8.278  0.117   1.00 48.57 ? 128 PHE A N   1 
ATOM   1115 C  CA  . PHE A 1 147 ? -13.278 -8.086  -0.923  1.00 49.06 ? 128 PHE A CA  1 
ATOM   1116 C  C   . PHE A 1 147 ? -12.854 -6.919  -1.824  1.00 46.64 ? 128 PHE A C   1 
ATOM   1117 O  O   . PHE A 1 147 ? -13.052 -6.957  -3.030  1.00 45.64 ? 128 PHE A O   1 
ATOM   1118 C  CB  . PHE A 1 147 ? -14.670 -7.881  -0.307  1.00 50.08 ? 128 PHE A CB  1 
ATOM   1119 C  CG  . PHE A 1 147 ? -15.816 -8.232  -1.237  1.00 55.15 ? 128 PHE A CG  1 
ATOM   1120 C  CD1 . PHE A 1 147 ? -15.900 -9.503  -1.817  1.00 56.38 ? 128 PHE A CD1 1 
ATOM   1121 C  CD2 . PHE A 1 147 ? -16.848 -7.326  -1.475  1.00 58.09 ? 128 PHE A CD2 1 
ATOM   1122 C  CE1 . PHE A 1 147 ? -16.961 -9.841  -2.656  1.00 57.74 ? 128 PHE A CE1 1 
ATOM   1123 C  CE2 . PHE A 1 147 ? -17.915 -7.662  -2.305  1.00 55.24 ? 128 PHE A CE2 1 
ATOM   1124 C  CZ  . PHE A 1 147 ? -17.973 -8.924  -2.894  1.00 56.92 ? 128 PHE A CZ  1 
ATOM   1125 N  N   . PHE A 1 148 ? -12.256 -5.893  -1.224  1.00 46.61 ? 129 PHE A N   1 
ATOM   1126 C  CA  . PHE A 1 148 ? -11.702 -4.773  -1.980  1.00 45.56 ? 129 PHE A CA  1 
ATOM   1127 C  C   . PHE A 1 148 ? -10.649 -5.280  -2.984  1.00 43.78 ? 129 PHE A C   1 
ATOM   1128 O  O   . PHE A 1 148 ? -10.739 -4.951  -4.163  1.00 41.62 ? 129 PHE A O   1 
ATOM   1129 C  CB  . PHE A 1 148 ? -11.103 -3.678  -1.054  1.00 46.48 ? 129 PHE A CB  1 
ATOM   1130 C  CG  . PHE A 1 148 ? -10.393 -2.585  -1.810  1.00 47.33 ? 129 PHE A CG  1 
ATOM   1131 C  CD1 . PHE A 1 148 ? -11.094 -1.502  -2.306  1.00 47.53 ? 129 PHE A CD1 1 
ATOM   1132 C  CD2 . PHE A 1 148 ? -9.038  -2.674  -2.084  1.00 47.61 ? 129 PHE A CD2 1 
ATOM   1133 C  CE1 . PHE A 1 148 ? -10.450 -0.516  -3.041  1.00 43.14 ? 129 PHE A CE1 1 
ATOM   1134 C  CE2 . PHE A 1 148 ? -8.408  -1.698  -2.829  1.00 50.78 ? 129 PHE A CE2 1 
ATOM   1135 C  CZ  . PHE A 1 148 ? -9.120  -0.619  -3.302  1.00 46.09 ? 129 PHE A CZ  1 
ATOM   1136 N  N   . TYR A 1 149 ? -9.683  -6.083  -2.525  1.00 43.39 ? 130 TYR A N   1 
ATOM   1137 C  CA  . TYR A 1 149 ? -8.639  -6.633  -3.420  1.00 46.42 ? 130 TYR A CA  1 
ATOM   1138 C  C   . TYR A 1 149 ? -9.187  -7.525  -4.527  1.00 45.67 ? 130 TYR A C   1 
ATOM   1139 O  O   . TYR A 1 149 ? -8.710  -7.461  -5.643  1.00 45.36 ? 130 TYR A O   1 
ATOM   1140 C  CB  . TYR A 1 149 ? -7.542  -7.401  -2.662  1.00 49.90 ? 130 TYR A CB  1 
ATOM   1141 C  CG  . TYR A 1 149 ? -6.688  -6.532  -1.762  1.00 51.91 ? 130 TYR A CG  1 
ATOM   1142 C  CD1 . TYR A 1 149 ? -5.947  -5.479  -2.279  1.00 53.24 ? 130 TYR A CD1 1 
ATOM   1143 C  CD2 . TYR A 1 149 ? -6.611  -6.782  -0.402  1.00 54.13 ? 130 TYR A CD2 1 
ATOM   1144 C  CE1 . TYR A 1 149 ? -5.185  -4.686  -1.457  1.00 59.46 ? 130 TYR A CE1 1 
ATOM   1145 C  CE2 . TYR A 1 149 ? -5.867  -5.995  0.430   1.00 55.19 ? 130 TYR A CE2 1 
ATOM   1146 C  CZ  . TYR A 1 149 ? -5.151  -4.949  -0.094  1.00 59.72 ? 130 TYR A CZ  1 
ATOM   1147 O  OH  . TYR A 1 149 ? -4.382  -4.192  0.764   1.00 60.30 ? 130 TYR A OH  1 
ATOM   1148 N  N   . GLU A 1 150 ? -10.176 -8.342  -4.217  1.00 47.30 ? 131 GLU A N   1 
ATOM   1149 C  CA  . GLU A 1 150 ? -10.788 -9.224  -5.215  1.00 51.52 ? 131 GLU A CA  1 
ATOM   1150 C  C   . GLU A 1 150 ? -11.507 -8.432  -6.314  1.00 52.39 ? 131 GLU A C   1 
ATOM   1151 O  O   . GLU A 1 150 ? -11.496 -8.835  -7.491  1.00 51.45 ? 131 GLU A O   1 
ATOM   1152 C  CB  . GLU A 1 150 ? -11.705 -10.234 -4.523  1.00 52.65 ? 131 GLU A CB  1 
ATOM   1153 C  CG  . GLU A 1 150 ? -10.903 -11.257 -3.714  1.00 57.97 ? 131 GLU A CG  1 
ATOM   1154 C  CD  . GLU A 1 150 ? -11.718 -12.009 -2.681  1.00 64.51 ? 131 GLU A CD  1 
ATOM   1155 O  OE1 . GLU A 1 150 ? -12.970 -11.934 -2.697  1.00 66.38 ? 131 GLU A OE1 1 
ATOM   1156 O  OE2 . GLU A 1 150 ? -11.083 -12.680 -1.842  1.00 67.57 ? 131 GLU A OE2 1 
ATOM   1157 N  N   . ASN A 1 151 ? -12.107 -7.299  -5.917  1.00 53.29 ? 132 ASN A N   1 
ATOM   1158 C  CA  . ASN A 1 151 ? -12.753 -6.355  -6.847  1.00 52.95 ? 132 ASN A CA  1 
ATOM   1159 C  C   . ASN A 1 151 ? -11.740 -5.562  -7.688  1.00 53.09 ? 132 ASN A C   1 
ATOM   1160 O  O   . ASN A 1 151 ? -12.132 -4.910  -8.646  1.00 53.89 ? 132 ASN A O   1 
ATOM   1161 C  CB  . ASN A 1 151 ? -13.679 -5.367  -6.114  1.00 52.92 ? 132 ASN A CB  1 
ATOM   1162 C  CG  . ASN A 1 151 ? -14.989 -5.993  -5.671  1.00 51.86 ? 132 ASN A CG  1 
ATOM   1163 O  OD1 . ASN A 1 151 ? -15.358 -5.894  -4.502  1.00 54.49 ? 132 ASN A OD1 1 
ATOM   1164 N  ND2 . ASN A 1 151 ? -15.703 -6.630  -6.599  1.00 46.43 ? 132 ASN A ND2 1 
ATOM   1165 N  N   . GLN A 1 152 ? -10.455 -5.580  -7.324  1.00 52.44 ? 133 GLN A N   1 
ATOM   1166 C  CA  . GLN A 1 152 ? -9.427  -4.952  -8.147  1.00 51.66 ? 133 GLN A CA  1 
ATOM   1167 C  C   . GLN A 1 152 ? -8.760  -6.036  -8.988  1.00 50.81 ? 133 GLN A C   1 
ATOM   1168 O  O   . GLN A 1 152 ? -7.739  -5.776  -9.608  1.00 51.92 ? 133 GLN A O   1 
ATOM   1169 C  CB  . GLN A 1 152 ? -8.365  -4.229  -7.305  1.00 53.17 ? 133 GLN A CB  1 
ATOM   1170 C  CG  . GLN A 1 152 ? -8.869  -3.296  -6.181  1.00 54.04 ? 133 GLN A CG  1 
ATOM   1171 C  CD  . GLN A 1 152 ? -10.023 -2.397  -6.605  1.00 61.91 ? 133 GLN A CD  1 
ATOM   1172 O  OE1 . GLN A 1 152 ? -9.999  -1.795  -7.684  1.00 66.87 ? 133 GLN A OE1 1 
ATOM   1173 N  NE2 . GLN A 1 152 ? -11.043 -2.298  -5.746  1.00 54.89 ? 133 GLN A NE2 1 
ATOM   1174 N  N   . GLY A 1 153 ? -9.330  -7.250  -8.991  1.00 49.50 ? 134 GLY A N   1 
ATOM   1175 C  CA  . GLY A 1 153 ? -8.812  -8.369  -9.765  1.00 49.51 ? 134 GLY A CA  1 
ATOM   1176 C  C   . GLY A 1 153 ? -7.737  -9.255  -9.150  1.00 50.56 ? 134 GLY A C   1 
ATOM   1177 O  O   . GLY A 1 153 ? -7.126  -10.030 -9.882  1.00 51.85 ? 134 GLY A O   1 
ATOM   1178 N  N   . PHE A 1 154 ? -7.488  -9.160  -7.835  1.00 49.58 ? 135 PHE A N   1 
ATOM   1179 C  CA  . PHE A 1 154 ? -6.490  -10.032 -7.170  1.00 49.43 ? 135 PHE A CA  1 
ATOM   1180 C  C   . PHE A 1 154 ? -7.088  -11.360 -6.771  1.00 49.75 ? 135 PHE A C   1 
ATOM   1181 O  O   . PHE A 1 154 ? -8.220  -11.388 -6.271  1.00 48.64 ? 135 PHE A O   1 
ATOM   1182 C  CB  . PHE A 1 154 ? -5.933  -9.426  -5.889  1.00 47.44 ? 135 PHE A CB  1 
ATOM   1183 C  CG  . PHE A 1 154 ? -4.930  -8.368  -6.114  1.00 49.73 ? 135 PHE A CG  1 
ATOM   1184 C  CD1 . PHE A 1 154 ? -5.336  -7.102  -6.440  1.00 45.38 ? 135 PHE A CD1 1 
ATOM   1185 C  CD2 . PHE A 1 154 ? -3.568  -8.626  -5.986  1.00 47.72 ? 135 PHE A CD2 1 
ATOM   1186 C  CE1 . PHE A 1 154 ? -4.437  -6.125  -6.661  1.00 47.23 ? 135 PHE A CE1 1 
ATOM   1187 C  CE2 . PHE A 1 154 ? -2.649  -7.637  -6.210  1.00 45.89 ? 135 PHE A CE2 1 
ATOM   1188 C  CZ  . PHE A 1 154 ? -3.082  -6.369  -6.541  1.00 47.38 ? 135 PHE A CZ  1 
ATOM   1189 N  N   . LYS A 1 155 ? -6.310  -12.435 -6.952  1.00 48.45 ? 136 LYS A N   1 
ATOM   1190 C  CA  . LYS A 1 155 ? -6.714  -13.785 -6.573  1.00 48.59 ? 136 LYS A CA  1 
ATOM   1191 C  C   . LYS A 1 155 ? -5.787  -14.239 -5.449  1.00 49.49 ? 136 LYS A C   1 
ATOM   1192 O  O   . LYS A 1 155 ? -4.617  -13.878 -5.446  1.00 48.91 ? 136 LYS A O   1 
ATOM   1193 C  CB  . LYS A 1 155 ? -6.617  -14.726 -7.771  1.00 49.05 ? 136 LYS A CB  1 
ATOM   1194 N  N   . GLN A 1 156 ? -6.312  -15.001 -4.485  1.00 50.82 ? 137 GLN A N   1 
ATOM   1195 C  CA  . GLN A 1 156 ? -5.521  -15.479 -3.335  1.00 51.04 ? 137 GLN A CA  1 
ATOM   1196 C  C   . GLN A 1 156 ? -4.538  -16.553 -3.792  1.00 50.98 ? 137 GLN A C   1 
ATOM   1197 O  O   . GLN A 1 156 ? -4.727  -17.145 -4.841  1.00 50.87 ? 137 GLN A O   1 
ATOM   1198 C  CB  . GLN A 1 156 ? -6.431  -15.998 -2.200  1.00 50.72 ? 137 GLN A CB  1 
ATOM   1199 C  CG  . GLN A 1 156 ? -5.692  -16.431 -0.904  1.00 50.44 ? 137 GLN A CG  1 
ATOM   1200 C  CD  . GLN A 1 156 ? -6.622  -16.795 0.261   1.00 51.18 ? 137 GLN A CD  1 
ATOM   1201 O  OE1 . GLN A 1 156 ? -7.851  -16.745 0.145   1.00 49.71 ? 137 GLN A OE1 1 
ATOM   1202 N  NE2 . GLN A 1 156 ? -6.026  -17.168 1.396   1.00 42.84 ? 137 GLN A NE2 1 
ATOM   1203 N  N   . ILE A 1 157 ? -3.472  -16.753 -3.019  1.00 52.88 ? 138 ILE A N   1 
ATOM   1204 C  CA  . ILE A 1 157 ? -2.443  -17.740 -3.319  1.00 53.94 ? 138 ILE A CA  1 
ATOM   1205 C  C   . ILE A 1 157 ? -1.793  -18.200 -2.011  1.00 54.62 ? 138 ILE A C   1 
ATOM   1206 O  O   . ILE A 1 157 ? -1.847  -17.493 -0.994  1.00 53.67 ? 138 ILE A O   1 
ATOM   1207 C  CB  . ILE A 1 157 ? -1.372  -17.160 -4.302  1.00 54.43 ? 138 ILE A CB  1 
ATOM   1208 C  CG1 . ILE A 1 157 ? -0.646  -18.274 -5.066  1.00 57.30 ? 138 ILE A CG1 1 
ATOM   1209 C  CG2 . ILE A 1 157 ? -0.375  -16.278 -3.573  1.00 53.11 ? 138 ILE A CG2 1 
ATOM   1210 C  CD1 . ILE A 1 157 ? 0.216   -17.770 -6.220  1.00 55.88 ? 138 ILE A CD1 1 
ATOM   1211 N  N   . THR A 1 158 ? -1.184  -19.383 -2.049  1.00 56.92 ? 139 THR A N   1 
ATOM   1212 C  CA  . THR A 1 158 ? -0.523  -19.969 -0.887  1.00 58.64 ? 139 THR A CA  1 
ATOM   1213 C  C   . THR A 1 158 ? 0.875   -19.408 -0.776  1.00 60.08 ? 139 THR A C   1 
ATOM   1214 O  O   . THR A 1 158 ? 1.514   -19.095 -1.785  1.00 59.99 ? 139 THR A O   1 
ATOM   1215 C  CB  . THR A 1 158 ? -0.385  -21.507 -1.007  1.00 59.77 ? 139 THR A CB  1 
ATOM   1216 O  OG1 . THR A 1 158 ? -1.563  -22.070 -1.611  1.00 59.25 ? 139 THR A OG1 1 
ATOM   1217 C  CG2 . THR A 1 158 ? -0.121  -22.142 0.367   1.00 59.27 ? 139 THR A CG2 1 
ATOM   1218 N  N   . ARG A 1 159 ? 1.354   -19.305 0.455   1.00 62.46 ? 140 ARG A N   1 
ATOM   1219 C  CA  . ARG A 1 159 ? 2.682   -18.763 0.730   1.00 63.96 ? 140 ARG A CA  1 
ATOM   1220 C  C   . ARG A 1 159 ? 3.767   -19.733 0.270   1.00 64.04 ? 140 ARG A C   1 
ATOM   1221 O  O   . ARG A 1 159 ? 4.760   -19.320 -0.330  1.00 64.40 ? 140 ARG A O   1 
ATOM   1222 C  CB  . ARG A 1 159 ? 2.804   -18.451 2.221   1.00 65.03 ? 140 ARG A CB  1 
ATOM   1223 C  CG  . ARG A 1 159 ? 4.119   -17.844 2.641   1.00 69.50 ? 140 ARG A CG  1 
ATOM   1224 C  CD  . ARG A 1 159 ? 3.960   -17.078 3.954   1.00 76.24 ? 140 ARG A CD  1 
ATOM   1225 N  NE  . ARG A 1 159 ? 5.243   -16.627 4.496   1.00 81.73 ? 140 ARG A NE  1 
ATOM   1226 C  CZ  . ARG A 1 159 ? 5.397   -15.850 5.571   1.00 82.46 ? 140 ARG A CZ  1 
ATOM   1227 N  NH1 . ARG A 1 159 ? 4.344   -15.404 6.262   1.00 81.53 ? 140 ARG A NH1 1 
ATOM   1228 N  NH2 . ARG A 1 159 ? 6.627   -15.510 5.955   1.00 81.86 ? 140 ARG A NH2 1 
ATOM   1229 N  N   . ASP A 1 160 ? 3.559   -21.021 0.549   1.00 63.96 ? 141 ASP A N   1 
ATOM   1230 C  CA  . ASP A 1 160 ? 4.495   -22.086 0.148   1.00 62.64 ? 141 ASP A CA  1 
ATOM   1231 C  C   . ASP A 1 160 ? 4.482   -22.368 -1.375  1.00 60.99 ? 141 ASP A C   1 
ATOM   1232 O  O   . ASP A 1 160 ? 5.432   -22.940 -1.898  1.00 60.36 ? 141 ASP A O   1 
ATOM   1233 C  CB  . ASP A 1 160 ? 4.210   -23.373 0.940   1.00 62.29 ? 141 ASP A CB  1 
ATOM   1234 C  CG  . ASP A 1 160 ? 4.450   -23.212 2.433   1.00 60.35 ? 141 ASP A CG  1 
ATOM   1235 N  N   . GLU A 1 161 ? 3.422   -21.944 -2.068  1.00 59.52 ? 142 GLU A N   1 
ATOM   1236 C  CA  . GLU A 1 161 ? 3.275   -22.140 -3.513  1.00 58.48 ? 142 GLU A CA  1 
ATOM   1237 C  C   . GLU A 1 161 ? 3.619   -20.927 -4.383  1.00 57.15 ? 142 GLU A C   1 
ATOM   1238 O  O   . GLU A 1 161 ? 3.616   -21.027 -5.605  1.00 56.01 ? 142 GLU A O   1 
ATOM   1239 C  CB  . GLU A 1 161 ? 1.853   -22.584 -3.806  1.00 59.75 ? 142 GLU A CB  1 
ATOM   1240 C  CG  . GLU A 1 161 ? 1.488   -23.884 -3.088  1.00 61.88 ? 142 GLU A CG  1 
ATOM   1241 C  CD  . GLU A 1 161 ? 0.057   -24.278 -3.294  1.00 64.88 ? 142 GLU A CD  1 
ATOM   1242 O  OE1 . GLU A 1 161 ? -0.752  -23.389 -3.636  1.00 69.72 ? 142 GLU A OE1 1 
ATOM   1243 O  OE2 . GLU A 1 161 ? -0.262  -25.469 -3.098  1.00 64.92 ? 142 GLU A OE2 1 
ATOM   1244 N  N   . LEU A 1 162 ? 3.880   -19.777 -3.764  1.00 56.02 ? 143 LEU A N   1 
ATOM   1245 C  CA  . LEU A 1 162 ? 4.298   -18.581 -4.498  1.00 54.81 ? 143 LEU A CA  1 
ATOM   1246 C  C   . LEU A 1 162 ? 5.813   -18.531 -4.413  1.00 52.93 ? 143 LEU A C   1 
ATOM   1247 O  O   . LEU A 1 162 ? 6.348   -18.547 -3.310  1.00 54.63 ? 143 LEU A O   1 
ATOM   1248 C  CB  . LEU A 1 162 ? 3.715   -17.313 -3.860  1.00 54.49 ? 143 LEU A CB  1 
ATOM   1249 C  CG  . LEU A 1 162 ? 4.129   -15.961 -4.470  1.00 54.88 ? 143 LEU A CG  1 
ATOM   1250 C  CD1 . LEU A 1 162 ? 3.699   -15.830 -5.925  1.00 51.64 ? 143 LEU A CD1 1 
ATOM   1251 C  CD2 . LEU A 1 162 ? 3.558   -14.811 -3.654  1.00 53.14 ? 143 LEU A CD2 1 
ATOM   1252 N  N   . ASP A 1 163 ? 6.505   -18.491 -5.552  1.00 49.38 ? 144 ASP A N   1 
ATOM   1253 C  CA  . ASP A 1 163 ? 7.961   -18.373 -5.554  1.00 47.90 ? 144 ASP A CA  1 
ATOM   1254 C  C   . ASP A 1 163 ? 8.263   -16.919 -5.866  1.00 46.85 ? 144 ASP A C   1 
ATOM   1255 O  O   . ASP A 1 163 ? 8.030   -16.474 -6.977  1.00 47.08 ? 144 ASP A O   1 
ATOM   1256 C  CB  . ASP A 1 163 ? 8.602   -19.293 -6.592  1.00 49.58 ? 144 ASP A CB  1 
ATOM   1257 C  CG  . ASP A 1 163 ? 10.126  -19.277 -6.533  1.00 51.89 ? 144 ASP A CG  1 
ATOM   1258 O  OD1 . ASP A 1 163 ? 10.728  -18.310 -6.005  1.00 61.72 ? 144 ASP A OD1 1 
ATOM   1259 O  OD2 . ASP A 1 163 ? 10.731  -20.243 -7.026  1.00 54.91 ? 144 ASP A OD2 1 
ATOM   1260 N  N   . VAL A 1 164 ? 8.775   -16.182 -4.883  1.00 43.63 ? 145 VAL A N   1 
ATOM   1261 C  CA  . VAL A 1 164 ? 9.057   -14.769 -5.059  1.00 41.42 ? 145 VAL A CA  1 
ATOM   1262 C  C   . VAL A 1 164 ? 10.259  -14.379 -4.164  1.00 39.62 ? 145 VAL A C   1 
ATOM   1263 O  O   . VAL A 1 164 ? 10.421  -14.905 -3.063  1.00 39.50 ? 145 VAL A O   1 
ATOM   1264 C  CB  . VAL A 1 164 ? 7.768   -13.943 -4.757  1.00 41.06 ? 145 VAL A CB  1 
ATOM   1265 C  CG1 . VAL A 1 164 ? 7.314   -14.131 -3.293  1.00 44.22 ? 145 VAL A CG1 1 
ATOM   1266 C  CG2 . VAL A 1 164 ? 7.945   -12.466 -5.071  1.00 39.47 ? 145 VAL A CG2 1 
ATOM   1267 N  N   . ASP A 1 165 ? 11.102  -13.471 -4.645  1.00 36.76 ? 146 ASP A N   1 
ATOM   1268 C  CA  . ASP A 1 165 ? 12.294  -13.047 -3.906  1.00 37.03 ? 146 ASP A CA  1 
ATOM   1269 C  C   . ASP A 1 165 ? 11.896  -11.991 -2.882  1.00 35.09 ? 146 ASP A C   1 
ATOM   1270 O  O   . ASP A 1 165 ? 12.370  -10.864 -2.911  1.00 34.43 ? 146 ASP A O   1 
ATOM   1271 C  CB  . ASP A 1 165 ? 13.344  -12.499 -4.884  1.00 39.26 ? 146 ASP A CB  1 
ATOM   1272 C  CG  . ASP A 1 165 ? 14.717  -12.293 -4.245  1.00 45.84 ? 146 ASP A CG  1 
ATOM   1273 O  OD1 . ASP A 1 165 ? 15.061  -13.007 -3.281  1.00 54.20 ? 146 ASP A OD1 1 
ATOM   1274 O  OD2 . ASP A 1 165 ? 15.473  -11.428 -4.737  1.00 54.09 ? 146 ASP A OD2 1 
ATOM   1275 N  N   . TYR A 1 166 ? 11.037  -12.393 -1.957  1.00 34.81 ? 147 TYR A N   1 
ATOM   1276 C  CA  . TYR A 1 166 ? 10.480  -11.492 -0.968  1.00 35.72 ? 147 TYR A CA  1 
ATOM   1277 C  C   . TYR A 1 166 ? 9.913   -12.316 0.158   1.00 35.24 ? 147 TYR A C   1 
ATOM   1278 O  O   . TYR A 1 166 ? 9.351   -13.376 -0.074  1.00 36.21 ? 147 TYR A O   1 
ATOM   1279 C  CB  . TYR A 1 166 ? 9.372   -10.660 -1.619  1.00 37.01 ? 147 TYR A CB  1 
ATOM   1280 C  CG  . TYR A 1 166 ? 8.756   -9.631  -0.714  1.00 37.06 ? 147 TYR A CG  1 
ATOM   1281 C  CD1 . TYR A 1 166 ? 9.408   -8.436  -0.448  1.00 38.73 ? 147 TYR A CD1 1 
ATOM   1282 C  CD2 . TYR A 1 166 ? 7.504   -9.842  -0.147  1.00 36.02 ? 147 TYR A CD2 1 
ATOM   1283 C  CE1 . TYR A 1 166 ? 8.843   -7.482  0.368   1.00 37.65 ? 147 TYR A CE1 1 
ATOM   1284 C  CE2 . TYR A 1 166 ? 6.944   -8.908  0.664   1.00 36.93 ? 147 TYR A CE2 1 
ATOM   1285 C  CZ  . TYR A 1 166 ? 7.608   -7.724  0.917   1.00 40.84 ? 147 TYR A CZ  1 
ATOM   1286 O  OH  . TYR A 1 166 ? 7.017   -6.786  1.737   1.00 40.76 ? 147 TYR A OH  1 
ATOM   1287 N  N   . ILE A 1 167 ? 10.072  -11.827 1.381   1.00 36.36 ? 148 ILE A N   1 
ATOM   1288 C  CA  . ILE A 1 167 ? 9.549   -12.512 2.548   1.00 35.80 ? 148 ILE A CA  1 
ATOM   1289 C  C   . ILE A 1 167 ? 8.475   -11.629 3.158   1.00 36.90 ? 148 ILE A C   1 
ATOM   1290 O  O   . ILE A 1 167 ? 8.730   -10.451 3.490   1.00 37.82 ? 148 ILE A O   1 
ATOM   1291 C  CB  . ILE A 1 167 ? 10.654  -12.799 3.605   1.00 34.21 ? 148 ILE A CB  1 
ATOM   1292 C  CG1 . ILE A 1 167 ? 11.851  -13.552 2.999   1.00 34.00 ? 148 ILE A CG1 1 
ATOM   1293 C  CG2 . ILE A 1 167 ? 10.076  -13.602 4.777   1.00 34.99 ? 148 ILE A CG2 1 
ATOM   1294 C  CD1 . ILE A 1 167 ? 11.633  -14.963 2.745   1.00 34.20 ? 148 ILE A CD1 1 
ATOM   1295 N  N   . PHE A 1 168 ? 7.274   -12.191 3.273   1.00 36.87 ? 149 PHE A N   1 
ATOM   1296 C  CA  . PHE A 1 168 ? 6.143   -11.512 3.884   1.00 39.17 ? 149 PHE A CA  1 
ATOM   1297 C  C   . PHE A 1 168 ? 6.293   -11.617 5.401   1.00 40.99 ? 149 PHE A C   1 
ATOM   1298 O  O   . PHE A 1 168 ? 6.825   -12.616 5.906   1.00 38.85 ? 149 PHE A O   1 
ATOM   1299 C  CB  . PHE A 1 168 ? 4.811   -12.149 3.440   1.00 41.65 ? 149 PHE A CB  1 
ATOM   1300 C  CG  . PHE A 1 168 ? 4.608   -12.143 1.950   1.00 37.80 ? 149 PHE A CG  1 
ATOM   1301 C  CD1 . PHE A 1 168 ? 4.145   -11.015 1.303   1.00 43.09 ? 149 PHE A CD1 1 
ATOM   1302 C  CD2 . PHE A 1 168 ? 4.920   -13.249 1.196   1.00 42.11 ? 149 PHE A CD2 1 
ATOM   1303 C  CE1 . PHE A 1 168 ? 3.977   -11.015 -0.088  1.00 37.59 ? 149 PHE A CE1 1 
ATOM   1304 C  CE2 . PHE A 1 168 ? 4.757   -13.249 -0.185  1.00 46.92 ? 149 PHE A CE2 1 
ATOM   1305 C  CZ  . PHE A 1 168 ? 4.290   -12.121 -0.818  1.00 41.91 ? 149 PHE A CZ  1 
ATOM   1306 N  N   . PRO A 1 169 ? 5.796   -10.613 6.147   1.00 45.46 ? 150 PRO A N   1 
ATOM   1307 C  CA  . PRO A 1 169 ? 5.951   -10.659 7.608   1.00 47.87 ? 150 PRO A CA  1 
ATOM   1308 C  C   . PRO A 1 169 ? 5.317   -11.901 8.239   1.00 49.85 ? 150 PRO A C   1 
ATOM   1309 O  O   . PRO A 1 169 ? 4.356   -12.460 7.687   1.00 50.02 ? 150 PRO A O   1 
ATOM   1310 C  CB  . PRO A 1 169 ? 5.286   -9.359  8.084   1.00 48.22 ? 150 PRO A CB  1 
ATOM   1311 C  CG  . PRO A 1 169 ? 4.454   -8.896  6.947   1.00 47.68 ? 150 PRO A CG  1 
ATOM   1312 C  CD  . PRO A 1 169 ? 5.075   -9.408  5.702   1.00 47.02 ? 150 PRO A CD  1 
ATOM   1313 N  N   . ASP A 1 170 ? 5.879   -12.339 9.367   1.00 52.94 ? 151 ASP A N   1 
ATOM   1314 C  CA  . ASP A 1 170 ? 5.403   -13.553 10.060  1.00 56.33 ? 151 ASP A CA  1 
ATOM   1315 C  C   . ASP A 1 170 ? 4.161   -13.232 10.908  1.00 56.81 ? 151 ASP A C   1 
ATOM   1316 O  O   . ASP A 1 170 ? 4.238   -13.075 12.138  1.00 55.59 ? 151 ASP A O   1 
ATOM   1317 C  CB  . ASP A 1 170 ? 6.533   -14.186 10.903  1.00 56.87 ? 151 ASP A CB  1 
ATOM   1318 C  CG  . ASP A 1 170 ? 6.252   -15.637 11.289  1.00 61.65 ? 151 ASP A CG  1 
ATOM   1319 O  OD1 . ASP A 1 170 ? 5.169   -16.157 10.947  1.00 68.90 ? 151 ASP A OD1 1 
ATOM   1320 O  OD2 . ASP A 1 170 ? 7.130   -16.266 11.924  1.00 64.86 ? 151 ASP A OD2 1 
ATOM   1321 N  N   . ARG A 1 171 ? 3.027   -13.110 10.212  1.00 57.73 ? 152 ARG A N   1 
ATOM   1322 C  CA  . ARG A 1 171 ? 1.727   -12.809 10.818  1.00 59.16 ? 152 ARG A CA  1 
ATOM   1323 C  C   . ARG A 1 171 ? 0.683   -13.715 10.193  1.00 57.68 ? 152 ARG A C   1 
ATOM   1324 O  O   . ARG A 1 171 ? 0.957   -14.428 9.220   1.00 56.08 ? 152 ARG A O   1 
ATOM   1325 C  CB  . ARG A 1 171 ? 1.326   -11.349 10.574  1.00 59.14 ? 152 ARG A CB  1 
ATOM   1326 C  CG  . ARG A 1 171 ? 2.252   -10.325 11.227  1.00 62.98 ? 152 ARG A CG  1 
ATOM   1327 C  CD  . ARG A 1 171 ? 2.060   -8.914  10.667  1.00 62.68 ? 152 ARG A CD  1 
ATOM   1328 N  NE  . ARG A 1 171 ? 3.276   -8.123  10.890  1.00 66.82 ? 152 ARG A NE  1 
ATOM   1329 C  CZ  . ARG A 1 171 ? 3.667   -7.073  10.156  1.00 71.85 ? 152 ARG A CZ  1 
ATOM   1330 N  NH1 . ARG A 1 171 ? 2.943   -6.647  9.111   1.00 67.33 ? 152 ARG A NH1 1 
ATOM   1331 N  NH2 . ARG A 1 171 ? 4.818   -6.457  10.461  1.00 67.60 ? 152 ARG A NH2 1 
ATOM   1332 N  N   . ASP A 1 172 ? -0.511  -13.694 10.777  1.00 57.65 ? 153 ASP A N   1 
ATOM   1333 C  CA  . ASP A 1 172 ? -1.649  -14.449 10.257  1.00 56.49 ? 153 ASP A CA  1 
ATOM   1334 C  C   . ASP A 1 172 ? -2.179  -13.563 9.110   1.00 53.87 ? 153 ASP A C   1 
ATOM   1335 O  O   . ASP A 1 172 ? -3.034  -12.696 9.322   1.00 52.79 ? 153 ASP A O   1 
ATOM   1336 C  CB  . ASP A 1 172 ? -2.686  -14.675 11.369  1.00 56.57 ? 153 ASP A CB  1 
ATOM   1337 C  CG  . ASP A 1 172 ? -3.843  -15.560 10.934  1.00 59.79 ? 153 ASP A CG  1 
ATOM   1338 O  OD1 . ASP A 1 172 ? -3.650  -16.422 10.046  1.00 63.02 ? 153 ASP A OD1 1 
ATOM   1339 O  OD2 . ASP A 1 172 ? -4.946  -15.398 11.502  1.00 61.38 ? 153 ASP A OD2 1 
ATOM   1340 N  N   A SER A 1 173 ? -1.646  -13.790 7.909   0.50 52.82 ? 154 SER A N   1 
ATOM   1341 N  N   B SER A 1 173 ? -1.646  -13.785 7.909   0.50 52.88 ? 154 SER A N   1 
ATOM   1342 C  CA  A SER A 1 173 ? -1.984  -12.988 6.736   0.50 51.85 ? 154 SER A CA  1 
ATOM   1343 C  CA  B SER A 1 173 ? -1.999  -12.988 6.737   0.50 51.96 ? 154 SER A CA  1 
ATOM   1344 C  C   A SER A 1 173 ? -2.153  -13.828 5.473   0.50 50.69 ? 154 SER A C   1 
ATOM   1345 C  C   B SER A 1 173 ? -2.182  -13.843 5.488   0.50 50.74 ? 154 SER A C   1 
ATOM   1346 O  O   A SER A 1 173 ? -1.564  -14.897 5.357   0.50 52.51 ? 154 SER A O   1 
ATOM   1347 O  O   B SER A 1 173 ? -1.643  -14.942 5.401   0.50 52.51 ? 154 SER A O   1 
ATOM   1348 C  CB  A SER A 1 173 ? -0.890  -11.939 6.502   0.50 51.73 ? 154 SER A CB  1 
ATOM   1349 C  CB  B SER A 1 173 ? -0.913  -11.935 6.481   0.50 51.89 ? 154 SER A CB  1 
ATOM   1350 O  OG  A SER A 1 173 ? -0.746  -11.095 7.630   0.50 50.59 ? 154 SER A OG  1 
ATOM   1351 O  OG  B SER A 1 173 ? 0.331   -12.545 6.188   0.50 51.18 ? 154 SER A OG  1 
ATOM   1352 N  N   . ARG A 1 174 ? -2.956  -13.326 4.536   1.00 48.98 ? 155 ARG A N   1 
ATOM   1353 C  CA  . ARG A 1 174 ? -3.204  -13.994 3.257   1.00 45.63 ? 155 ARG A CA  1 
ATOM   1354 C  C   . ARG A 1 174 ? -2.383  -13.321 2.196   1.00 43.70 ? 155 ARG A C   1 
ATOM   1355 O  O   . ARG A 1 174 ? -2.213  -12.097 2.244   1.00 41.33 ? 155 ARG A O   1 
ATOM   1356 C  CB  . ARG A 1 174 ? -4.638  -13.792 2.794   1.00 45.97 ? 155 ARG A CB  1 
ATOM   1357 C  CG  . ARG A 1 174 ? -5.667  -14.308 3.692   1.00 46.11 ? 155 ARG A CG  1 
ATOM   1358 C  CD  . ARG A 1 174 ? -6.995  -14.240 2.999   1.00 46.41 ? 155 ARG A CD  1 
ATOM   1359 N  NE  . ARG A 1 174 ? -8.042  -14.748 3.866   1.00 43.20 ? 155 ARG A NE  1 
ATOM   1360 C  CZ  . ARG A 1 174 ? -9.306  -14.896 3.495   1.00 44.96 ? 155 ARG A CZ  1 
ATOM   1361 N  NH1 . ARG A 1 174 ? -9.696  -14.562 2.269   1.00 43.60 ? 155 ARG A NH1 1 
ATOM   1362 N  NH2 . ARG A 1 174 ? -10.190 -15.369 4.365   1.00 42.08 ? 155 ARG A NH2 1 
ATOM   1363 N  N   . ILE A 1 175 ? -1.911  -14.107 1.229   1.00 41.93 ? 156 ILE A N   1 
ATOM   1364 C  CA  . ILE A 1 175 ? -1.159  -13.585 0.102   1.00 42.76 ? 156 ILE A CA  1 
ATOM   1365 C  C   . ILE A 1 175 ? -2.087  -13.566 -1.124  1.00 42.58 ? 156 ILE A C   1 
ATOM   1366 O  O   . ILE A 1 175 ? -2.782  -14.546 -1.408  1.00 41.35 ? 156 ILE A O   1 
ATOM   1367 C  CB  . ILE A 1 175 ? 0.177   -14.373 -0.152  1.00 42.57 ? 156 ILE A CB  1 
ATOM   1368 C  CG1 . ILE A 1 175 ? 1.238   -14.034 0.895   1.00 48.11 ? 156 ILE A CG1 1 
ATOM   1369 C  CG2 . ILE A 1 175 ? 0.838   -13.945 -1.460  1.00 42.06 ? 156 ILE A CG2 1 
ATOM   1370 C  CD1 . ILE A 1 175 ? 0.908   -14.344 2.299   1.00 54.17 ? 156 ILE A CD1 1 
ATOM   1371 N  N   . TYR A 1 176 ? -2.097  -12.426 -1.815  1.00 44.13 ? 157 TYR A N   1 
ATOM   1372 C  CA  . TYR A 1 176 ? -2.887  -12.184 -3.033  1.00 44.60 ? 157 TYR A CA  1 
ATOM   1373 C  C   . TYR A 1 176 ? -1.973  -11.829 -4.224  1.00 45.26 ? 157 TYR A C   1 
ATOM   1374 O  O   . TYR A 1 176 ? -0.902  -11.242 -4.038  1.00 43.81 ? 157 TYR A O   1 
ATOM   1375 C  CB  . TYR A 1 176 ? -3.880  -11.033 -2.802  1.00 46.05 ? 157 TYR A CB  1 
ATOM   1376 C  CG  . TYR A 1 176 ? -5.141  -11.431 -2.079  1.00 46.00 ? 157 TYR A CG  1 
ATOM   1377 C  CD1 . TYR A 1 176 ? -6.193  -11.989 -2.772  1.00 48.26 ? 157 TYR A CD1 1 
ATOM   1378 C  CD2 . TYR A 1 176 ? -5.284  -11.239 -0.712  1.00 49.46 ? 157 TYR A CD2 1 
ATOM   1379 C  CE1 . TYR A 1 176 ? -7.353  -12.368 -2.136  1.00 49.92 ? 157 TYR A CE1 1 
ATOM   1380 C  CE2 . TYR A 1 176 ? -6.443  -11.616 -0.059  1.00 48.49 ? 157 TYR A CE2 1 
ATOM   1381 C  CZ  . TYR A 1 176 ? -7.477  -12.184 -0.783  1.00 51.64 ? 157 TYR A CZ  1 
ATOM   1382 O  OH  . TYR A 1 176 ? -8.647  -12.563 -0.170  1.00 46.91 ? 157 TYR A OH  1 
ATOM   1383 N  N   A VAL A 1 177 ? -2.410  -12.171 -5.433  0.50 45.37 ? 158 VAL A N   1 
ATOM   1384 N  N   B VAL A 1 177 ? -2.413  -12.178 -5.433  0.50 45.81 ? 158 VAL A N   1 
ATOM   1385 C  CA  A VAL A 1 177 ? -1.636  -11.903 -6.650  0.50 45.45 ? 158 VAL A CA  1 
ATOM   1386 C  CA  B VAL A 1 177 ? -1.653  -11.938 -6.670  0.50 46.26 ? 158 VAL A CA  1 
ATOM   1387 C  C   A VAL A 1 177 ? -2.532  -11.421 -7.800  0.50 46.07 ? 158 VAL A C   1 
ATOM   1388 C  C   B VAL A 1 177 ? -2.545  -11.414 -7.799  0.50 46.50 ? 158 VAL A C   1 
ATOM   1389 O  O   A VAL A 1 177 ? -3.686  -11.841 -7.917  0.50 45.49 ? 158 VAL A O   1 
ATOM   1390 O  O   B VAL A 1 177 ? -3.709  -11.804 -7.907  0.50 45.90 ? 158 VAL A O   1 
ATOM   1391 C  CB  A VAL A 1 177 ? -0.829  -13.157 -7.096  0.50 44.77 ? 158 VAL A CB  1 
ATOM   1392 C  CB  B VAL A 1 177 ? -0.978  -13.244 -7.171  0.50 45.95 ? 158 VAL A CB  1 
ATOM   1393 C  CG1 A VAL A 1 177 ? -1.757  -14.327 -7.448  0.50 40.61 ? 158 VAL A CG1 1 
ATOM   1394 C  CG1 B VAL A 1 177 ? -0.239  -13.018 -8.490  0.50 46.52 ? 158 VAL A CG1 1 
ATOM   1395 C  CG2 A VAL A 1 177 ? 0.089   -12.829 -8.265  0.50 45.94 ? 158 VAL A CG2 1 
ATOM   1396 C  CG2 B VAL A 1 177 ? -0.032  -13.786 -6.121  0.50 44.87 ? 158 VAL A CG2 1 
ATOM   1397 N  N   . LYS A 1 178 ? -1.990  -10.533 -8.632  1.00 46.35 ? 159 LYS A N   1 
ATOM   1398 C  CA  . LYS A 1 178 ? -2.692  -10.002 -9.802  1.00 47.83 ? 159 LYS A CA  1 
ATOM   1399 C  C   . LYS A 1 178 ? -1.713  -10.015 -10.976 1.00 49.01 ? 159 LYS A C   1 
ATOM   1400 O  O   . LYS A 1 178 ? -0.675  -9.348  -10.933 1.00 46.98 ? 159 LYS A O   1 
ATOM   1401 C  CB  . LYS A 1 178 ? -3.182  -8.575  -9.544  1.00 48.15 ? 159 LYS A CB  1 
ATOM   1402 C  CG  . LYS A 1 178 ? -3.937  -7.912  -10.713 1.00 49.04 ? 159 LYS A CG  1 
ATOM   1403 C  CD  . LYS A 1 178 ? -4.284  -6.460  -10.355 1.00 49.67 ? 159 LYS A CD  1 
ATOM   1404 C  CE  . LYS A 1 178 ? -4.860  -5.649  -11.513 1.00 46.69 ? 159 LYS A CE  1 
ATOM   1405 N  NZ  . LYS A 1 178 ? -6.203  -6.140  -11.923 1.00 44.84 ? 159 LYS A NZ  1 
ATOM   1406 N  N   . LEU A 1 179 ? -2.039  -10.779 -12.017 1.00 51.07 ? 160 LEU A N   1 
ATOM   1407 C  CA  . LEU A 1 179 ? -1.205  -10.853 -13.229 1.00 52.47 ? 160 LEU A CA  1 
ATOM   1408 C  C   . LEU A 1 179 ? -1.665  -9.770  -14.201 1.00 53.62 ? 160 LEU A C   1 
ATOM   1409 O  O   . LEU A 1 179 ? -2.866  -9.659  -14.473 1.00 55.02 ? 160 LEU A O   1 
ATOM   1410 C  CB  . LEU A 1 179 ? -1.292  -12.239 -13.890 1.00 50.62 ? 160 LEU A CB  1 
ATOM   1411 C  CG  . LEU A 1 179 ? -0.887  -13.434 -13.016 1.00 51.47 ? 160 LEU A CG  1 
ATOM   1412 C  CD1 . LEU A 1 179 ? -0.882  -14.731 -13.803 1.00 50.19 ? 160 LEU A CD1 1 
ATOM   1413 C  CD2 . LEU A 1 179 ? 0.483   -13.221 -12.393 1.00 54.13 ? 160 LEU A CD2 1 
ATOM   1414 N  N   . LEU A 1 180 ? -0.720  -8.980  -14.717 1.00 53.76 ? 161 LEU A N   1 
ATOM   1415 C  CA  . LEU A 1 180 ? -1.037  -7.880  -15.634 1.00 54.35 ? 161 LEU A CA  1 
ATOM   1416 C  C   . LEU A 1 180 ? -1.074  -8.294  -17.118 1.00 54.68 ? 161 LEU A C   1 
ATOM   1417 O  O   . LEU A 1 180 ? -0.177  -8.968  -17.615 1.00 55.83 ? 161 LEU A O   1 
ATOM   1418 C  CB  . LEU A 1 180 ? -0.057  -6.722  -15.419 1.00 53.37 ? 161 LEU A CB  1 
ATOM   1419 C  CG  . LEU A 1 180 ? -0.011  -6.159  -13.992 1.00 54.29 ? 161 LEU A CG  1 
ATOM   1420 C  CD1 . LEU A 1 180 ? 0.900   -4.938  -13.914 1.00 53.54 ? 161 LEU A CD1 1 
ATOM   1421 C  CD2 . LEU A 1 180 ? -1.408  -5.811  -13.493 1.00 55.51 ? 161 LEU A CD2 1 
HETATM 1422 CL CL  . CL  B 2 .   ? -12.190 2.677   -1.895  1.00 40.46 ? 163 CL  A CL  1 
HETATM 1423 C  CAC . FLC C 3 .   ? 1.540   -3.565  6.691   1.00 51.42 ? 164 FLC A CAC 1 
HETATM 1424 C  CA  . FLC C 3 .   ? 1.825   -4.918  6.059   1.00 50.22 ? 164 FLC A CA  1 
HETATM 1425 C  CB  . FLC C 3 .   ? 3.053   -4.870  5.141   1.00 51.84 ? 164 FLC A CB  1 
HETATM 1426 C  CBC . FLC C 3 .   ? 2.870   -3.721  4.154   1.00 49.90 ? 164 FLC A CBC 1 
HETATM 1427 C  CG  . FLC C 3 .   ? 3.145   -6.216  4.428   1.00 46.53 ? 164 FLC A CG  1 
HETATM 1428 C  CGC . FLC C 3 .   ? 4.411   -6.468  3.619   1.00 51.72 ? 164 FLC A CGC 1 
HETATM 1429 O  OA1 . FLC C 3 .   ? 0.457   -3.362  7.329   1.00 48.80 ? 164 FLC A OA1 1 
HETATM 1430 O  OA2 . FLC C 3 .   ? 2.414   -2.682  6.544   1.00 49.31 ? 164 FLC A OA2 1 
HETATM 1431 O  OB1 . FLC C 3 .   ? 3.755   -2.855  4.019   1.00 51.40 ? 164 FLC A OB1 1 
HETATM 1432 O  OB2 . FLC C 3 .   ? 1.804   -3.656  3.519   1.00 41.64 ? 164 FLC A OB2 1 
HETATM 1433 O  OG1 . FLC C 3 .   ? 5.481   -6.091  4.130   1.00 54.99 ? 164 FLC A OG1 1 
HETATM 1434 O  OG2 . FLC C 3 .   ? 4.373   -7.054  2.486   1.00 45.16 ? 164 FLC A OG2 1 
HETATM 1435 O  OHB . FLC C 3 .   ? 4.242   -4.640  5.905   1.00 46.42 ? 164 FLC A OHB 1 
HETATM 1436 O  O   . HOH D 4 .   ? -2.632  11.573  9.489   1.00 26.83 ? 165 HOH A O   1 
HETATM 1437 O  O   . HOH D 4 .   ? 12.105  -9.809  1.810   1.00 28.28 ? 166 HOH A O   1 
HETATM 1438 O  O   . HOH D 4 .   ? 10.778  8.664   4.668   1.00 28.38 ? 167 HOH A O   1 
HETATM 1439 O  O   . HOH D 4 .   ? -15.597 8.030   0.725   1.00 29.88 ? 168 HOH A O   1 
HETATM 1440 O  O   . HOH D 4 .   ? -0.287  8.211   15.926  1.00 31.59 ? 169 HOH A O   1 
HETATM 1441 O  O   . HOH D 4 .   ? 17.194  -12.950 -1.990  1.00 31.65 ? 170 HOH A O   1 
HETATM 1442 O  O   . HOH D 4 .   ? 8.058   -7.860  4.243   1.00 32.15 ? 171 HOH A O   1 
HETATM 1443 O  O   . HOH D 4 .   ? -2.548  7.325   14.890  1.00 32.32 ? 172 HOH A O   1 
HETATM 1444 O  O   . HOH D 4 .   ? -2.209  13.284  12.025  1.00 32.36 ? 173 HOH A O   1 
HETATM 1445 O  O   . HOH D 4 .   ? -7.081  -1.006  9.332   1.00 33.89 ? 174 HOH A O   1 
HETATM 1446 O  O   . HOH D 4 .   ? 5.499   14.889  0.824   1.00 34.30 ? 175 HOH A O   1 
HETATM 1447 O  O   . HOH D 4 .   ? 15.553  8.014   2.070   1.00 35.10 ? 176 HOH A O   1 
HETATM 1448 O  O   . HOH D 4 .   ? -22.027 3.306   -0.658  1.00 35.25 ? 177 HOH A O   1 
HETATM 1449 O  O   . HOH D 4 .   ? 11.565  -0.677  -5.059  1.00 36.44 ? 178 HOH A O   1 
HETATM 1450 O  O   . HOH D 4 .   ? -2.613  -2.624  18.308  1.00 37.04 ? 179 HOH A O   1 
HETATM 1451 O  O   . HOH D 4 .   ? -4.831  9.965   13.088  1.00 38.86 ? 180 HOH A O   1 
HETATM 1452 O  O   . HOH D 4 .   ? 13.281  -8.738  -1.098  1.00 39.24 ? 181 HOH A O   1 
HETATM 1453 O  O   . HOH D 4 .   ? -6.872  1.050   5.115   1.00 39.36 ? 182 HOH A O   1 
HETATM 1454 O  O   . HOH D 4 .   ? 13.040  9.591   2.137   1.00 39.63 ? 183 HOH A O   1 
HETATM 1455 O  O   . HOH D 4 .   ? -3.759  13.708  8.126   1.00 39.71 ? 184 HOH A O   1 
HETATM 1456 O  O   . HOH D 4 .   ? 1.996   -6.458  0.903   1.00 41.32 ? 185 HOH A O   1 
HETATM 1457 O  O   . HOH D 4 .   ? 0.049   2.219   18.656  1.00 41.45 ? 186 HOH A O   1 
HETATM 1458 O  O   . HOH D 4 .   ? -1.655  8.754   18.297  1.00 41.85 ? 187 HOH A O   1 
HETATM 1459 O  O   . HOH D 4 .   ? 10.693  -12.753 -7.490  1.00 42.07 ? 188 HOH A O   1 
HETATM 1460 O  O   . HOH D 4 .   ? 4.619   -4.027  8.516   1.00 42.08 ? 189 HOH A O   1 
HETATM 1461 O  O   . HOH D 4 .   ? -18.752 1.862   -1.862  1.00 42.15 ? 190 HOH A O   1 
HETATM 1462 O  O   . HOH D 4 .   ? -21.201 8.484   -4.122  1.00 42.34 ? 191 HOH A O   1 
HETATM 1463 O  O   . HOH D 4 .   ? -19.230 7.923   2.734   1.00 42.62 ? 192 HOH A O   1 
HETATM 1464 O  O   . HOH D 4 .   ? -10.696 -11.677 -7.507  1.00 42.68 ? 193 HOH A O   1 
HETATM 1465 O  O   . HOH D 4 .   ? 10.958  14.180  6.815   1.00 43.33 ? 194 HOH A O   1 
HETATM 1466 O  O   . HOH D 4 .   ? 6.446   18.492  0.259   1.00 43.42 ? 195 HOH A O   1 
HETATM 1467 O  O   . HOH D 4 .   ? -4.415  18.358  -0.899  1.00 43.87 ? 196 HOH A O   1 
HETATM 1468 O  O   . HOH D 4 .   ? 14.347  -15.818 -3.711  1.00 44.33 ? 197 HOH A O   1 
HETATM 1469 O  O   . HOH D 4 .   ? 13.554  10.105  8.244   1.00 44.89 ? 198 HOH A O   1 
HETATM 1470 O  O   . HOH D 4 .   ? 9.725   12.787  -5.034  1.00 45.38 ? 199 HOH A O   1 
HETATM 1471 O  O   . HOH D 4 .   ? 14.771  4.451   -9.182  1.00 45.48 ? 200 HOH A O   1 
HETATM 1472 O  O   . HOH D 4 .   ? -9.107  13.807  7.566   1.00 45.59 ? 201 HOH A O   1 
HETATM 1473 O  O   . HOH D 4 .   ? 15.009  -2.600  -7.305  1.00 46.24 ? 202 HOH A O   1 
HETATM 1474 O  O   . HOH D 4 .   ? -14.142 0.800   6.138   1.00 46.76 ? 203 HOH A O   1 
HETATM 1475 O  O   . HOH D 4 .   ? 11.307  5.018   -8.967  1.00 46.91 ? 204 HOH A O   1 
HETATM 1476 O  O   . HOH D 4 .   ? 14.046  -0.800  5.996   1.00 47.32 ? 205 HOH A O   1 
HETATM 1477 O  O   . HOH D 4 .   ? 4.780   14.974  -1.772  1.00 47.33 ? 206 HOH A O   1 
HETATM 1478 O  O   . HOH D 4 .   ? 9.878   0.907   -11.975 1.00 47.55 ? 207 HOH A O   1 
HETATM 1479 O  O   . HOH D 4 .   ? 12.193  13.559  -1.327  1.00 47.55 ? 208 HOH A O   1 
HETATM 1480 O  O   . HOH D 4 .   ? 10.364  -16.135 -0.282  1.00 47.85 ? 209 HOH A O   1 
HETATM 1481 O  O   . HOH D 4 .   ? -5.808  -0.899  6.854   1.00 48.03 ? 210 HOH A O   1 
HETATM 1482 O  O   . HOH D 4 .   ? -19.301 4.009   1.378   1.00 49.14 ? 211 HOH A O   1 
HETATM 1483 O  O   . HOH D 4 .   ? 13.573  -2.628  -4.541  1.00 49.25 ? 212 HOH A O   1 
HETATM 1484 O  O   . HOH D 4 .   ? -4.181  13.947  -8.086  1.00 49.45 ? 213 HOH A O   1 
HETATM 1485 O  O   . HOH D 4 .   ? -18.569 7.406   -5.910  1.00 49.77 ? 214 HOH A O   1 
HETATM 1486 O  O   . HOH D 4 .   ? 11.185  11.675  4.473   1.00 49.84 ? 215 HOH A O   1 
HETATM 1487 O  O   . HOH D 4 .   ? -4.832  8.395   15.551  1.00 49.93 ? 216 HOH A O   1 
HETATM 1488 O  O   . HOH D 4 .   ? -1.395  -4.623  7.447   1.00 50.25 ? 217 HOH A O   1 
HETATM 1489 O  O   . HOH D 4 .   ? 18.701  3.341   -2.352  1.00 50.36 ? 218 HOH A O   1 
HETATM 1490 O  O   . HOH D 4 .   ? 11.830  -2.971  -13.313 1.00 50.54 ? 219 HOH A O   1 
HETATM 1491 O  O   . HOH D 4 .   ? -13.251 2.224   11.123  1.00 50.70 ? 220 HOH A O   1 
HETATM 1492 O  O   . HOH D 4 .   ? 2.114   6.837   16.967  1.00 50.70 ? 221 HOH A O   1 
HETATM 1493 O  O   . HOH D 4 .   ? 1.030   4.193   -17.663 1.00 51.06 ? 222 HOH A O   1 
HETATM 1494 O  O   . HOH D 4 .   ? 7.515   -10.522 10.846  1.00 51.28 ? 223 HOH A O   1 
HETATM 1495 O  O   . HOH D 4 .   ? 11.495  -0.583  -13.753 1.00 52.19 ? 224 HOH A O   1 
HETATM 1496 O  O   . HOH D 4 .   ? 16.531  8.479   5.668   1.00 52.25 ? 225 HOH A O   1 
HETATM 1497 O  O   . HOH D 4 .   ? -5.299  -5.664  4.067   1.00 52.54 ? 226 HOH A O   1 
HETATM 1498 O  O   . HOH D 4 .   ? -7.618  16.882  5.636   1.00 52.80 ? 227 HOH A O   1 
HETATM 1499 O  O   . HOH D 4 .   ? -7.974  1.035   1.805   1.00 52.81 ? 228 HOH A O   1 
HETATM 1500 O  O   . HOH D 4 .   ? 7.086   -15.021 2.981   1.00 53.01 ? 229 HOH A O   1 
HETATM 1501 O  O   . HOH D 4 .   ? -10.915 0.579   0.643   1.00 53.43 ? 230 HOH A O   1 
HETATM 1502 O  O   . HOH D 4 .   ? -20.032 5.054   -10.424 1.00 53.83 ? 231 HOH A O   1 
HETATM 1503 O  O   . HOH D 4 .   ? 14.788  -9.163  -13.303 1.00 54.00 ? 232 HOH A O   1 
HETATM 1504 O  O   . HOH D 4 .   ? -6.154  14.452  8.781   1.00 54.47 ? 233 HOH A O   1 
HETATM 1505 O  O   . HOH D 4 .   ? 11.032  3.133   -12.287 1.00 54.71 ? 234 HOH A O   1 
HETATM 1506 O  O   . HOH D 4 .   ? -4.868  2.489   -13.555 1.00 54.80 ? 235 HOH A O   1 
HETATM 1507 O  O   . HOH D 4 .   ? 12.446  16.024  5.733   1.00 54.82 ? 236 HOH A O   1 
HETATM 1508 O  O   . HOH D 4 .   ? -5.440  -11.141 11.160  1.00 54.94 ? 237 HOH A O   1 
HETATM 1509 O  O   . HOH D 4 .   ? -5.759  7.620   -9.369  1.00 55.49 ? 238 HOH A O   1 
HETATM 1510 O  O   . HOH D 4 .   ? -5.757  -8.684  -13.171 1.00 55.74 ? 239 HOH A O   1 
HETATM 1511 O  O   . HOH D 4 .   ? 17.623  1.916   -9.327  1.00 56.11 ? 240 HOH A O   1 
HETATM 1512 O  O   . HOH D 4 .   ? 16.946  -1.121  -8.697  1.00 56.27 ? 241 HOH A O   1 
HETATM 1513 O  O   . HOH D 4 .   ? -0.644  18.529  10.429  1.00 56.73 ? 242 HOH A O   1 
HETATM 1514 O  O   . HOH D 4 .   ? 15.676  -9.081  -2.752  1.00 56.80 ? 243 HOH A O   1 
HETATM 1515 O  O   . HOH D 4 .   ? 18.467  5.132   4.110   1.00 57.33 ? 244 HOH A O   1 
HETATM 1516 O  O   . HOH D 4 .   ? 13.843  -4.867  0.344   1.00 58.64 ? 245 HOH A O   1 
HETATM 1517 O  O   . HOH D 4 .   ? 1.363   -15.755 5.060   1.00 59.19 ? 246 HOH A O   1 
HETATM 1518 O  O   . HOH D 4 .   ? 0.295   -0.760  19.474  1.00 59.83 ? 247 HOH A O   1 
HETATM 1519 O  O   . HOH D 4 .   ? 3.334   12.916  -8.209  1.00 59.92 ? 248 HOH A O   1 
HETATM 1520 O  O   . HOH D 4 .   ? 2.930   -4.770  -17.827 1.00 61.08 ? 249 HOH A O   1 
HETATM 1521 O  O   . HOH D 4 .   ? 17.144  1.790   2.331   1.00 61.28 ? 250 HOH A O   1 
HETATM 1522 O  O   . HOH D 4 .   ? -3.914  -3.121  8.286   1.00 61.66 ? 251 HOH A O   1 
HETATM 1523 O  O   . HOH D 4 .   ? 2.307   19.041  -0.883  1.00 61.93 ? 252 HOH A O   1 
HETATM 1524 O  O   . HOH D 4 .   ? -15.493 1.740   -7.979  1.00 62.90 ? 253 HOH A O   1 
HETATM 1525 O  O   . HOH D 4 .   ? 5.244   -5.980  17.556  1.00 63.01 ? 254 HOH A O   1 
HETATM 1526 O  O   . HOH D 4 .   ? -2.277  -10.633 10.813  1.00 63.27 ? 255 HOH A O   1 
HETATM 1527 O  O   . HOH D 4 .   ? 11.721  11.877  -3.546  1.00 63.45 ? 256 HOH A O   1 
# 
